data_7STM
#
_entry.id   7STM
#
_cell.length_a   1.00
_cell.length_b   1.00
_cell.length_c   1.00
_cell.angle_alpha   90.00
_cell.angle_beta   90.00
_cell.angle_gamma   90.00
#
_symmetry.space_group_name_H-M   'P 1'
#
loop_
_entity.id
_entity.type
_entity.pdbx_description
1 polymer 'Chitin synthase'
2 non-polymer 1,2-Distearoyl-sn-glycerophosphoethanolamine
3 non-polymer 'MAGNESIUM ION'
4 non-polymer URIDINE-DIPHOSPHATE-N-ACETYLGLUCOSAMINE
#
_entity_poly.entity_id   1
_entity_poly.type   'polypeptide(L)'
_entity_poly.pdbx_seq_one_letter_code
;MSYNNPNNSNSHLRPHAYNNSRRDDSDGDESSIEFLNQRSNTPLTQGTYNYHNTSTNSLNFQQPEPIYRNQTRTSLSDSY
YDHPIFDTSQTQIQPPHDNPFTESYEMTDTSYQGNDHHYRTGQPNHLMNPTYNQAFIPHVYDEEDNDEQEYDQRIQYNQF
QGDHFDLAAISYADDESQSQLDYVPTERVIPEGEEEEEEGETSFEKEPGSETISGPFGEERSFEEPPPQQEVRSKKLTRA
TGLNGHLVLDCPVADELLSKFPDYNPAEKSGGLSREFAFMRYTAVTCGPSNFYRDAYILRPVHYPIPRQTELMIVITMYN
EDDILLGRTLKGVFKNIKYLESKARSSTWGKDSWKKIVVCIVSDGRTKINERAQALLAGLGVYQEGLAKSRVDDKKVQAH
MFEYTTRVGISKVTDDVVKLTTEKVVPVQMLFCLKETNAKKINSHRWCFQAIGQVLDPKIVVLLDCGTQPSGRSLYELWK
EFDRDHRVAGACGEITTSLKKRQMITNPLVYGQNFEYKISNILDKPTESSFGFISVLPGAFSAYRFIALQNDINGVGPLE
KYFKGEFLHSSGELDPNDDEFQMKHLMLKEEAGIFTSNMYLAEDRILCFELVAKRGCNWLLRYCKSARAETDVPEGLAEF
ILQRRRWLNGSFFAAIYSLVHFYKVWTSSHSFGRKIFLHIEFFYQLINLIVSWFSIGSYFLVFRILTTSLGDKALGFAPG
KILSVIFLWLYLASIVTTFVLSFGNKPKGTEKFYVTIVIFFAILMAYMIFAAIFMAVHSIQDIYRSGTRITVSLFFQNSE
FRDLVVATSSTYALYFLASFLYFEPWHMFTSFVQYILLSPSYVNVLNIYAFCNIDDISWGTKGEVGGKSLGEAKLREDGT
FDVSVPISKEQINQSYLDQLEKIRDPAPPEEKVLVTNTEDYYAFIRSMTVLVWMFTNFVVIALVLETGGFNQFVEATDLA
NLKSNRAAVFLTVILWTVAFMALFRFIGCIYYLITRLGREIKASEHATKANSLEVLFQGPDYKDDDDKAHHHHHHHHHH
;
_entity_poly.pdbx_strand_id   A,B
#
loop_
_chem_comp.id
_chem_comp.type
_chem_comp.name
_chem_comp.formula
3PE non-polymer 1,2-Distearoyl-sn-glycerophosphoethanolamine 'C41 H82 N O8 P'
MG non-polymer 'MAGNESIUM ION' 'Mg 2'
UD1 non-polymer URIDINE-DIPHOSPHATE-N-ACETYLGLUCOSAMINE 'C17 H27 N3 O17 P2'
#
# COMPACT_ATOMS: atom_id res chain seq x y z
N GLN A 134 -1.32 -48.00 -8.90
CA GLN A 134 -1.26 -48.87 -7.73
C GLN A 134 -0.99 -48.07 -6.47
N ALA A 135 -2.06 -47.53 -5.88
CA ALA A 135 -1.91 -46.73 -4.66
C ALA A 135 -1.33 -47.55 -3.53
N PHE A 136 -1.78 -48.79 -3.38
CA PHE A 136 -1.34 -49.68 -2.31
C PHE A 136 -0.29 -50.63 -2.83
N ILE A 137 0.82 -50.75 -2.10
CA ILE A 137 1.92 -51.63 -2.48
C ILE A 137 2.38 -52.38 -1.24
N PRO A 138 3.04 -53.52 -1.43
CA PRO A 138 3.54 -54.28 -0.28
C PRO A 138 4.56 -53.46 0.51
N HIS A 139 4.52 -53.62 1.83
CA HIS A 139 5.39 -52.85 2.70
C HIS A 139 6.85 -53.19 2.43
N VAL A 140 7.68 -52.17 2.31
CA VAL A 140 9.11 -52.31 2.07
C VAL A 140 9.86 -51.45 3.07
N TYR A 141 10.89 -52.01 3.69
CA TYR A 141 11.70 -51.31 4.68
C TYR A 141 13.00 -50.85 4.05
N ASP A 142 13.34 -49.58 4.27
CA ASP A 142 14.56 -49.01 3.72
C ASP A 142 15.75 -49.38 4.61
N GLU A 143 16.93 -48.85 4.25
CA GLU A 143 18.13 -49.13 5.04
C GLU A 143 17.99 -48.61 6.46
N GLU A 144 17.37 -47.44 6.62
CA GLU A 144 17.23 -46.82 7.93
C GLU A 144 16.00 -47.30 8.69
N ASP A 145 15.23 -48.24 8.13
CA ASP A 145 14.01 -48.74 8.74
C ASP A 145 14.25 -49.99 9.58
N ASN A 146 15.50 -50.28 9.93
CA ASN A 146 15.78 -51.42 10.79
C ASN A 146 15.14 -51.25 12.17
N ASP A 147 15.17 -50.02 12.70
CA ASP A 147 14.51 -49.75 13.96
C ASP A 147 13.00 -49.97 13.83
N GLU A 148 12.42 -49.56 12.70
CA GLU A 148 11.00 -49.83 12.47
C GLU A 148 10.74 -51.34 12.44
N GLN A 149 11.64 -52.10 11.81
CA GLN A 149 11.48 -53.55 11.79
C GLN A 149 11.49 -54.12 13.21
N GLU A 150 12.42 -53.65 14.04
CA GLU A 150 12.46 -54.11 15.43
C GLU A 150 11.16 -53.76 16.15
N TYR A 151 10.67 -52.53 15.96
CA TYR A 151 9.39 -52.15 16.56
C TYR A 151 8.30 -53.12 16.13
N ASP A 152 8.27 -53.47 14.84
CA ASP A 152 7.26 -54.41 14.36
C ASP A 152 7.43 -55.77 15.01
N GLN A 153 8.68 -56.21 15.24
CA GLN A 153 8.89 -57.48 15.91
C GLN A 153 8.33 -57.45 17.32
N ARG A 154 8.43 -56.30 17.99
CA ARG A 154 7.94 -56.22 19.37
C ARG A 154 6.41 -56.14 19.46
N ILE A 155 5.73 -55.80 18.36
CA ILE A 155 4.28 -55.61 18.37
C ILE A 155 3.59 -56.85 17.82
N GLN A 156 2.47 -57.22 18.43
CA GLN A 156 1.75 -58.43 18.04
C GLN A 156 1.02 -58.25 16.71
N TYR A 157 0.34 -57.12 16.53
CA TYR A 157 -0.42 -56.80 15.33
C TYR A 157 -1.66 -57.68 15.14
N ASN A 158 -2.14 -58.34 16.19
CA ASN A 158 -3.33 -59.20 16.08
C ASN A 158 -4.44 -58.83 17.07
N GLN A 159 -4.25 -57.83 17.91
CA GLN A 159 -5.22 -57.47 18.94
C GLN A 159 -5.65 -56.03 18.79
N PHE A 160 -5.90 -55.58 17.55
CA PHE A 160 -6.38 -54.23 17.30
C PHE A 160 -7.90 -54.24 17.36
N GLN A 161 -8.41 -54.27 18.59
CA GLN A 161 -9.84 -54.34 18.86
C GLN A 161 -10.32 -52.98 19.37
N GLY A 162 -11.28 -52.39 18.66
CA GLY A 162 -11.82 -51.12 19.06
C GLY A 162 -12.95 -51.25 20.07
N ASP A 163 -13.21 -50.16 20.78
CA ASP A 163 -14.26 -50.12 21.78
C ASP A 163 -15.60 -49.79 21.13
N HIS A 164 -16.64 -50.53 21.51
CA HIS A 164 -17.97 -50.27 20.98
C HIS A 164 -18.51 -48.94 21.48
N PHE A 165 -19.13 -48.19 20.58
CA PHE A 165 -19.76 -46.91 20.92
C PHE A 165 -21.05 -46.77 20.13
N ASP A 166 -21.94 -45.94 20.65
CA ASP A 166 -23.24 -45.72 20.02
C ASP A 166 -23.10 -44.84 18.79
N LEU A 167 -23.79 -45.22 17.72
CA LEU A 167 -23.79 -44.48 16.49
C LEU A 167 -24.98 -43.51 16.43
N ALA A 168 -24.99 -42.68 15.40
CA ALA A 168 -26.06 -41.70 15.16
C ALA A 168 -26.75 -42.06 13.86
N ALA A 169 -28.08 -42.19 13.91
CA ALA A 169 -28.86 -42.54 12.73
C ALA A 169 -28.69 -41.49 11.63
N THR A 238 -33.10 -37.83 3.61
CA THR A 238 -32.66 -38.67 4.73
C THR A 238 -32.73 -37.89 6.03
N ARG A 239 -33.17 -38.55 7.09
CA ARG A 239 -33.29 -37.94 8.41
C ARG A 239 -32.24 -38.54 9.33
N ALA A 240 -31.50 -37.68 10.02
CA ALA A 240 -30.43 -38.09 10.92
C ALA A 240 -30.68 -37.51 12.30
N THR A 241 -30.46 -38.33 13.33
CA THR A 241 -30.67 -37.91 14.73
C THR A 241 -29.36 -37.34 15.25
N GLY A 242 -29.14 -36.06 14.96
CA GLY A 242 -27.94 -35.39 15.45
C GLY A 242 -27.92 -35.35 16.97
N LEU A 243 -26.74 -35.59 17.54
CA LEU A 243 -26.59 -35.60 18.99
C LEU A 243 -26.62 -34.18 19.53
N ASN A 244 -27.41 -33.96 20.59
CA ASN A 244 -27.47 -32.69 21.30
C ASN A 244 -27.83 -31.54 20.36
N GLY A 245 -28.63 -31.83 19.33
CA GLY A 245 -29.05 -30.80 18.41
C GLY A 245 -27.98 -30.35 17.43
N HIS A 246 -26.85 -31.03 17.39
CA HIS A 246 -25.78 -30.73 16.44
C HIS A 246 -25.80 -31.72 15.29
N LEU A 247 -25.33 -31.26 14.13
CA LEU A 247 -25.33 -32.08 12.91
C LEU A 247 -24.17 -33.06 13.01
N VAL A 248 -24.49 -34.33 13.26
CA VAL A 248 -23.50 -35.38 13.39
C VAL A 248 -23.92 -36.55 12.51
N LEU A 249 -23.00 -37.08 11.71
CA LEU A 249 -23.27 -38.17 10.80
C LEU A 249 -22.19 -39.23 10.95
N ASP A 250 -22.62 -40.48 11.12
CA ASP A 250 -21.71 -41.63 11.17
C ASP A 250 -21.89 -42.39 9.87
N CYS A 251 -21.07 -42.07 8.88
CA CYS A 251 -21.18 -42.71 7.59
C CYS A 251 -20.26 -43.92 7.51
N PRO A 252 -20.59 -44.90 6.68
CA PRO A 252 -19.70 -46.05 6.50
C PRO A 252 -18.56 -45.74 5.55
N VAL A 253 -17.43 -46.37 5.82
CA VAL A 253 -16.24 -46.14 5.00
C VAL A 253 -16.29 -47.03 3.76
N ALA A 254 -15.48 -46.67 2.77
CA ALA A 254 -15.48 -47.39 1.50
C ALA A 254 -15.20 -48.88 1.71
N ASP A 255 -15.91 -49.72 0.96
CA ASP A 255 -15.77 -51.16 1.13
C ASP A 255 -14.37 -51.64 0.81
N GLU A 256 -13.70 -51.04 -0.17
CA GLU A 256 -12.35 -51.45 -0.51
C GLU A 256 -11.39 -51.19 0.65
N LEU A 257 -11.51 -50.02 1.28
CA LEU A 257 -10.64 -49.71 2.40
C LEU A 257 -10.81 -50.71 3.54
N LEU A 258 -12.05 -51.08 3.85
CA LEU A 258 -12.28 -52.11 4.85
C LEU A 258 -11.70 -53.44 4.41
N SER A 259 -11.88 -53.80 3.13
CA SER A 259 -11.36 -55.07 2.64
C SER A 259 -9.85 -55.14 2.78
N LYS A 260 -9.17 -54.00 2.70
CA LYS A 260 -7.73 -53.99 2.91
C LYS A 260 -7.37 -54.42 4.34
N PHE A 261 -8.17 -54.02 5.32
CA PHE A 261 -7.80 -54.28 6.71
C PHE A 261 -7.71 -55.78 6.97
N PRO A 262 -6.74 -56.22 7.77
CA PRO A 262 -6.62 -57.68 8.00
C PRO A 262 -7.85 -58.32 8.62
N ASP A 263 -8.52 -57.61 9.52
CA ASP A 263 -9.65 -58.19 10.26
C ASP A 263 -10.88 -58.40 9.37
N TYR A 264 -10.90 -57.87 8.16
CA TYR A 264 -12.07 -58.01 7.31
C TYR A 264 -12.35 -59.47 7.01
N ASN A 265 -13.63 -59.84 7.08
CA ASN A 265 -14.09 -61.18 6.75
C ASN A 265 -15.19 -61.09 5.71
N PRO A 266 -15.08 -61.81 4.59
CA PRO A 266 -16.15 -61.73 3.58
C PRO A 266 -17.48 -62.26 4.07
N ALA A 267 -17.47 -63.27 4.95
CA ALA A 267 -18.72 -63.90 5.37
C ALA A 267 -19.62 -62.92 6.11
N GLU A 268 -19.05 -62.13 7.02
CA GLU A 268 -19.84 -61.19 7.81
C GLU A 268 -20.04 -59.90 7.03
N LYS A 269 -21.29 -59.41 7.01
CA LYS A 269 -21.58 -58.18 6.29
C LYS A 269 -20.81 -57.01 6.88
N SER A 270 -20.74 -56.92 8.20
CA SER A 270 -19.97 -55.86 8.84
C SER A 270 -18.48 -56.02 8.55
N GLY A 271 -18.01 -57.25 8.43
CA GLY A 271 -16.60 -57.54 8.24
C GLY A 271 -15.86 -57.91 9.50
N GLY A 272 -16.54 -57.94 10.65
CA GLY A 272 -15.89 -58.25 11.90
C GLY A 272 -15.13 -57.09 12.52
N LEU A 273 -15.22 -55.90 11.92
CA LEU A 273 -14.50 -54.74 12.42
C LEU A 273 -15.32 -54.02 13.47
N SER A 274 -14.63 -53.33 14.38
CA SER A 274 -15.30 -52.61 15.44
C SER A 274 -16.03 -51.40 14.89
N ARG A 275 -16.89 -50.81 15.72
CA ARG A 275 -17.67 -49.66 15.29
C ARG A 275 -16.77 -48.51 14.88
N GLU A 276 -15.71 -48.25 15.65
CA GLU A 276 -14.84 -47.12 15.34
C GLU A 276 -14.09 -47.34 14.02
N PHE A 277 -13.70 -48.59 13.74
CA PHE A 277 -12.97 -48.87 12.51
C PHE A 277 -13.89 -48.94 11.29
N ALA A 278 -15.20 -49.06 11.49
CA ALA A 278 -16.13 -49.22 10.38
C ALA A 278 -16.74 -47.91 9.92
N PHE A 279 -16.97 -46.96 10.83
CA PHE A 279 -17.70 -45.74 10.52
C PHE A 279 -16.86 -44.51 10.81
N MET A 280 -16.91 -43.55 9.90
CA MET A 280 -16.26 -42.26 10.06
C MET A 280 -17.29 -41.21 10.43
N ARG A 281 -16.97 -40.37 11.40
CA ARG A 281 -17.90 -39.43 11.98
C ARG A 281 -17.63 -38.03 11.46
N TYR A 282 -18.69 -37.30 11.17
CA TYR A 282 -18.62 -35.92 10.69
C TYR A 282 -19.43 -35.02 11.60
N THR A 283 -18.85 -33.90 11.98
CA THR A 283 -19.52 -32.91 12.82
C THR A 283 -19.35 -31.53 12.19
N ALA A 284 -20.42 -30.75 12.19
CA ALA A 284 -20.41 -29.39 11.69
C ALA A 284 -20.44 -28.45 12.88
N VAL A 285 -19.43 -27.61 13.01
CA VAL A 285 -19.27 -26.71 14.15
C VAL A 285 -19.64 -25.31 13.69
N THR A 286 -20.60 -24.70 14.37
CA THR A 286 -21.07 -23.37 14.04
C THR A 286 -20.66 -22.29 15.03
N CYS A 287 -20.45 -22.65 16.29
CA CYS A 287 -20.22 -21.63 17.32
C CYS A 287 -18.88 -20.93 17.13
N GLY A 288 -17.81 -21.69 16.98
CA GLY A 288 -16.48 -21.12 16.95
C GLY A 288 -15.70 -21.44 18.21
N PRO A 289 -14.41 -21.13 18.22
CA PRO A 289 -13.55 -21.60 19.32
C PRO A 289 -14.03 -21.19 20.70
N SER A 290 -14.52 -19.96 20.86
CA SER A 290 -14.80 -19.46 22.21
C SER A 290 -15.87 -20.30 22.91
N ASN A 291 -16.92 -20.68 22.18
CA ASN A 291 -18.07 -21.35 22.76
C ASN A 291 -18.10 -22.85 22.47
N PHE A 292 -17.02 -23.41 21.92
CA PHE A 292 -17.04 -24.83 21.55
C PHE A 292 -17.29 -25.70 22.77
N TYR A 293 -16.64 -25.40 23.89
CA TYR A 293 -16.82 -26.21 25.09
C TYR A 293 -18.17 -25.92 25.73
N ARG A 294 -18.62 -24.66 25.71
CA ARG A 294 -19.89 -24.33 26.33
C ARG A 294 -21.04 -25.08 25.67
N ASP A 295 -21.06 -25.12 24.35
CA ASP A 295 -22.03 -25.94 23.64
C ASP A 295 -21.70 -27.42 23.85
N ALA A 296 -22.70 -28.26 23.62
CA ALA A 296 -22.57 -29.70 23.86
C ALA A 296 -21.93 -30.39 22.65
N TYR A 297 -20.72 -29.93 22.32
CA TYR A 297 -19.94 -30.53 21.25
C TYR A 297 -19.07 -31.63 21.85
N ILE A 298 -19.31 -32.87 21.42
CA ILE A 298 -18.64 -34.05 21.97
C ILE A 298 -17.79 -34.69 20.89
N LEU A 299 -16.52 -34.89 21.19
CA LEU A 299 -15.61 -35.59 20.29
C LEU A 299 -15.63 -37.08 20.61
N ARG A 300 -15.36 -37.90 19.59
CA ARG A 300 -15.49 -39.34 19.76
C ARG A 300 -14.61 -39.91 20.86
N PRO A 301 -13.35 -39.50 21.02
CA PRO A 301 -12.52 -40.12 22.07
C PRO A 301 -13.12 -40.05 23.45
N VAL A 302 -13.88 -38.99 23.77
CA VAL A 302 -14.51 -38.87 25.09
C VAL A 302 -15.92 -39.41 25.10
N HIS A 303 -16.46 -39.86 23.97
CA HIS A 303 -17.83 -40.32 23.88
C HIS A 303 -17.99 -41.81 24.17
N TYR A 304 -16.90 -42.53 24.38
CA TYR A 304 -17.00 -43.96 24.63
C TYR A 304 -17.69 -44.22 25.98
N PRO A 305 -18.28 -45.41 26.15
CA PRO A 305 -18.84 -45.73 27.47
C PRO A 305 -17.82 -45.60 28.59
N ILE A 306 -16.58 -45.98 28.32
CA ILE A 306 -15.46 -45.77 29.24
C ILE A 306 -14.63 -44.63 28.69
N PRO A 307 -14.66 -43.44 29.30
CA PRO A 307 -13.94 -42.30 28.71
C PRO A 307 -12.46 -42.59 28.56
N ARG A 308 -11.87 -42.08 27.48
CA ARG A 308 -10.45 -42.22 27.20
C ARG A 308 -9.74 -40.93 27.59
N GLN A 309 -8.67 -41.06 28.36
CA GLN A 309 -7.88 -39.91 28.79
C GLN A 309 -6.70 -39.76 27.84
N THR A 310 -6.58 -38.56 27.26
CA THR A 310 -5.54 -38.30 26.28
C THR A 310 -4.23 -38.00 26.96
N GLU A 311 -3.15 -38.60 26.45
CA GLU A 311 -1.81 -38.40 26.99
C GLU A 311 -0.94 -37.54 26.10
N LEU A 312 -1.26 -37.42 24.80
CA LEU A 312 -0.39 -36.71 23.87
C LEU A 312 -1.23 -36.27 22.68
N MET A 313 -1.41 -34.97 22.52
CA MET A 313 -2.16 -34.40 21.40
C MET A 313 -1.15 -33.79 20.42
N ILE A 314 -1.08 -34.35 19.22
CA ILE A 314 -0.12 -33.93 18.21
C ILE A 314 -0.86 -33.06 17.21
N VAL A 315 -0.63 -31.75 17.28
CA VAL A 315 -1.30 -30.80 16.40
C VAL A 315 -0.44 -30.58 15.16
N ILE A 316 -1.09 -30.64 13.99
CA ILE A 316 -0.44 -30.38 12.70
C ILE A 316 -1.18 -29.25 12.03
N THR A 317 -0.44 -28.23 11.60
CA THR A 317 -1.02 -27.07 10.94
C THR A 317 -0.75 -27.15 9.45
N MET A 318 -1.79 -26.93 8.65
CA MET A 318 -1.70 -27.09 7.20
C MET A 318 -2.38 -25.93 6.51
N TYR A 319 -1.83 -25.57 5.34
CA TYR A 319 -2.41 -24.50 4.52
C TYR A 319 -1.86 -24.66 3.11
N ASN A 320 -2.72 -25.09 2.19
CA ASN A 320 -2.36 -25.30 0.78
C ASN A 320 -1.01 -25.99 0.59
N GLU A 321 -0.68 -26.94 1.47
CA GLU A 321 0.57 -27.66 1.35
C GLU A 321 0.41 -28.85 0.40
N ASP A 322 1.47 -29.17 -0.32
CA ASP A 322 1.45 -30.30 -1.23
C ASP A 322 1.25 -31.59 -0.43
N ASP A 323 0.79 -32.62 -1.13
CA ASP A 323 0.57 -33.91 -0.47
C ASP A 323 1.87 -34.54 0.01
N ILE A 324 3.00 -34.18 -0.60
CA ILE A 324 4.28 -34.77 -0.19
C ILE A 324 4.63 -34.35 1.25
N LEU A 325 4.45 -33.07 1.56
CA LEU A 325 4.80 -32.59 2.89
C LEU A 325 3.92 -33.24 3.95
N LEU A 326 2.61 -33.31 3.69
CA LEU A 326 1.71 -33.95 4.64
C LEU A 326 2.04 -35.43 4.77
N GLY A 327 2.39 -36.08 3.66
CA GLY A 327 2.78 -37.48 3.74
C GLY A 327 4.01 -37.70 4.60
N ARG A 328 5.01 -36.83 4.45
CA ARG A 328 6.21 -36.95 5.27
C ARG A 328 5.88 -36.78 6.74
N THR A 329 5.11 -35.75 7.07
CA THR A 329 4.78 -35.50 8.47
C THR A 329 4.00 -36.67 9.06
N LEU A 330 3.02 -37.19 8.31
CA LEU A 330 2.23 -38.31 8.80
C LEU A 330 3.08 -39.56 8.95
N LYS A 331 4.02 -39.79 8.03
CA LYS A 331 4.90 -40.94 8.17
C LYS A 331 5.73 -40.84 9.45
N GLY A 332 6.27 -39.66 9.72
CA GLY A 332 7.02 -39.49 10.95
C GLY A 332 6.18 -39.74 12.18
N VAL A 333 4.97 -39.17 12.21
CA VAL A 333 4.12 -39.33 13.38
C VAL A 333 3.73 -40.79 13.56
N PHE A 334 3.40 -41.48 12.47
CA PHE A 334 3.03 -42.89 12.57
C PHE A 334 4.19 -43.73 13.07
N LYS A 335 5.40 -43.45 12.59
CA LYS A 335 6.55 -44.19 13.07
C LYS A 335 6.75 -43.97 14.57
N ASN A 336 6.58 -42.73 15.03
CA ASN A 336 6.71 -42.46 16.46
C ASN A 336 5.66 -43.22 17.26
N ILE A 337 4.42 -43.26 16.77
CA ILE A 337 3.37 -43.97 17.48
C ILE A 337 3.67 -45.46 17.53
N LYS A 338 4.19 -46.01 16.43
CA LYS A 338 4.56 -47.42 16.42
C LYS A 338 5.65 -47.69 17.44
N TYR A 339 6.64 -46.79 17.53
CA TYR A 339 7.69 -46.97 18.54
C TYR A 339 7.10 -46.95 19.94
N LEU A 340 6.20 -46.00 20.20
CA LEU A 340 5.61 -45.92 21.54
C LEU A 340 4.81 -47.18 21.85
N GLU A 341 4.10 -47.71 20.87
CA GLU A 341 3.37 -48.96 21.08
C GLU A 341 4.33 -50.11 21.38
N SER A 342 5.44 -50.19 20.64
CA SER A 342 6.36 -51.31 20.81
C SER A 342 7.05 -51.30 22.17
N LYS A 343 7.18 -50.13 22.78
CA LYS A 343 7.85 -50.03 24.07
C LYS A 343 7.19 -50.98 25.06
N ALA A 344 8.00 -51.80 25.73
CA ALA A 344 7.49 -52.85 26.60
C ALA A 344 7.56 -52.47 28.07
N ARG A 345 8.75 -52.15 28.57
CA ARG A 345 8.96 -51.88 30.00
C ARG A 345 8.73 -50.40 30.30
N SER A 346 7.48 -49.96 30.10
CA SER A 346 7.09 -48.58 30.35
C SER A 346 5.78 -48.58 31.13
N SER A 347 5.73 -47.77 32.19
CA SER A 347 4.52 -47.69 32.99
C SER A 347 3.36 -47.08 32.19
N THR A 348 3.64 -46.04 31.41
CA THR A 348 2.59 -45.33 30.70
C THR A 348 2.35 -45.88 29.30
N TRP A 349 3.40 -46.28 28.61
CA TRP A 349 3.30 -46.74 27.23
C TRP A 349 3.35 -48.26 27.17
N GLY A 350 2.99 -48.79 26.00
CA GLY A 350 2.97 -50.23 25.79
C GLY A 350 1.75 -50.69 25.02
N LYS A 351 1.14 -51.77 25.47
CA LYS A 351 -0.07 -52.26 24.83
C LYS A 351 -1.17 -51.21 24.90
N ASP A 352 -1.88 -51.02 23.79
CA ASP A 352 -3.01 -50.09 23.73
C ASP A 352 -2.56 -48.67 24.02
N SER A 353 -1.34 -48.31 23.62
CA SER A 353 -0.88 -46.94 23.79
C SER A 353 -1.50 -46.00 22.78
N TRP A 354 -1.89 -46.52 21.61
CA TRP A 354 -2.48 -45.66 20.58
C TRP A 354 -3.78 -45.02 21.05
N LYS A 355 -4.42 -45.56 22.08
CA LYS A 355 -5.64 -44.96 22.61
C LYS A 355 -5.38 -43.65 23.33
N LYS A 356 -4.14 -43.41 23.76
CA LYS A 356 -3.79 -42.20 24.50
C LYS A 356 -3.25 -41.10 23.60
N ILE A 357 -3.20 -41.31 22.29
CA ILE A 357 -2.60 -40.37 21.35
C ILE A 357 -3.64 -39.97 20.33
N VAL A 358 -3.77 -38.65 20.09
CA VAL A 358 -4.70 -38.11 19.11
C VAL A 358 -3.92 -37.19 18.19
N VAL A 359 -4.09 -37.38 16.88
CA VAL A 359 -3.44 -36.54 15.88
C VAL A 359 -4.49 -35.59 15.32
N CYS A 360 -4.26 -34.29 15.49
CA CYS A 360 -5.19 -33.26 15.05
C CYS A 360 -4.57 -32.49 13.89
N ILE A 361 -5.30 -32.43 12.78
CA ILE A 361 -4.88 -31.70 11.59
C ILE A 361 -5.85 -30.54 11.42
N VAL A 362 -5.36 -29.32 11.55
CA VAL A 362 -6.19 -28.13 11.45
C VAL A 362 -5.82 -27.45 10.13
N SER A 363 -6.62 -27.69 9.10
CA SER A 363 -6.38 -27.10 7.80
C SER A 363 -7.03 -25.72 7.75
N ASP A 364 -6.28 -24.72 7.33
CA ASP A 364 -6.72 -23.34 7.32
C ASP A 364 -7.18 -23.00 5.90
N GLY A 365 -8.49 -22.83 5.74
CA GLY A 365 -9.04 -22.48 4.44
C GLY A 365 -9.75 -23.65 3.76
N ARG A 366 -11.08 -23.57 3.69
CA ARG A 366 -11.85 -24.61 3.05
C ARG A 366 -11.51 -24.71 1.56
N THR A 367 -11.40 -23.58 0.89
CA THR A 367 -11.16 -23.53 -0.55
C THR A 367 -9.70 -23.38 -0.92
N LYS A 368 -8.81 -23.16 0.05
CA LYS A 368 -7.39 -23.04 -0.22
C LYS A 368 -6.63 -24.33 0.00
N ILE A 369 -7.24 -25.34 0.62
CA ILE A 369 -6.58 -26.62 0.81
C ILE A 369 -6.24 -27.23 -0.54
N ASN A 370 -5.03 -27.76 -0.65
CA ASN A 370 -4.60 -28.36 -1.89
C ASN A 370 -5.42 -29.62 -2.18
N GLU A 371 -5.69 -29.86 -3.45
CA GLU A 371 -6.54 -30.99 -3.83
C GLU A 371 -5.86 -32.32 -3.53
N ARG A 372 -4.55 -32.42 -3.73
CA ARG A 372 -3.88 -33.71 -3.59
C ARG A 372 -3.77 -34.11 -2.13
N ALA A 373 -3.51 -33.15 -1.24
CA ALA A 373 -3.49 -33.47 0.19
C ALA A 373 -4.86 -33.93 0.66
N GLN A 374 -5.92 -33.28 0.18
CA GLN A 374 -7.27 -33.73 0.50
C GLN A 374 -7.50 -35.14 -0.02
N ALA A 375 -7.01 -35.44 -1.22
CA ALA A 375 -7.14 -36.79 -1.76
C ALA A 375 -6.40 -37.79 -0.89
N LEU A 376 -5.22 -37.43 -0.40
CA LEU A 376 -4.47 -38.32 0.49
C LEU A 376 -5.25 -38.59 1.76
N LEU A 377 -5.78 -37.54 2.38
CA LEU A 377 -6.55 -37.72 3.61
C LEU A 377 -7.76 -38.61 3.36
N ALA A 378 -8.42 -38.42 2.22
CA ALA A 378 -9.54 -39.29 1.88
C ALA A 378 -9.09 -40.74 1.71
N GLY A 379 -7.93 -40.93 1.08
CA GLY A 379 -7.40 -42.28 0.95
C GLY A 379 -7.17 -42.93 2.30
N LEU A 380 -6.70 -42.16 3.27
CA LEU A 380 -6.58 -42.68 4.63
C LEU A 380 -7.94 -43.03 5.22
N GLY A 381 -9.02 -42.43 4.72
CA GLY A 381 -10.35 -42.69 5.21
C GLY A 381 -10.92 -41.62 6.14
N VAL A 382 -10.17 -40.56 6.43
CA VAL A 382 -10.68 -39.53 7.31
C VAL A 382 -11.75 -38.69 6.62
N TYR A 383 -11.53 -38.33 5.36
CA TYR A 383 -12.35 -37.35 4.66
C TYR A 383 -13.16 -38.00 3.55
N GLN A 384 -14.40 -37.54 3.39
CA GLN A 384 -15.26 -37.88 2.27
C GLN A 384 -15.91 -36.60 1.75
N GLU A 385 -16.16 -36.56 0.44
CA GLU A 385 -16.55 -35.30 -0.18
C GLU A 385 -17.99 -34.92 0.15
N GLY A 386 -18.91 -35.88 0.13
CA GLY A 386 -20.32 -35.54 0.22
C GLY A 386 -20.72 -34.90 1.54
N LEU A 387 -20.07 -35.33 2.63
CA LEU A 387 -20.58 -35.01 3.96
C LEU A 387 -20.65 -33.51 4.23
N ALA A 388 -19.75 -32.73 3.64
CA ALA A 388 -19.65 -31.31 3.95
C ALA A 388 -20.98 -30.60 3.74
N LYS A 389 -21.34 -29.75 4.69
CA LYS A 389 -22.54 -28.90 4.62
C LYS A 389 -22.15 -27.47 4.90
N SER A 390 -22.70 -26.53 4.12
CA SER A 390 -22.33 -25.13 4.25
C SER A 390 -23.03 -24.46 5.42
N ARG A 391 -24.34 -24.69 5.58
CA ARG A 391 -25.13 -24.03 6.61
C ARG A 391 -26.02 -25.05 7.32
N VAL A 392 -26.26 -24.81 8.60
CA VAL A 392 -27.14 -25.64 9.41
C VAL A 392 -28.07 -24.74 10.20
N ASP A 393 -29.38 -24.95 10.05
CA ASP A 393 -30.38 -24.16 10.76
C ASP A 393 -30.15 -22.67 10.54
N ASP A 394 -29.80 -22.31 9.30
CA ASP A 394 -29.56 -20.91 8.94
C ASP A 394 -28.41 -20.30 9.72
N LYS A 395 -27.43 -21.12 10.10
CA LYS A 395 -26.22 -20.65 10.79
C LYS A 395 -25.00 -21.12 10.02
N LYS A 396 -24.03 -20.22 9.84
CA LYS A 396 -22.83 -20.58 9.10
C LYS A 396 -22.06 -21.67 9.83
N VAL A 397 -21.45 -22.57 9.07
CA VAL A 397 -20.62 -23.63 9.61
C VAL A 397 -19.18 -23.12 9.66
N GLN A 398 -18.67 -22.89 10.87
CA GLN A 398 -17.33 -22.35 11.02
C GLN A 398 -16.27 -23.38 10.66
N ALA A 399 -16.41 -24.61 11.14
CA ALA A 399 -15.42 -25.65 10.91
C ALA A 399 -16.10 -26.98 10.67
N HIS A 400 -15.45 -27.84 9.89
CA HIS A 400 -15.91 -29.19 9.63
C HIS A 400 -14.91 -30.16 10.24
N MET A 401 -15.37 -31.01 11.14
CA MET A 401 -14.50 -31.94 11.86
C MET A 401 -14.83 -33.36 11.44
N PHE A 402 -13.81 -34.09 10.97
CA PHE A 402 -13.91 -35.49 10.60
C PHE A 402 -13.08 -36.31 11.57
N GLU A 403 -13.66 -37.39 12.10
CA GLU A 403 -12.99 -38.24 13.07
C GLU A 403 -12.97 -39.68 12.56
N TYR A 404 -11.82 -40.32 12.61
CA TYR A 404 -11.68 -41.71 12.20
C TYR A 404 -10.39 -42.27 12.75
N THR A 405 -10.42 -43.54 13.13
CA THR A 405 -9.25 -44.25 13.62
C THR A 405 -8.66 -45.04 12.45
N THR A 406 -7.76 -44.40 11.71
CA THR A 406 -7.24 -44.98 10.48
C THR A 406 -6.27 -46.10 10.77
N ARG A 407 -6.34 -47.16 9.96
CA ARG A 407 -5.40 -48.27 10.02
C ARG A 407 -4.55 -48.35 8.75
N VAL A 408 -4.40 -47.23 8.05
CA VAL A 408 -3.62 -47.14 6.83
C VAL A 408 -2.34 -46.39 7.14
N GLY A 409 -1.21 -46.98 6.76
CA GLY A 409 0.09 -46.40 7.05
C GLY A 409 0.85 -46.08 5.77
N ILE A 410 1.53 -44.95 5.76
CA ILE A 410 2.29 -44.50 4.60
C ILE A 410 3.56 -45.34 4.53
N SER A 411 3.67 -46.17 3.50
CA SER A 411 4.85 -47.03 3.37
C SER A 411 6.10 -46.22 3.05
N LYS A 412 6.01 -45.33 2.07
CA LYS A 412 7.15 -44.52 1.67
C LYS A 412 6.65 -43.25 1.00
N VAL A 413 7.51 -42.25 0.98
CA VAL A 413 7.19 -40.95 0.40
C VAL A 413 8.35 -40.59 -0.53
N THR A 414 8.18 -40.89 -1.82
CA THR A 414 9.20 -40.51 -2.81
C THR A 414 9.13 -39.01 -3.06
N ASP A 415 9.93 -38.56 -4.02
CA ASP A 415 9.94 -37.14 -4.35
C ASP A 415 8.63 -36.69 -4.98
N ASP A 416 7.98 -37.58 -5.73
CA ASP A 416 6.80 -37.21 -6.53
C ASP A 416 5.51 -37.86 -6.08
N VAL A 417 5.55 -39.10 -5.59
CA VAL A 417 4.33 -39.83 -5.27
C VAL A 417 4.42 -40.38 -3.86
N VAL A 418 3.25 -40.70 -3.30
CA VAL A 418 3.13 -41.24 -1.95
C VAL A 418 2.46 -42.60 -2.05
N LYS A 419 3.01 -43.65 -1.41
CA LYS A 419 2.46 -45.03 -1.47
C LYS A 419 1.93 -45.40 -0.08
N LEU A 420 0.70 -45.94 0.03
CA LEU A 420 0.04 -46.31 1.31
C LEU A 420 -0.09 -47.83 1.40
N THR A 421 0.19 -48.49 2.53
CA THR A 421 -0.07 -49.94 2.62
C THR A 421 -0.63 -50.27 4.02
N THR A 422 -1.57 -51.22 4.10
CA THR A 422 -2.26 -51.63 5.35
C THR A 422 -1.44 -52.67 6.14
N GLU A 423 -0.36 -53.20 5.57
CA GLU A 423 0.51 -54.22 6.21
C GLU A 423 1.33 -53.58 7.37
N LYS A 424 1.22 -54.09 8.61
CA LYS A 424 1.97 -53.70 9.80
C LYS A 424 1.77 -52.21 10.11
N VAL A 425 0.51 -51.85 10.34
CA VAL A 425 0.13 -50.48 10.66
C VAL A 425 -0.57 -50.47 12.00
N VAL A 426 -0.16 -49.56 12.87
CA VAL A 426 -0.79 -49.38 14.18
C VAL A 426 -1.93 -48.37 14.02
N PRO A 427 -3.13 -48.64 14.56
CA PRO A 427 -4.22 -47.68 14.41
C PRO A 427 -3.87 -46.34 15.05
N VAL A 428 -4.33 -45.26 14.41
CA VAL A 428 -4.07 -43.90 14.85
C VAL A 428 -5.38 -43.14 14.87
N GLN A 429 -5.63 -42.42 15.96
CA GLN A 429 -6.81 -41.58 16.05
C GLN A 429 -6.55 -40.27 15.32
N MET A 430 -7.36 -39.99 14.30
CA MET A 430 -7.19 -38.83 13.44
C MET A 430 -8.36 -37.89 13.64
N LEU A 431 -8.07 -36.60 13.80
CA LEU A 431 -9.08 -35.55 13.85
C LEU A 431 -8.70 -34.50 12.83
N PHE A 432 -9.50 -34.35 11.79
CA PHE A 432 -9.25 -33.42 10.69
C PHE A 432 -10.27 -32.31 10.76
N CYS A 433 -9.84 -31.13 11.22
CA CYS A 433 -10.71 -29.98 11.42
C CYS A 433 -10.47 -28.99 10.29
N LEU A 434 -11.39 -28.96 9.32
CA LEU A 434 -11.25 -28.11 8.15
C LEU A 434 -12.03 -26.81 8.39
N LYS A 435 -11.32 -25.69 8.37
CA LYS A 435 -11.94 -24.40 8.65
C LYS A 435 -12.59 -23.84 7.38
N GLU A 436 -13.73 -23.18 7.57
CA GLU A 436 -14.45 -22.64 6.41
C GLU A 436 -13.70 -21.49 5.76
N THR A 437 -13.13 -20.60 6.56
CA THR A 437 -12.38 -19.46 6.04
C THR A 437 -11.04 -19.36 6.76
N ASN A 438 -10.03 -18.89 6.03
CA ASN A 438 -8.70 -18.77 6.59
C ASN A 438 -8.63 -17.56 7.52
N ALA A 439 -8.06 -17.78 8.71
CA ALA A 439 -7.86 -16.71 9.69
C ALA A 439 -6.45 -16.75 10.23
N LYS A 440 -5.48 -17.13 9.39
CA LYS A 440 -4.08 -17.20 9.79
C LYS A 440 -3.87 -18.34 10.79
N LYS A 441 -2.68 -18.39 11.40
CA LYS A 441 -2.30 -19.50 12.26
C LYS A 441 -2.74 -19.33 13.70
N ILE A 442 -2.90 -18.11 14.17
CA ILE A 442 -3.33 -17.89 15.55
C ILE A 442 -4.73 -18.42 15.76
N ASN A 443 -5.60 -18.27 14.77
CA ASN A 443 -6.95 -18.81 14.87
C ASN A 443 -6.94 -20.34 14.91
N SER A 444 -6.07 -20.96 14.11
CA SER A 444 -5.93 -22.42 14.18
C SER A 444 -5.46 -22.86 15.57
N HIS A 445 -4.49 -22.14 16.14
CA HIS A 445 -4.05 -22.48 17.48
C HIS A 445 -5.15 -22.23 18.50
N ARG A 446 -6.02 -21.25 18.28
CA ARG A 446 -7.18 -21.08 19.14
C ARG A 446 -8.09 -22.29 19.06
N TRP A 447 -8.32 -22.79 17.85
CA TRP A 447 -9.11 -24.01 17.70
C TRP A 447 -8.49 -25.16 18.47
N CYS A 448 -7.16 -25.29 18.39
CA CYS A 448 -6.48 -26.40 19.06
C CYS A 448 -6.57 -26.29 20.57
N PHE A 449 -6.26 -25.12 21.12
CA PHE A 449 -6.14 -24.96 22.57
C PHE A 449 -7.46 -24.63 23.24
N GLN A 450 -8.09 -23.53 22.81
CA GLN A 450 -9.25 -23.01 23.53
C GLN A 450 -10.46 -23.94 23.40
N ALA A 451 -10.57 -24.68 22.30
CA ALA A 451 -11.77 -25.47 22.02
C ALA A 451 -11.53 -26.98 22.11
N ILE A 452 -10.63 -27.52 21.31
CA ILE A 452 -10.41 -28.97 21.31
C ILE A 452 -9.70 -29.40 22.58
N GLY A 453 -8.73 -28.61 23.03
CA GLY A 453 -7.98 -28.98 24.22
C GLY A 453 -8.88 -29.08 25.45
N GLN A 454 -9.82 -28.15 25.59
CA GLN A 454 -10.70 -28.17 26.75
C GLN A 454 -11.56 -29.42 26.75
N VAL A 455 -12.06 -29.84 25.58
CA VAL A 455 -12.87 -31.05 25.51
C VAL A 455 -12.03 -32.28 25.82
N LEU A 456 -10.88 -32.39 25.16
CA LEU A 456 -10.03 -33.57 25.37
C LEU A 456 -9.29 -33.50 26.70
N ASP A 457 -8.87 -32.30 27.11
CA ASP A 457 -8.09 -32.12 28.32
C ASP A 457 -6.82 -32.98 28.29
N PRO A 458 -5.95 -32.78 27.31
CA PRO A 458 -4.76 -33.63 27.20
C PRO A 458 -3.61 -33.15 28.08
N LYS A 459 -2.47 -33.81 27.96
CA LYS A 459 -1.23 -33.33 28.53
C LYS A 459 -0.18 -33.29 27.41
N ILE A 460 0.73 -32.32 27.51
CA ILE A 460 1.83 -32.26 26.57
C ILE A 460 1.30 -32.14 25.14
N VAL A 461 0.74 -30.98 24.81
CA VAL A 461 0.35 -30.71 23.44
C VAL A 461 1.58 -30.48 22.59
N VAL A 462 1.69 -31.22 21.49
CA VAL A 462 2.82 -31.11 20.58
C VAL A 462 2.38 -30.37 19.33
N LEU A 463 3.14 -29.36 18.92
CA LEU A 463 2.82 -28.55 17.76
C LEU A 463 3.77 -28.93 16.62
N LEU A 464 3.18 -29.24 15.46
CA LEU A 464 3.94 -29.60 14.27
C LEU A 464 3.49 -28.74 13.10
N ASP A 465 4.31 -28.74 12.06
CA ASP A 465 4.03 -27.98 10.85
C ASP A 465 4.21 -28.90 9.65
N CYS A 466 3.36 -28.73 8.64
CA CYS A 466 3.43 -29.60 7.48
C CYS A 466 4.81 -29.52 6.85
N GLY A 467 5.34 -30.68 6.48
CA GLY A 467 6.66 -30.77 5.92
C GLY A 467 7.77 -31.00 6.92
N THR A 468 7.46 -30.96 8.22
CA THR A 468 8.44 -31.24 9.26
C THR A 468 8.31 -32.71 9.64
N GLN A 469 9.38 -33.47 9.44
CA GLN A 469 9.36 -34.91 9.64
C GLN A 469 10.13 -35.26 10.91
N PRO A 470 9.45 -35.58 12.02
CA PRO A 470 10.19 -35.94 13.24
C PRO A 470 10.92 -37.26 13.07
N SER A 471 11.87 -37.49 13.97
CA SER A 471 12.67 -38.69 13.94
C SER A 471 11.84 -39.87 14.44
N GLY A 472 12.48 -41.04 14.54
CA GLY A 472 11.76 -42.24 14.95
C GLY A 472 11.43 -42.30 16.42
N ARG A 473 12.12 -41.53 17.26
CA ARG A 473 11.91 -41.56 18.71
C ARG A 473 11.80 -40.15 19.29
N SER A 474 11.53 -39.15 18.45
CA SER A 474 11.54 -37.77 18.91
C SER A 474 10.42 -37.50 19.91
N LEU A 475 9.19 -37.92 19.59
CA LEU A 475 8.07 -37.64 20.47
C LEU A 475 8.27 -38.29 21.83
N TYR A 476 8.84 -39.49 21.86
CA TYR A 476 9.14 -40.13 23.13
C TYR A 476 10.13 -39.29 23.93
N GLU A 477 11.14 -38.74 23.27
CA GLU A 477 12.12 -37.91 23.96
C GLU A 477 11.46 -36.68 24.57
N LEU A 478 10.59 -36.01 23.81
CA LEU A 478 9.90 -34.85 24.36
C LEU A 478 9.04 -35.25 25.56
N TRP A 479 8.30 -36.35 25.44
CA TRP A 479 7.47 -36.78 26.55
C TRP A 479 8.31 -37.09 27.77
N LYS A 480 9.46 -37.74 27.59
CA LYS A 480 10.32 -38.05 28.71
C LYS A 480 10.86 -36.78 29.35
N GLU A 481 11.20 -35.79 28.54
CA GLU A 481 11.62 -34.51 29.10
C GLU A 481 10.55 -33.93 30.00
N PHE A 482 9.30 -33.96 29.56
CA PHE A 482 8.24 -33.43 30.41
C PHE A 482 8.00 -34.30 31.64
N ASP A 483 8.17 -35.61 31.51
CA ASP A 483 7.85 -36.51 32.61
C ASP A 483 8.90 -36.46 33.72
N ARG A 484 10.17 -36.37 33.35
CA ARG A 484 11.23 -36.42 34.37
C ARG A 484 11.07 -35.30 35.39
N ASP A 485 10.96 -34.07 34.91
CA ASP A 485 10.91 -32.88 35.77
C ASP A 485 9.52 -32.28 35.67
N HIS A 486 8.83 -32.16 36.81
CA HIS A 486 7.46 -31.68 36.79
C HIS A 486 7.37 -30.17 36.60
N ARG A 487 8.49 -29.45 36.74
CA ARG A 487 8.47 -28.01 36.55
C ARG A 487 8.49 -27.60 35.10
N VAL A 488 8.90 -28.48 34.19
CA VAL A 488 9.04 -28.08 32.79
C VAL A 488 7.67 -27.85 32.19
N ALA A 489 7.49 -26.69 31.54
CA ALA A 489 6.23 -26.33 30.91
C ALA A 489 6.31 -26.24 29.40
N GLY A 490 7.50 -26.14 28.82
CA GLY A 490 7.64 -26.11 27.39
C GLY A 490 8.96 -26.72 26.98
N ALA A 491 9.00 -27.28 25.78
CA ALA A 491 10.20 -27.95 25.29
C ALA A 491 10.29 -27.80 23.78
N CYS A 492 11.51 -27.91 23.27
CA CYS A 492 11.77 -27.85 21.83
C CYS A 492 12.88 -28.83 21.49
N GLY A 493 12.99 -29.14 20.20
CA GLY A 493 13.95 -30.09 19.70
C GLY A 493 14.83 -29.51 18.60
N GLU A 494 15.90 -30.23 18.30
CA GLU A 494 16.79 -29.82 17.22
C GLU A 494 16.06 -29.91 15.88
N ILE A 495 16.18 -28.87 15.07
CA ILE A 495 15.59 -28.84 13.73
C ILE A 495 16.72 -28.81 12.73
N THR A 496 16.65 -29.69 11.74
CA THR A 496 17.70 -29.86 10.74
C THR A 496 17.16 -29.45 9.37
N THR A 497 18.08 -29.13 8.47
CA THR A 497 17.73 -28.77 7.10
C THR A 497 18.11 -29.92 6.17
N SER A 498 17.17 -30.33 5.33
CA SER A 498 17.42 -31.43 4.41
C SER A 498 18.36 -30.99 3.30
N LEU A 499 19.34 -31.84 3.00
CA LEU A 499 20.34 -31.59 1.97
C LEU A 499 20.43 -32.77 1.02
N LYS A 500 19.28 -33.35 0.66
CA LYS A 500 19.28 -34.60 -0.09
C LYS A 500 19.83 -34.39 -1.50
N LYS A 501 19.17 -33.57 -2.30
CA LYS A 501 19.52 -33.36 -3.71
C LYS A 501 19.93 -31.91 -3.96
N ARG A 502 20.74 -31.35 -3.07
CA ARG A 502 21.21 -29.98 -3.18
C ARG A 502 22.72 -29.95 -3.09
N GLN A 503 23.35 -29.27 -4.03
CA GLN A 503 24.81 -29.22 -4.11
C GLN A 503 25.36 -28.08 -3.25
N MET A 504 26.64 -28.23 -2.87
CA MET A 504 27.27 -27.23 -2.02
C MET A 504 27.36 -25.88 -2.73
N ILE A 505 27.70 -25.88 -4.00
CA ILE A 505 27.91 -24.64 -4.73
C ILE A 505 26.64 -24.13 -5.38
N THR A 506 25.77 -25.03 -5.86
CA THR A 506 24.59 -24.60 -6.59
C THR A 506 23.56 -23.93 -5.70
N ASN A 507 23.58 -24.18 -4.39
CA ASN A 507 22.61 -23.63 -3.45
C ASN A 507 23.33 -23.01 -2.26
N PRO A 508 23.97 -21.86 -2.45
CA PRO A 508 24.61 -21.20 -1.30
C PRO A 508 23.65 -20.87 -0.18
N LEU A 509 22.42 -20.48 -0.52
CA LEU A 509 21.47 -20.05 0.51
C LEU A 509 21.10 -21.20 1.43
N VAL A 510 20.87 -22.39 0.88
CA VAL A 510 20.49 -23.53 1.69
C VAL A 510 21.57 -23.84 2.70
N TYR A 511 22.83 -23.83 2.26
CA TYR A 511 23.92 -24.15 3.18
C TYR A 511 24.16 -23.03 4.20
N GLY A 512 23.96 -21.77 3.81
CA GLY A 512 24.01 -20.72 4.81
C GLY A 512 22.98 -20.93 5.90
N GLN A 513 21.74 -21.26 5.52
CA GLN A 513 20.72 -21.54 6.51
C GLN A 513 21.06 -22.76 7.33
N ASN A 514 21.67 -23.77 6.71
CA ASN A 514 22.08 -24.96 7.45
C ASN A 514 23.06 -24.61 8.54
N PHE A 515 24.07 -23.81 8.22
CA PHE A 515 25.04 -23.40 9.23
C PHE A 515 24.36 -22.59 10.32
N GLU A 516 23.44 -21.71 9.95
CA GLU A 516 22.74 -20.91 10.96
C GLU A 516 21.98 -21.80 11.93
N TYR A 517 21.25 -22.77 11.40
CA TYR A 517 20.48 -23.67 12.26
C TYR A 517 21.40 -24.48 13.18
N LYS A 518 22.50 -25.00 12.64
CA LYS A 518 23.41 -25.81 13.45
C LYS A 518 24.00 -24.98 14.58
N ILE A 519 24.47 -23.76 14.27
CA ILE A 519 25.06 -22.92 15.31
C ILE A 519 24.02 -22.57 16.36
N SER A 520 22.79 -22.26 15.92
CA SER A 520 21.74 -21.96 16.90
C SER A 520 21.55 -23.13 17.84
N ASN A 521 21.34 -24.33 17.30
CA ASN A 521 21.09 -25.49 18.15
C ASN A 521 22.27 -25.84 19.03
N ILE A 522 23.49 -25.49 18.62
CA ILE A 522 24.65 -25.86 19.40
C ILE A 522 25.01 -24.84 20.47
N LEU A 523 24.68 -23.56 20.26
CA LEU A 523 25.10 -22.52 21.20
C LEU A 523 23.94 -21.84 21.90
N ASP A 524 22.92 -21.40 21.17
CA ASP A 524 21.90 -20.56 21.78
C ASP A 524 20.95 -21.36 22.66
N LYS A 525 20.31 -22.38 22.09
CA LYS A 525 19.31 -23.14 22.85
C LYS A 525 19.90 -23.75 24.11
N PRO A 526 21.06 -24.40 24.08
CA PRO A 526 21.61 -24.97 25.33
C PRO A 526 21.81 -23.93 26.42
N THR A 527 22.29 -22.74 26.09
CA THR A 527 22.54 -21.73 27.11
C THR A 527 21.23 -21.27 27.76
N GLU A 528 20.24 -20.93 26.94
CA GLU A 528 18.97 -20.49 27.49
C GLU A 528 18.31 -21.59 28.30
N SER A 529 18.40 -22.83 27.83
CA SER A 529 17.85 -23.95 28.58
C SER A 529 18.56 -24.09 29.93
N SER A 530 19.88 -23.90 29.94
CA SER A 530 20.61 -23.93 31.21
C SER A 530 20.08 -22.87 32.16
N PHE A 531 19.85 -21.65 31.65
CA PHE A 531 19.26 -20.62 32.49
C PHE A 531 17.80 -20.89 32.82
N GLY A 532 17.11 -21.68 32.00
CA GLY A 532 15.73 -22.04 32.25
C GLY A 532 14.70 -21.19 31.53
N PHE A 533 15.11 -20.23 30.72
CA PHE A 533 14.18 -19.37 29.98
C PHE A 533 14.64 -19.28 28.54
N ILE A 534 13.84 -19.82 27.63
CA ILE A 534 14.15 -19.85 26.20
C ILE A 534 13.37 -18.74 25.51
N SER A 535 14.07 -17.93 24.73
CA SER A 535 13.44 -16.78 24.09
C SER A 535 12.35 -17.21 23.13
N VAL A 536 12.63 -18.20 22.29
CA VAL A 536 11.68 -18.66 21.28
C VAL A 536 11.69 -20.17 21.24
N LEU A 537 10.49 -20.77 21.24
CA LEU A 537 10.35 -22.19 20.98
C LEU A 537 9.87 -22.35 19.55
N PRO A 538 10.63 -22.99 18.67
CA PRO A 538 10.23 -23.03 17.26
C PRO A 538 8.81 -23.56 17.09
N GLY A 539 8.02 -22.85 16.29
CA GLY A 539 6.66 -23.29 16.02
C GLY A 539 6.58 -24.53 15.18
N ALA A 540 7.63 -24.83 14.41
CA ALA A 540 7.62 -26.02 13.58
C ALA A 540 7.68 -27.28 14.43
N PHE A 541 8.33 -27.24 15.59
CA PHE A 541 8.49 -28.42 16.41
C PHE A 541 8.74 -27.99 17.85
N SER A 542 7.72 -28.12 18.70
CA SER A 542 7.83 -27.77 20.11
C SER A 542 6.71 -28.46 20.86
N ALA A 543 6.71 -28.31 22.18
CA ALA A 543 5.71 -28.96 23.02
C ALA A 543 5.44 -28.11 24.25
N TYR A 544 4.19 -28.12 24.70
CA TYR A 544 3.76 -27.37 25.87
C TYR A 544 2.96 -28.28 26.79
N ARG A 545 3.09 -28.04 28.10
CA ARG A 545 2.24 -28.71 29.07
C ARG A 545 0.92 -27.95 29.19
N PHE A 546 -0.20 -28.67 29.05
CA PHE A 546 -1.48 -28.00 28.89
C PHE A 546 -1.86 -27.20 30.14
N ILE A 547 -1.67 -27.76 31.32
CA ILE A 547 -2.11 -27.07 32.53
C ILE A 547 -1.35 -25.77 32.73
N ALA A 548 -0.09 -25.72 32.31
CA ALA A 548 0.71 -24.52 32.52
C ALA A 548 0.13 -23.33 31.78
N LEU A 549 -0.46 -23.56 30.60
CA LEU A 549 -0.95 -22.46 29.78
C LEU A 549 -2.29 -21.90 30.25
N GLN A 550 -2.99 -22.59 31.15
CA GLN A 550 -4.34 -22.19 31.51
C GLN A 550 -4.33 -20.84 32.20
N ASN A 551 -5.37 -20.05 31.94
CA ASN A 551 -5.51 -18.73 32.52
C ASN A 551 -5.90 -18.81 34.00
N ASP A 552 -5.73 -17.71 34.71
CA ASP A 552 -6.08 -17.63 36.11
C ASP A 552 -7.59 -17.42 36.26
N ILE A 553 -8.04 -17.39 37.52
CA ILE A 553 -9.46 -17.15 37.79
C ILE A 553 -9.87 -15.78 37.29
N ASN A 554 -9.03 -14.77 37.51
CA ASN A 554 -9.36 -13.42 37.08
C ASN A 554 -9.45 -13.30 35.56
N GLY A 555 -8.89 -14.26 34.82
CA GLY A 555 -8.94 -14.24 33.38
C GLY A 555 -7.66 -13.81 32.69
N VAL A 556 -6.58 -13.59 33.42
CA VAL A 556 -5.31 -13.17 32.84
C VAL A 556 -4.34 -14.36 32.88
N GLY A 557 -3.70 -14.64 31.74
CA GLY A 557 -2.78 -15.74 31.64
C GLY A 557 -2.10 -15.77 30.28
N PRO A 558 -1.18 -16.72 30.10
CA PRO A 558 -0.44 -16.76 28.82
C PRO A 558 -1.32 -16.88 27.60
N LEU A 559 -2.37 -17.69 27.66
CA LEU A 559 -3.21 -17.89 26.47
C LEU A 559 -3.98 -16.63 26.12
N GLU A 560 -4.45 -15.89 27.13
CA GLU A 560 -5.15 -14.64 26.86
C GLU A 560 -4.25 -13.67 26.13
N LYS A 561 -3.02 -13.50 26.62
CA LYS A 561 -2.06 -12.64 25.96
C LYS A 561 -1.80 -13.11 24.53
N TYR A 562 -1.63 -14.41 24.34
CA TYR A 562 -1.34 -14.93 23.01
C TYR A 562 -2.48 -14.65 22.04
N PHE A 563 -3.72 -14.84 22.48
CA PHE A 563 -4.86 -14.70 21.58
C PHE A 563 -5.22 -13.25 21.33
N LYS A 564 -4.97 -12.35 22.27
CA LYS A 564 -5.39 -10.97 22.10
C LYS A 564 -4.81 -10.35 20.84
N GLY A 565 -3.64 -10.82 20.40
CA GLY A 565 -3.03 -10.27 19.20
C GLY A 565 -3.90 -10.49 17.97
N GLU A 566 -4.53 -11.66 17.86
CA GLU A 566 -5.40 -11.92 16.72
C GLU A 566 -6.54 -10.93 16.67
N PHE A 567 -7.19 -10.68 17.80
CA PHE A 567 -8.36 -9.81 17.80
C PHE A 567 -7.96 -8.36 17.54
N LEU A 568 -6.91 -7.87 18.21
CA LEU A 568 -6.58 -6.46 18.08
C LEU A 568 -6.03 -6.14 16.68
N HIS A 569 -5.20 -7.01 16.14
CA HIS A 569 -4.55 -6.76 14.85
C HIS A 569 -5.47 -7.25 13.72
N SER A 570 -6.50 -6.47 13.45
CA SER A 570 -7.43 -6.77 12.37
C SER A 570 -8.32 -5.55 12.15
N SER A 571 -9.01 -5.55 11.01
CA SER A 571 -9.95 -4.49 10.72
C SER A 571 -11.06 -4.48 11.75
N GLY A 572 -11.45 -3.29 12.19
CA GLY A 572 -12.47 -3.16 13.21
C GLY A 572 -13.87 -3.30 12.65
N GLU A 573 -14.12 -4.38 11.92
CA GLU A 573 -15.41 -4.63 11.27
C GLU A 573 -15.93 -5.97 11.76
N LEU A 574 -16.79 -5.94 12.78
CA LEU A 574 -17.37 -7.12 13.37
C LEU A 574 -18.77 -7.34 12.78
N ASP A 575 -19.01 -8.55 12.29
CA ASP A 575 -20.33 -8.90 11.79
C ASP A 575 -21.28 -9.13 12.96
N PRO A 576 -22.41 -8.42 13.05
CA PRO A 576 -23.30 -8.61 14.20
C PRO A 576 -23.85 -10.02 14.30
N ASN A 577 -23.83 -10.80 13.22
CA ASN A 577 -24.39 -12.14 13.24
C ASN A 577 -23.47 -13.16 13.91
N ASP A 578 -22.18 -12.85 14.05
CA ASP A 578 -21.27 -13.79 14.69
C ASP A 578 -21.64 -13.98 16.16
N ASP A 579 -21.56 -15.22 16.62
CA ASP A 579 -21.86 -15.51 18.02
C ASP A 579 -20.77 -15.03 18.96
N GLU A 580 -19.57 -14.80 18.44
CA GLU A 580 -18.48 -14.22 19.22
C GLU A 580 -18.47 -12.70 19.14
N PHE A 581 -19.57 -12.09 18.70
CA PHE A 581 -19.60 -10.64 18.58
C PHE A 581 -19.40 -9.96 19.92
N GLN A 582 -20.04 -10.49 20.97
CA GLN A 582 -19.91 -9.86 22.29
C GLN A 582 -18.47 -9.87 22.77
N MET A 583 -17.78 -11.00 22.63
CA MET A 583 -16.41 -11.10 23.09
C MET A 583 -15.51 -10.12 22.34
N LYS A 584 -15.62 -10.10 21.01
CA LYS A 584 -14.77 -9.22 20.22
C LYS A 584 -15.06 -7.75 20.51
N HIS A 585 -16.34 -7.41 20.65
CA HIS A 585 -16.70 -6.02 20.95
C HIS A 585 -16.15 -5.61 22.31
N LEU A 586 -16.28 -6.48 23.31
CA LEU A 586 -15.73 -6.17 24.63
C LEU A 586 -14.23 -6.00 24.58
N MET A 587 -13.53 -6.88 23.85
CA MET A 587 -12.08 -6.78 23.75
C MET A 587 -11.67 -5.48 23.07
N LEU A 588 -12.37 -5.09 22.00
CA LEU A 588 -12.04 -3.85 21.32
C LEU A 588 -12.34 -2.63 22.18
N LYS A 589 -13.39 -2.69 23.00
CA LYS A 589 -13.72 -1.55 23.85
C LYS A 589 -12.71 -1.35 24.97
N GLU A 590 -11.97 -2.38 25.34
CA GLU A 590 -10.99 -2.25 26.41
C GLU A 590 -9.84 -1.35 25.99
N GLU A 591 -9.28 -0.63 26.97
CA GLU A 591 -8.17 0.27 26.70
C GLU A 591 -6.89 -0.53 26.49
N ALA A 592 -6.30 -0.40 25.31
CA ALA A 592 -5.09 -1.13 24.94
C ALA A 592 -3.93 -0.17 24.80
N GLY A 593 -2.82 -0.49 25.46
CA GLY A 593 -1.61 0.29 25.36
C GLY A 593 -0.79 -0.09 24.14
N ILE A 594 0.45 0.37 24.12
CA ILE A 594 1.34 0.08 23.01
C ILE A 594 1.61 -1.41 22.94
N PHE A 595 1.97 -2.01 24.07
CA PHE A 595 2.37 -3.42 24.07
C PHE A 595 1.19 -4.34 23.76
N THR A 596 0.04 -4.09 24.39
CA THR A 596 -1.11 -4.97 24.20
C THR A 596 -1.57 -4.96 22.74
N SER A 597 -1.63 -3.78 22.14
CA SER A 597 -2.12 -3.65 20.77
C SER A 597 -1.15 -4.16 19.72
N ASN A 598 0.11 -4.41 20.09
CA ASN A 598 1.11 -4.89 19.15
C ASN A 598 1.58 -6.30 19.49
N MET A 599 0.81 -7.04 20.30
CA MET A 599 1.21 -8.40 20.64
C MET A 599 1.38 -9.28 19.40
N TYR A 600 0.70 -8.93 18.31
CA TYR A 600 0.75 -9.78 17.12
C TYR A 600 2.17 -9.96 16.60
N LEU A 601 3.08 -9.05 16.92
CA LEU A 601 4.47 -9.22 16.51
C LEU A 601 5.11 -10.40 17.21
N ALA A 602 4.90 -10.52 18.53
CA ALA A 602 5.55 -11.57 19.29
C ALA A 602 5.09 -12.95 18.83
N GLU A 603 3.79 -13.11 18.61
CA GLU A 603 3.21 -14.41 18.25
C GLU A 603 3.46 -15.37 19.41
N ASP A 604 3.81 -16.63 19.15
CA ASP A 604 3.98 -17.60 20.22
C ASP A 604 5.07 -17.19 21.20
N ARG A 605 6.00 -16.32 20.77
CA ARG A 605 7.11 -15.95 21.64
C ARG A 605 6.63 -15.40 22.98
N ILE A 606 5.47 -14.76 23.00
CA ILE A 606 4.95 -14.19 24.25
C ILE A 606 4.74 -15.30 25.28
N LEU A 607 4.36 -16.49 24.83
CA LEU A 607 4.05 -17.59 25.74
C LEU A 607 5.22 -17.94 26.63
N CYS A 608 6.43 -17.96 26.08
CA CYS A 608 7.59 -18.37 26.86
C CYS A 608 7.75 -17.49 28.09
N PHE A 609 7.82 -16.17 27.89
CA PHE A 609 7.98 -15.27 29.01
C PHE A 609 6.79 -15.32 29.94
N GLU A 610 5.57 -15.37 29.38
CA GLU A 610 4.40 -15.41 30.24
C GLU A 610 4.41 -16.65 31.13
N LEU A 611 4.98 -17.75 30.64
CA LEU A 611 5.07 -18.97 31.44
C LEU A 611 6.14 -18.86 32.52
N VAL A 612 7.32 -18.35 32.17
CA VAL A 612 8.42 -18.34 33.14
C VAL A 612 8.09 -17.39 34.29
N ALA A 613 7.61 -16.20 33.99
CA ALA A 613 7.38 -15.16 34.99
C ALA A 613 5.92 -15.12 35.41
N LYS A 614 5.42 -16.23 35.95
CA LYS A 614 4.04 -16.27 36.40
C LYS A 614 3.92 -15.72 37.82
N ARG A 615 2.68 -15.39 38.19
CA ARG A 615 2.46 -14.68 39.45
C ARG A 615 2.87 -15.53 40.65
N GLY A 616 2.49 -16.80 40.64
CA GLY A 616 2.76 -17.66 41.79
C GLY A 616 3.15 -19.06 41.40
N CYS A 617 3.60 -19.24 40.16
CA CYS A 617 3.92 -20.55 39.62
C CYS A 617 5.42 -20.67 39.35
N ASN A 618 5.89 -21.91 39.33
CA ASN A 618 7.29 -22.24 39.11
C ASN A 618 7.37 -23.09 37.84
N TRP A 619 7.65 -22.46 36.71
CA TRP A 619 7.74 -23.15 35.42
C TRP A 619 9.09 -22.85 34.78
N LEU A 620 9.54 -23.79 33.95
CA LEU A 620 10.81 -23.66 33.25
C LEU A 620 10.64 -24.15 31.83
N LEU A 621 11.51 -23.68 30.95
CA LEU A 621 11.55 -24.11 29.55
C LEU A 621 12.86 -24.84 29.30
N ARG A 622 12.77 -25.98 28.63
CA ARG A 622 13.92 -26.87 28.48
C ARG A 622 14.10 -27.26 27.02
N TYR A 623 15.35 -27.49 26.64
CA TYR A 623 15.71 -27.90 25.29
C TYR A 623 16.39 -29.26 25.36
N CYS A 624 15.92 -30.21 24.56
CA CYS A 624 16.49 -31.55 24.50
C CYS A 624 17.02 -31.81 23.10
N LYS A 625 18.30 -32.21 23.04
CA LYS A 625 18.95 -32.47 21.77
C LYS A 625 18.68 -33.87 21.24
N SER A 626 18.03 -34.72 22.02
CA SER A 626 17.68 -36.06 21.55
C SER A 626 16.58 -36.01 20.51
N ALA A 627 15.66 -35.05 20.62
CA ALA A 627 14.57 -34.91 19.67
C ALA A 627 15.04 -34.14 18.44
N ARG A 628 14.85 -34.73 17.26
CA ARG A 628 15.29 -34.13 16.01
C ARG A 628 14.16 -34.14 15.00
N ALA A 629 14.09 -33.10 14.17
CA ALA A 629 13.10 -32.99 13.12
C ALA A 629 13.75 -32.33 11.91
N GLU A 630 13.38 -32.77 10.72
CA GLU A 630 13.95 -32.29 9.47
C GLU A 630 12.91 -31.51 8.68
N THR A 631 13.32 -30.37 8.13
CA THR A 631 12.42 -29.50 7.40
C THR A 631 13.13 -28.97 6.16
N ASP A 632 12.33 -28.54 5.18
CA ASP A 632 12.86 -27.95 3.95
C ASP A 632 12.91 -26.45 4.08
N VAL A 633 14.10 -25.87 3.91
CA VAL A 633 14.29 -24.43 4.01
C VAL A 633 13.95 -23.80 2.66
N PRO A 634 13.60 -22.51 2.62
CA PRO A 634 13.26 -21.87 1.34
C PRO A 634 14.51 -21.69 0.49
N GLU A 635 14.48 -22.26 -0.72
CA GLU A 635 15.60 -22.12 -1.64
C GLU A 635 15.62 -20.74 -2.29
N GLY A 636 14.46 -20.21 -2.64
CA GLY A 636 14.40 -18.92 -3.30
C GLY A 636 14.71 -17.77 -2.35
N LEU A 637 15.10 -16.65 -2.94
CA LEU A 637 15.47 -15.49 -2.14
C LEU A 637 14.25 -14.77 -1.58
N ALA A 638 13.17 -14.67 -2.36
CA ALA A 638 11.98 -13.94 -1.89
C ALA A 638 11.35 -14.63 -0.70
N GLU A 639 11.19 -15.95 -0.78
CA GLU A 639 10.61 -16.69 0.33
C GLU A 639 11.46 -16.56 1.59
N PHE A 640 12.79 -16.61 1.40
CA PHE A 640 13.69 -16.41 2.53
C PHE A 640 13.49 -15.04 3.15
N ILE A 641 13.33 -14.02 2.31
CA ILE A 641 13.14 -12.60 2.75
C ILE A 641 11.82 -12.50 3.53
N LEU A 642 10.75 -13.10 3.00
CA LEU A 642 9.40 -13.07 3.62
C LEU A 642 9.42 -13.82 4.96
N GLN A 643 10.08 -14.99 5.02
CA GLN A 643 10.18 -15.84 6.23
C GLN A 643 11.01 -15.14 7.31
N ARG A 644 12.14 -14.53 6.94
CA ARG A 644 13.00 -13.86 7.95
C ARG A 644 12.33 -12.56 8.41
N ARG A 645 11.53 -11.94 7.54
CA ARG A 645 10.76 -10.71 7.89
C ARG A 645 9.90 -10.98 9.12
N ARG A 646 9.30 -12.17 9.20
CA ARG A 646 8.42 -12.61 10.32
C ARG A 646 9.29 -12.93 11.55
N TRP A 647 10.44 -13.60 11.37
CA TRP A 647 11.30 -13.96 12.50
C TRP A 647 11.89 -12.72 13.17
N LEU A 648 12.41 -11.79 12.38
CA LEU A 648 13.08 -10.62 12.94
C LEU A 648 12.10 -9.75 13.72
N ASN A 649 10.93 -9.48 13.15
CA ASN A 649 9.97 -8.66 13.88
C ASN A 649 9.59 -9.34 15.19
N GLY A 650 9.32 -10.64 15.14
CA GLY A 650 8.96 -11.34 16.36
C GLY A 650 10.04 -11.26 17.42
N SER A 651 11.29 -11.52 17.02
CA SER A 651 12.38 -11.54 18.00
C SER A 651 12.58 -10.16 18.62
N PHE A 652 12.58 -9.11 17.79
CA PHE A 652 12.78 -7.77 18.33
C PHE A 652 11.68 -7.41 19.33
N PHE A 653 10.42 -7.60 18.95
CA PHE A 653 9.36 -7.22 19.87
C PHE A 653 9.38 -8.05 21.13
N ALA A 654 9.65 -9.35 21.01
CA ALA A 654 9.69 -10.20 22.19
C ALA A 654 10.79 -9.75 23.14
N ALA A 655 11.98 -9.44 22.60
CA ALA A 655 13.06 -8.98 23.44
C ALA A 655 12.69 -7.69 24.17
N ILE A 656 12.12 -6.72 23.44
CA ILE A 656 11.76 -5.46 24.08
C ILE A 656 10.73 -5.70 25.18
N TYR A 657 9.70 -6.51 24.87
CA TYR A 657 8.64 -6.75 25.85
C TYR A 657 9.18 -7.42 27.10
N SER A 658 10.02 -8.44 26.93
CA SER A 658 10.54 -9.14 28.10
C SER A 658 11.44 -8.22 28.92
N LEU A 659 12.31 -7.44 28.27
CA LEU A 659 13.21 -6.57 29.01
C LEU A 659 12.44 -5.52 29.79
N VAL A 660 11.42 -4.92 29.18
CA VAL A 660 10.67 -3.88 29.86
C VAL A 660 9.95 -4.43 31.09
N HIS A 661 9.45 -5.67 30.99
CA HIS A 661 8.70 -6.29 32.08
C HIS A 661 9.53 -7.30 32.86
N PHE A 662 10.83 -7.07 33.01
CA PHE A 662 11.66 -8.02 33.73
C PHE A 662 11.25 -8.16 35.19
N TYR A 663 10.65 -7.12 35.77
CA TYR A 663 10.32 -7.13 37.19
C TYR A 663 9.20 -8.09 37.53
N LYS A 664 8.47 -8.60 36.53
CA LYS A 664 7.40 -9.54 36.82
C LYS A 664 7.90 -10.84 37.43
N VAL A 665 9.16 -11.22 37.16
CA VAL A 665 9.69 -12.46 37.71
C VAL A 665 9.88 -12.39 39.22
N TRP A 666 9.84 -11.20 39.80
CA TRP A 666 10.05 -11.07 41.24
C TRP A 666 8.98 -11.84 42.02
N THR A 667 7.73 -11.72 41.59
CA THR A 667 6.63 -12.36 42.31
C THR A 667 6.53 -13.86 42.03
N SER A 668 7.20 -14.36 41.00
CA SER A 668 7.16 -15.79 40.72
C SER A 668 7.81 -16.58 41.85
N SER A 669 7.28 -17.78 42.09
CA SER A 669 7.78 -18.63 43.17
C SER A 669 8.95 -19.48 42.65
N HIS A 670 10.08 -18.82 42.47
CA HIS A 670 11.33 -19.47 42.14
C HIS A 670 12.30 -19.31 43.29
N SER A 671 13.31 -20.17 43.33
CA SER A 671 14.38 -20.02 44.31
C SER A 671 15.14 -18.72 44.04
N PHE A 672 15.70 -18.15 45.11
CA PHE A 672 16.39 -16.87 44.99
C PHE A 672 17.52 -16.96 43.98
N GLY A 673 18.31 -18.04 44.03
CA GLY A 673 19.35 -18.22 43.04
C GLY A 673 18.80 -18.27 41.63
N ARG A 674 17.64 -18.90 41.46
CA ARG A 674 17.02 -18.96 40.14
C ARG A 674 16.72 -17.55 39.63
N LYS A 675 16.20 -16.68 40.50
CA LYS A 675 15.93 -15.31 40.09
C LYS A 675 17.22 -14.57 39.75
N ILE A 676 18.28 -14.80 40.53
CA ILE A 676 19.55 -14.15 40.24
C ILE A 676 20.03 -14.53 38.85
N PHE A 677 19.98 -15.82 38.52
CA PHE A 677 20.46 -16.25 37.22
C PHE A 677 19.54 -15.81 36.10
N LEU A 678 18.24 -15.72 36.35
CA LEU A 678 17.33 -15.17 35.35
C LEU A 678 17.67 -13.71 35.06
N HIS A 679 18.03 -12.95 36.09
CA HIS A 679 18.43 -11.56 35.87
C HIS A 679 19.74 -11.48 35.09
N ILE A 680 20.67 -12.41 35.35
CA ILE A 680 21.89 -12.45 34.55
C ILE A 680 21.54 -12.67 33.08
N GLU A 681 20.62 -13.61 32.80
CA GLU A 681 20.22 -13.85 31.42
C GLU A 681 19.53 -12.62 30.83
N PHE A 682 18.72 -11.93 31.62
CA PHE A 682 18.07 -10.71 31.13
C PHE A 682 19.12 -9.68 30.73
N PHE A 683 20.17 -9.54 31.53
CA PHE A 683 21.24 -8.61 31.17
C PHE A 683 21.91 -9.02 29.87
N TYR A 684 22.16 -10.33 29.70
CA TYR A 684 22.75 -10.79 28.45
C TYR A 684 21.84 -10.46 27.27
N GLN A 685 20.53 -10.66 27.41
CA GLN A 685 19.60 -10.38 26.33
C GLN A 685 19.53 -8.89 26.04
N LEU A 686 19.67 -8.05 27.08
CA LEU A 686 19.74 -6.61 26.85
C LEU A 686 20.94 -6.25 26.01
N ILE A 687 22.11 -6.81 26.32
CA ILE A 687 23.29 -6.55 25.52
C ILE A 687 23.09 -7.02 24.09
N ASN A 688 22.51 -8.20 23.92
CA ASN A 688 22.28 -8.72 22.58
C ASN A 688 21.33 -7.81 21.80
N LEU A 689 20.28 -7.32 22.44
CA LEU A 689 19.35 -6.41 21.78
C LEU A 689 20.07 -5.14 21.35
N ILE A 690 20.89 -4.57 22.22
CA ILE A 690 21.61 -3.36 21.86
C ILE A 690 22.51 -3.62 20.65
N VAL A 691 23.21 -4.77 20.66
CA VAL A 691 24.11 -5.08 19.56
C VAL A 691 23.33 -5.25 18.26
N SER A 692 22.15 -5.87 18.33
CA SER A 692 21.38 -6.12 17.13
C SER A 692 20.74 -4.85 16.59
N TRP A 693 20.37 -3.91 17.46
CA TRP A 693 19.73 -2.68 17.01
C TRP A 693 20.67 -1.86 16.15
N PHE A 694 21.96 -1.84 16.49
CA PHE A 694 22.97 -1.06 15.77
C PHE A 694 23.75 -1.90 14.77
N SER A 695 23.16 -2.97 14.25
CA SER A 695 23.90 -3.86 13.36
C SER A 695 24.26 -3.18 12.05
N ILE A 696 23.30 -2.48 11.44
CA ILE A 696 23.55 -1.88 10.13
C ILE A 696 24.59 -0.78 10.23
N GLY A 697 24.48 0.07 11.25
CA GLY A 697 25.49 1.10 11.45
C GLY A 697 26.87 0.51 11.70
N SER A 698 26.94 -0.53 12.52
CA SER A 698 28.21 -1.17 12.82
C SER A 698 28.84 -1.76 11.56
N TYR A 699 28.02 -2.42 10.74
CA TYR A 699 28.54 -3.01 9.50
C TYR A 699 29.08 -1.92 8.59
N PHE A 700 28.34 -0.82 8.43
CA PHE A 700 28.84 0.25 7.58
C PHE A 700 30.14 0.82 8.13
N LEU A 701 30.22 1.02 9.45
CA LEU A 701 31.43 1.59 10.03
C LEU A 701 32.63 0.68 9.81
N VAL A 702 32.44 -0.63 10.02
CA VAL A 702 33.56 -1.56 9.82
C VAL A 702 34.00 -1.54 8.36
N PHE A 703 33.04 -1.58 7.43
CA PHE A 703 33.39 -1.57 6.02
C PHE A 703 34.16 -0.30 5.66
N ARG A 704 33.66 0.85 6.11
CA ARG A 704 34.31 2.12 5.76
C ARG A 704 35.72 2.18 6.34
N ILE A 705 35.88 1.80 7.61
CA ILE A 705 37.20 1.87 8.23
C ILE A 705 38.17 0.95 7.50
N LEU A 706 37.76 -0.28 7.22
CA LEU A 706 38.67 -1.22 6.57
C LEU A 706 39.04 -0.76 5.16
N THR A 707 38.07 -0.27 4.40
CA THR A 707 38.37 0.14 3.03
C THR A 707 39.25 1.39 3.01
N THR A 708 38.98 2.36 3.90
CA THR A 708 39.80 3.56 3.92
C THR A 708 41.20 3.28 4.43
N SER A 709 41.36 2.27 5.29
CA SER A 709 42.71 1.93 5.76
C SER A 709 43.63 1.53 4.62
N LEU A 710 43.09 0.85 3.60
CA LEU A 710 43.91 0.50 2.45
C LEU A 710 44.32 1.71 1.63
N GLY A 711 43.64 2.84 1.79
CA GLY A 711 43.97 4.03 1.03
C GLY A 711 45.23 4.73 1.51
N ASP A 712 45.65 4.48 2.75
CA ASP A 712 46.84 5.15 3.28
C ASP A 712 48.06 4.80 2.44
N LYS A 713 48.87 5.82 2.16
CA LYS A 713 50.06 5.62 1.33
C LYS A 713 51.13 4.80 2.03
N ALA A 714 51.03 4.60 3.35
CA ALA A 714 52.06 3.86 4.06
C ALA A 714 52.19 2.44 3.51
N LEU A 715 51.07 1.76 3.30
CA LEU A 715 51.09 0.44 2.71
C LEU A 715 50.98 0.53 1.19
N GLY A 716 51.68 -0.38 0.51
CA GLY A 716 51.81 -0.29 -0.93
C GLY A 716 50.69 -0.96 -1.69
N PHE A 717 49.51 -0.35 -1.68
CA PHE A 717 48.36 -0.84 -2.43
C PHE A 717 47.81 0.32 -3.25
N ALA A 718 48.01 0.25 -4.58
CA ALA A 718 47.65 1.39 -5.42
C ALA A 718 46.14 1.55 -5.55
N PRO A 719 45.38 0.55 -6.00
CA PRO A 719 43.95 0.75 -6.23
C PRO A 719 43.12 0.93 -4.96
N GLY A 720 43.74 1.07 -3.79
CA GLY A 720 42.97 1.28 -2.57
C GLY A 720 41.92 2.36 -2.70
N LYS A 721 42.33 3.57 -3.08
CA LYS A 721 41.41 4.71 -3.02
C LYS A 721 40.26 4.56 -4.01
N ILE A 722 40.57 4.24 -5.26
CA ILE A 722 39.52 4.14 -6.27
C ILE A 722 38.53 3.05 -5.90
N LEU A 723 39.03 1.90 -5.44
CA LEU A 723 38.14 0.83 -5.03
C LEU A 723 37.28 1.26 -3.85
N SER A 724 37.87 1.97 -2.88
CA SER A 724 37.09 2.41 -1.73
C SER A 724 35.97 3.33 -2.16
N VAL A 725 36.25 4.27 -3.06
CA VAL A 725 35.22 5.20 -3.50
C VAL A 725 34.11 4.46 -4.26
N ILE A 726 34.50 3.56 -5.16
CA ILE A 726 33.50 2.82 -5.93
C ILE A 726 32.63 2.00 -5.00
N PHE A 727 33.24 1.34 -4.02
CA PHE A 727 32.46 0.52 -3.09
C PHE A 727 31.55 1.37 -2.23
N LEU A 728 31.99 2.56 -1.82
CA LEU A 728 31.11 3.45 -1.07
C LEU A 728 29.88 3.80 -1.89
N TRP A 729 30.09 4.16 -3.16
CA TRP A 729 28.95 4.53 -4.00
C TRP A 729 28.00 3.35 -4.18
N LEU A 730 28.54 2.16 -4.44
CA LEU A 730 27.68 1.00 -4.62
C LEU A 730 26.94 0.65 -3.33
N TYR A 731 27.60 0.81 -2.18
CA TYR A 731 26.96 0.53 -0.90
C TYR A 731 25.78 1.45 -0.67
N LEU A 732 25.98 2.76 -0.87
CA LEU A 732 24.89 3.71 -0.67
C LEU A 732 23.75 3.42 -1.65
N ALA A 733 24.09 3.14 -2.91
CA ALA A 733 23.05 2.83 -3.89
C ALA A 733 22.23 1.62 -3.46
N SER A 734 22.91 0.57 -2.99
CA SER A 734 22.20 -0.64 -2.58
C SER A 734 21.29 -0.36 -1.40
N ILE A 735 21.77 0.41 -0.41
CA ILE A 735 20.94 0.70 0.75
C ILE A 735 19.69 1.46 0.34
N VAL A 736 19.86 2.50 -0.49
CA VAL A 736 18.70 3.31 -0.89
C VAL A 736 17.73 2.46 -1.69
N THR A 737 18.22 1.66 -2.62
CA THR A 737 17.33 0.83 -3.42
C THR A 737 16.58 -0.17 -2.56
N THR A 738 17.27 -0.74 -1.56
CA THR A 738 16.59 -1.68 -0.66
C THR A 738 15.47 -0.99 0.09
N PHE A 739 15.71 0.21 0.60
CA PHE A 739 14.65 0.93 1.30
C PHE A 739 13.47 1.18 0.36
N VAL A 740 13.74 1.67 -0.84
CA VAL A 740 12.66 2.04 -1.76
C VAL A 740 11.86 0.80 -2.14
N LEU A 741 12.54 -0.29 -2.47
CA LEU A 741 11.83 -1.51 -2.86
C LEU A 741 11.06 -2.11 -1.70
N SER A 742 11.61 -2.05 -0.49
CA SER A 742 10.89 -2.56 0.67
C SER A 742 9.60 -1.79 0.91
N PHE A 743 9.65 -0.47 0.78
CA PHE A 743 8.44 0.31 1.00
C PHE A 743 7.45 0.16 -0.14
N GLY A 744 7.94 0.09 -1.38
CA GLY A 744 7.08 0.18 -2.53
C GLY A 744 6.61 -1.13 -3.13
N ASN A 745 7.54 -2.02 -3.44
CA ASN A 745 7.28 -3.19 -4.26
C ASN A 745 7.23 -4.45 -3.39
N LYS A 746 6.95 -5.58 -4.04
CA LYS A 746 6.92 -6.89 -3.41
C LYS A 746 8.15 -7.70 -3.79
N PRO A 747 8.68 -8.52 -2.88
CA PRO A 747 9.91 -9.26 -3.22
C PRO A 747 9.77 -10.17 -4.42
N LYS A 748 8.60 -10.79 -4.61
CA LYS A 748 8.45 -11.75 -5.69
C LYS A 748 8.66 -11.09 -7.05
N GLY A 749 8.14 -9.89 -7.24
CA GLY A 749 8.29 -9.19 -8.50
C GLY A 749 9.72 -8.75 -8.76
N THR A 750 10.29 -7.99 -7.85
CA THR A 750 11.64 -7.44 -8.02
C THR A 750 12.68 -8.29 -7.30
N GLU A 751 12.81 -9.54 -7.76
CA GLU A 751 13.77 -10.46 -7.15
C GLU A 751 15.18 -10.22 -7.65
N LYS A 752 15.35 -9.82 -8.91
CA LYS A 752 16.68 -9.68 -9.48
C LYS A 752 17.46 -8.56 -8.80
N PHE A 753 16.76 -7.50 -8.39
CA PHE A 753 17.43 -6.44 -7.64
C PHE A 753 18.03 -7.00 -6.36
N TYR A 754 17.27 -7.80 -5.63
CA TYR A 754 17.78 -8.40 -4.40
C TYR A 754 18.93 -9.35 -4.69
N VAL A 755 18.85 -10.12 -5.77
CA VAL A 755 19.94 -11.03 -6.11
C VAL A 755 21.22 -10.25 -6.37
N THR A 756 21.11 -9.17 -7.14
CA THR A 756 22.27 -8.35 -7.43
C THR A 756 22.85 -7.74 -6.16
N ILE A 757 21.99 -7.24 -5.28
CA ILE A 757 22.47 -6.63 -4.04
C ILE A 757 23.20 -7.67 -3.20
N VAL A 758 22.65 -8.88 -3.11
CA VAL A 758 23.27 -9.92 -2.31
C VAL A 758 24.64 -10.31 -2.88
N ILE A 759 24.72 -10.45 -4.20
CA ILE A 759 26.01 -10.79 -4.81
C ILE A 759 27.02 -9.69 -4.54
N PHE A 760 26.60 -8.42 -4.66
CA PHE A 760 27.52 -7.32 -4.37
C PHE A 760 28.01 -7.38 -2.94
N PHE A 761 27.10 -7.63 -1.99
CA PHE A 761 27.51 -7.67 -0.60
C PHE A 761 28.47 -8.83 -0.33
N ALA A 762 28.26 -9.97 -1.01
CA ALA A 762 29.20 -11.07 -0.88
C ALA A 762 30.59 -10.68 -1.37
N ILE A 763 30.66 -10.03 -2.53
CA ILE A 763 31.96 -9.59 -3.03
C ILE A 763 32.60 -8.60 -2.07
N LEU A 764 31.80 -7.68 -1.53
CA LEU A 764 32.33 -6.69 -0.59
C LEU A 764 32.85 -7.37 0.67
N MET A 765 32.16 -8.39 1.15
CA MET A 765 32.64 -9.11 2.33
C MET A 765 33.97 -9.80 2.05
N ALA A 766 34.11 -10.41 0.87
CA ALA A 766 35.39 -11.01 0.52
C ALA A 766 36.48 -9.95 0.51
N TYR A 767 36.20 -8.78 -0.07
CA TYR A 767 37.19 -7.71 -0.11
C TYR A 767 37.54 -7.23 1.29
N MET A 768 36.55 -7.14 2.18
CA MET A 768 36.82 -6.70 3.55
C MET A 768 37.72 -7.69 4.27
N ILE A 769 37.47 -8.99 4.09
CA ILE A 769 38.34 -10.00 4.69
C ILE A 769 39.76 -9.84 4.15
N PHE A 770 39.89 -9.65 2.85
CA PHE A 770 41.22 -9.45 2.26
C PHE A 770 41.91 -8.24 2.87
N ALA A 771 41.16 -7.14 3.03
CA ALA A 771 41.75 -5.92 3.58
C ALA A 771 42.22 -6.15 5.01
N ALA A 772 41.41 -6.84 5.82
CA ALA A 772 41.82 -7.10 7.20
C ALA A 772 43.08 -7.94 7.25
N ILE A 773 43.15 -8.99 6.43
CA ILE A 773 44.35 -9.82 6.41
C ILE A 773 45.56 -9.00 5.99
N PHE A 774 45.40 -8.19 4.95
CA PHE A 774 46.50 -7.37 4.45
C PHE A 774 47.00 -6.41 5.54
N MET A 775 46.04 -5.79 6.24
CA MET A 775 46.32 -4.80 7.31
C MET A 775 47.10 -5.49 8.43
N ALA A 776 46.70 -6.70 8.82
CA ALA A 776 47.37 -7.43 9.89
C ALA A 776 48.79 -7.84 9.47
N VAL A 777 48.94 -8.31 8.23
CA VAL A 777 50.27 -8.70 7.75
C VAL A 777 51.20 -7.49 7.73
N HIS A 778 50.69 -6.35 7.28
CA HIS A 778 51.51 -5.15 7.24
C HIS A 778 51.94 -4.73 8.64
N SER A 779 51.03 -4.84 9.61
CA SER A 779 51.28 -4.44 11.02
C SER A 779 52.36 -5.33 11.63
N ILE A 780 52.30 -6.64 11.38
CA ILE A 780 53.27 -7.65 11.89
C ILE A 780 54.65 -7.36 11.27
N GLN A 781 54.68 -7.02 9.98
CA GLN A 781 55.92 -6.71 9.20
C GLN A 781 56.59 -5.46 9.76
N ASP A 782 55.78 -4.46 10.14
CA ASP A 782 56.26 -3.14 10.67
C ASP A 782 57.01 -3.35 11.98
N ILE A 783 56.53 -4.23 12.85
CA ILE A 783 57.16 -4.52 14.18
C ILE A 783 58.58 -5.05 13.95
N TYR A 784 58.75 -5.97 13.00
CA TYR A 784 60.05 -6.58 12.61
C TYR A 784 60.95 -5.53 11.96
N ARG A 785 60.35 -4.63 11.17
CA ARG A 785 61.08 -3.54 10.46
C ARG A 785 61.50 -2.44 11.46
N SER A 786 60.83 -2.34 12.61
CA SER A 786 61.13 -1.38 13.70
C SER A 786 62.52 -1.68 14.26
N GLY A 787 62.86 -2.96 14.38
CA GLY A 787 64.16 -3.44 14.91
C GLY A 787 64.13 -3.70 16.41
N THR A 788 62.96 -3.63 17.04
CA THR A 788 62.78 -3.84 18.51
C THR A 788 62.74 -5.34 18.80
N ARG A 789 62.86 -5.72 20.07
CA ARG A 789 62.83 -7.14 20.52
C ARG A 789 61.43 -7.68 20.27
N ILE A 790 61.31 -8.95 19.85
CA ILE A 790 59.99 -9.58 19.53
C ILE A 790 59.53 -10.39 20.76
N THR A 791 58.41 -10.01 21.39
CA THR A 791 57.81 -10.70 22.56
C THR A 791 56.32 -10.94 22.28
N VAL A 792 55.67 -11.76 23.09
CA VAL A 792 54.22 -12.12 22.93
C VAL A 792 53.36 -10.93 23.38
N SER A 793 53.88 -10.11 24.30
CA SER A 793 53.23 -8.88 24.84
C SER A 793 53.13 -7.84 23.71
N LEU A 794 54.16 -7.75 22.87
CA LEU A 794 54.27 -6.79 21.74
C LEU A 794 53.15 -7.03 20.72
N PHE A 795 52.85 -8.30 20.40
CA PHE A 795 51.79 -8.69 19.45
C PHE A 795 50.43 -8.26 19.99
N PHE A 796 50.19 -8.48 21.29
CA PHE A 796 48.95 -8.12 22.02
C PHE A 796 48.86 -6.59 22.09
N GLN A 797 49.99 -5.92 22.29
CA GLN A 797 50.11 -4.45 22.41
C GLN A 797 49.66 -3.81 21.09
N ASN A 798 50.00 -4.42 19.95
CA ASN A 798 49.64 -3.94 18.60
C ASN A 798 48.11 -3.99 18.46
N SER A 799 47.41 -2.84 18.51
CA SER A 799 45.96 -2.79 18.43
C SER A 799 45.44 -3.39 17.12
N GLU A 800 46.08 -3.04 16.01
CA GLU A 800 45.61 -3.54 14.72
C GLU A 800 45.59 -5.06 14.69
N PHE A 801 46.76 -5.68 14.89
CA PHE A 801 46.84 -7.14 14.86
C PHE A 801 45.90 -7.76 15.88
N ARG A 802 45.93 -7.26 17.11
CA ARG A 802 45.10 -7.82 18.17
C ARG A 802 43.63 -7.85 17.73
N ASP A 803 43.05 -6.67 17.51
CA ASP A 803 41.63 -6.59 17.19
C ASP A 803 41.31 -7.41 15.95
N LEU A 804 42.09 -7.26 14.88
CA LEU A 804 41.72 -7.87 13.61
C LEU A 804 41.82 -9.39 13.66
N VAL A 805 42.85 -9.94 14.29
CA VAL A 805 43.17 -11.36 14.18
C VAL A 805 42.75 -12.12 15.43
N VAL A 806 43.19 -11.67 16.62
CA VAL A 806 43.00 -12.48 17.82
C VAL A 806 41.51 -12.68 18.09
N ALA A 807 40.72 -11.60 18.00
CA ALA A 807 39.30 -11.71 18.32
C ALA A 807 38.59 -12.66 17.37
N THR A 808 38.79 -12.47 16.07
CA THR A 808 38.10 -13.31 15.09
C THR A 808 38.55 -14.75 15.20
N SER A 809 39.85 -14.98 15.38
CA SER A 809 40.34 -16.34 15.53
C SER A 809 39.77 -17.01 16.77
N SER A 810 39.67 -16.25 17.87
CA SER A 810 39.10 -16.80 19.09
C SER A 810 37.63 -17.18 18.89
N THR A 811 36.87 -16.31 18.21
CA THR A 811 35.48 -16.64 17.95
C THR A 811 35.36 -17.90 17.10
N TYR A 812 36.18 -17.99 16.04
CA TYR A 812 36.14 -19.18 15.20
C TYR A 812 36.53 -20.43 15.98
N ALA A 813 37.53 -20.32 16.85
CA ALA A 813 37.95 -21.47 17.63
C ALA A 813 36.85 -21.92 18.58
N LEU A 814 36.14 -20.96 19.21
CA LEU A 814 35.04 -21.34 20.09
C LEU A 814 33.94 -22.05 19.31
N TYR A 815 33.60 -21.53 18.13
CA TYR A 815 32.59 -22.21 17.31
C TYR A 815 33.05 -23.61 16.95
N PHE A 816 34.31 -23.75 16.56
CA PHE A 816 34.84 -25.06 16.15
C PHE A 816 34.80 -26.05 17.30
N LEU A 817 35.23 -25.64 18.50
CA LEU A 817 35.22 -26.53 19.64
C LEU A 817 33.79 -26.93 20.01
N ALA A 818 32.87 -25.96 20.03
CA ALA A 818 31.49 -26.30 20.35
C ALA A 818 30.93 -27.28 19.34
N SER A 819 31.23 -27.09 18.05
CA SER A 819 30.74 -28.02 17.05
C SER A 819 31.31 -29.42 17.27
N PHE A 820 32.60 -29.52 17.56
CA PHE A 820 33.20 -30.83 17.77
C PHE A 820 32.63 -31.54 18.98
N LEU A 821 32.46 -30.82 20.09
CA LEU A 821 32.00 -31.47 21.32
C LEU A 821 30.61 -32.08 21.17
N TYR A 822 29.80 -31.57 20.25
CA TYR A 822 28.47 -32.10 19.99
C TYR A 822 28.47 -33.16 18.89
N PHE A 823 29.65 -33.57 18.42
CA PHE A 823 29.75 -34.60 17.38
C PHE A 823 29.01 -34.18 16.11
N GLU A 824 29.04 -32.88 15.82
CA GLU A 824 28.44 -32.32 14.60
C GLU A 824 29.44 -31.38 13.95
N PRO A 825 30.53 -31.92 13.39
CA PRO A 825 31.59 -31.08 12.85
C PRO A 825 31.43 -30.66 11.40
N TRP A 826 30.58 -31.32 10.62
CA TRP A 826 30.59 -31.14 9.18
C TRP A 826 30.21 -29.71 8.77
N HIS A 827 29.23 -29.12 9.47
CA HIS A 827 28.78 -27.79 9.09
C HIS A 827 29.90 -26.75 9.18
N MET A 828 30.93 -27.01 9.98
CA MET A 828 32.04 -26.06 10.07
C MET A 828 32.89 -26.05 8.82
N PHE A 829 32.78 -27.07 7.97
CA PHE A 829 33.50 -27.14 6.71
C PHE A 829 32.60 -26.93 5.50
N THR A 830 31.51 -27.67 5.41
CA THR A 830 30.69 -27.62 4.20
C THR A 830 30.01 -26.26 4.02
N SER A 831 29.50 -25.68 5.10
CA SER A 831 28.60 -24.53 4.99
C SER A 831 29.08 -23.27 5.69
N PHE A 832 30.33 -23.23 6.19
CA PHE A 832 30.80 -22.03 6.86
C PHE A 832 30.97 -20.87 5.89
N VAL A 833 31.57 -21.14 4.73
CA VAL A 833 31.91 -20.06 3.80
C VAL A 833 30.66 -19.34 3.33
N GLN A 834 29.62 -20.09 2.99
CA GLN A 834 28.39 -19.46 2.52
C GLN A 834 27.80 -18.55 3.59
N TYR A 835 27.80 -19.00 4.84
CA TYR A 835 27.27 -18.16 5.91
C TYR A 835 28.09 -16.89 6.06
N ILE A 836 29.42 -17.01 6.01
CA ILE A 836 30.26 -15.83 6.15
C ILE A 836 29.97 -14.84 5.02
N LEU A 837 29.84 -15.34 3.80
CA LEU A 837 29.63 -14.45 2.67
C LEU A 837 28.23 -13.85 2.67
N LEU A 838 27.25 -14.54 3.27
CA LEU A 838 25.89 -14.03 3.29
C LEU A 838 25.58 -13.16 4.51
N SER A 839 26.45 -13.15 5.53
CA SER A 839 26.18 -12.37 6.73
C SER A 839 25.81 -10.92 6.46
N PRO A 840 26.56 -10.16 5.67
CA PRO A 840 26.17 -8.76 5.42
C PRO A 840 24.78 -8.65 4.82
N SER A 841 24.40 -9.58 3.96
CA SER A 841 23.03 -9.58 3.43
C SER A 841 22.03 -9.79 4.55
N TYR A 842 22.30 -10.74 5.45
CA TYR A 842 21.43 -10.95 6.60
C TYR A 842 21.21 -9.64 7.35
N VAL A 843 22.29 -8.91 7.62
CA VAL A 843 22.15 -7.71 8.43
C VAL A 843 21.44 -6.60 7.65
N ASN A 844 21.79 -6.41 6.38
CA ASN A 844 21.27 -5.27 5.63
C ASN A 844 19.89 -5.55 5.04
N VAL A 845 19.81 -6.49 4.11
CA VAL A 845 18.59 -6.64 3.32
C VAL A 845 17.44 -7.14 4.19
N LEU A 846 17.68 -8.21 4.94
CA LEU A 846 16.60 -8.77 5.75
C LEU A 846 16.14 -7.78 6.81
N ASN A 847 17.07 -7.12 7.48
CA ASN A 847 16.69 -6.19 8.55
C ASN A 847 15.92 -5.01 8.00
N ILE A 848 16.38 -4.44 6.88
CA ILE A 848 15.68 -3.31 6.28
C ILE A 848 14.27 -3.72 5.87
N TYR A 849 14.15 -4.85 5.18
CA TYR A 849 12.83 -5.28 4.74
C TYR A 849 11.92 -5.57 5.92
N ALA A 850 12.46 -6.17 6.98
CA ALA A 850 11.65 -6.50 8.14
C ALA A 850 11.12 -5.24 8.81
N PHE A 851 11.98 -4.24 9.01
CA PHE A 851 11.53 -3.04 9.70
C PHE A 851 10.60 -2.21 8.82
N CYS A 852 10.84 -2.16 7.52
CA CYS A 852 9.97 -1.37 6.65
C CYS A 852 8.55 -1.93 6.62
N ASN A 853 8.37 -3.21 6.93
CA ASN A 853 7.06 -3.85 6.90
C ASN A 853 6.66 -4.37 8.27
N ILE A 854 6.86 -3.57 9.30
CA ILE A 854 6.44 -3.98 10.64
C ILE A 854 4.93 -4.23 10.66
N ASP A 855 4.16 -3.33 10.06
CA ASP A 855 2.73 -3.54 9.94
C ASP A 855 2.45 -4.60 8.88
N ASP A 856 1.56 -5.53 9.20
CA ASP A 856 1.16 -6.59 8.26
C ASP A 856 -0.32 -6.36 7.95
N ILE A 857 -0.57 -5.53 6.94
CA ILE A 857 -1.94 -5.11 6.61
C ILE A 857 -2.47 -6.10 5.58
N SER A 858 -3.06 -7.19 6.06
CA SER A 858 -3.66 -8.16 5.16
C SER A 858 -5.04 -7.70 4.68
N TRP A 859 -5.88 -7.22 5.58
CA TRP A 859 -7.22 -6.79 5.20
C TRP A 859 -7.16 -5.57 4.28
N GLY A 860 -8.17 -5.44 3.42
CA GLY A 860 -8.24 -4.39 2.43
C GLY A 860 -9.31 -3.34 2.72
N THR A 861 -9.50 -2.46 1.74
CA THR A 861 -10.47 -1.38 1.86
C THR A 861 -11.90 -1.93 1.88
N LYS A 862 -12.81 -1.11 2.38
CA LYS A 862 -14.22 -1.44 2.52
C LYS A 862 -15.09 -0.41 1.83
N GLY A 863 -16.24 -0.88 1.35
CA GLY A 863 -17.21 0.00 0.72
C GLY A 863 -18.65 -0.41 0.92
N GLU A 864 -19.45 0.52 1.44
CA GLU A 864 -20.89 0.29 1.57
C GLU A 864 -21.53 0.13 0.19
N VAL A 865 -21.04 0.87 -0.79
CA VAL A 865 -21.38 0.64 -2.20
C VAL A 865 -22.88 0.78 -2.46
N GLY A 866 -23.54 1.57 -1.63
CA GLY A 866 -24.90 2.00 -1.92
C GLY A 866 -25.86 0.90 -2.32
N GLY A 867 -26.32 0.97 -3.57
CA GLY A 867 -27.30 0.06 -4.09
C GLY A 867 -28.70 0.13 -3.50
N LYS A 868 -29.28 1.33 -3.38
CA LYS A 868 -30.71 1.43 -3.05
C LYS A 868 -31.51 0.71 -4.14
N SER A 869 -32.46 -0.13 -3.73
CA SER A 869 -33.26 -0.91 -4.67
C SER A 869 -34.47 -0.07 -5.09
N LEU A 870 -34.22 0.92 -5.95
CA LEU A 870 -35.29 1.76 -6.44
C LEU A 870 -36.28 0.96 -7.28
N GLY A 871 -35.79 0.08 -8.15
CA GLY A 871 -36.63 -0.75 -8.98
C GLY A 871 -36.05 -1.05 -10.35
N GLU A 872 -36.84 -1.74 -11.17
CA GLU A 872 -36.44 -2.14 -12.51
C GLU A 872 -37.61 -1.92 -13.46
N ALA A 873 -37.30 -1.85 -14.75
CA ALA A 873 -38.31 -1.73 -15.80
C ALA A 873 -38.22 -2.95 -16.71
N LYS A 874 -39.33 -3.65 -16.86
CA LYS A 874 -39.42 -4.82 -17.71
C LYS A 874 -39.97 -4.43 -19.07
N LEU A 875 -39.80 -5.33 -20.04
CA LEU A 875 -40.29 -5.12 -21.41
C LEU A 875 -41.32 -6.18 -21.73
N ARG A 876 -42.49 -5.75 -22.19
CA ARG A 876 -43.55 -6.67 -22.57
C ARG A 876 -43.41 -7.05 -24.04
N GLU A 877 -44.34 -7.87 -24.51
CA GLU A 877 -44.34 -8.26 -25.92
C GLU A 877 -44.46 -7.03 -26.81
N ASP A 878 -45.32 -6.09 -26.45
CA ASP A 878 -45.42 -4.83 -27.16
C ASP A 878 -44.26 -3.91 -26.77
N GLY A 879 -44.11 -2.82 -27.52
CA GLY A 879 -43.02 -1.91 -27.28
C GLY A 879 -43.08 -1.23 -25.92
N THR A 880 -44.29 -1.11 -25.36
CA THR A 880 -44.46 -0.39 -24.11
C THR A 880 -43.61 -1.01 -23.00
N PHE A 881 -43.11 -0.16 -22.12
CA PHE A 881 -42.34 -0.58 -20.95
C PHE A 881 -43.17 -0.36 -19.70
N ASP A 882 -43.10 -1.33 -18.78
CA ASP A 882 -43.84 -1.25 -17.52
C ASP A 882 -42.97 -0.56 -16.47
N VAL A 883 -43.43 0.58 -15.97
CA VAL A 883 -42.68 1.41 -15.05
C VAL A 883 -43.59 1.82 -13.90
N SER A 884 -42.98 2.36 -12.84
CA SER A 884 -43.69 2.82 -11.65
C SER A 884 -43.13 4.20 -11.28
N VAL A 885 -43.84 5.25 -11.66
CA VAL A 885 -43.41 6.63 -11.39
C VAL A 885 -44.56 7.41 -10.77
N PRO A 886 -44.28 8.46 -9.99
CA PRO A 886 -45.38 9.22 -9.37
C PRO A 886 -46.29 9.85 -10.41
N ILE A 887 -47.59 9.89 -10.08
CA ILE A 887 -48.61 10.41 -10.98
C ILE A 887 -49.44 11.50 -10.30
N SER A 888 -49.94 11.22 -9.10
CA SER A 888 -50.82 12.17 -8.42
C SER A 888 -50.11 13.49 -8.18
N LYS A 889 -50.79 14.59 -8.48
CA LYS A 889 -50.19 15.90 -8.31
C LYS A 889 -49.86 16.18 -6.86
N GLU A 890 -50.68 15.67 -5.93
CA GLU A 890 -50.44 15.93 -4.52
C GLU A 890 -49.09 15.40 -4.08
N GLN A 891 -48.75 14.17 -4.49
CA GLN A 891 -47.47 13.59 -4.10
C GLN A 891 -46.31 14.38 -4.68
N ILE A 892 -46.41 14.80 -5.93
CA ILE A 892 -45.33 15.57 -6.56
C ILE A 892 -45.15 16.89 -5.84
N ASN A 893 -46.24 17.58 -5.54
CA ASN A 893 -46.14 18.85 -4.84
C ASN A 893 -45.56 18.67 -3.44
N GLN A 894 -45.96 17.60 -2.75
CA GLN A 894 -45.41 17.34 -1.43
C GLN A 894 -43.91 17.10 -1.49
N SER A 895 -43.47 16.31 -2.48
CA SER A 895 -42.03 16.07 -2.63
C SER A 895 -41.29 17.36 -2.95
N TYR A 896 -41.85 18.19 -3.81
CA TYR A 896 -41.20 19.46 -4.15
C TYR A 896 -41.10 20.37 -2.93
N LEU A 897 -42.17 20.45 -2.13
CA LEU A 897 -42.12 21.25 -0.91
C LEU A 897 -41.10 20.69 0.07
N ASP A 898 -41.00 19.37 0.15
CA ASP A 898 -40.00 18.75 1.01
C ASP A 898 -38.60 19.15 0.58
N GLN A 899 -38.34 19.13 -0.73
CA GLN A 899 -37.02 19.56 -1.22
C GLN A 899 -36.77 21.02 -0.91
N LEU A 900 -37.78 21.87 -1.08
CA LEU A 900 -37.61 23.29 -0.78
C LEU A 900 -37.29 23.50 0.68
N GLU A 901 -37.98 22.80 1.58
CA GLU A 901 -37.71 22.95 3.00
C GLU A 901 -36.34 22.39 3.36
N LYS A 902 -35.93 21.29 2.72
CA LYS A 902 -34.61 20.74 2.97
C LYS A 902 -33.52 21.73 2.59
N ILE A 903 -33.66 22.38 1.43
CA ILE A 903 -32.63 23.31 0.97
C ILE A 903 -32.74 24.67 1.65
N ARG A 904 -33.87 24.98 2.27
CA ARG A 904 -34.05 26.31 2.88
C ARG A 904 -33.17 26.48 4.11
N ASP A 905 -33.07 25.44 4.93
CA ASP A 905 -32.31 25.56 6.17
C ASP A 905 -30.81 25.50 5.87
N PRO A 906 -29.98 26.13 6.71
CA PRO A 906 -28.53 26.03 6.54
C PRO A 906 -28.03 24.65 6.97
N ALA A 907 -26.85 24.31 6.47
CA ALA A 907 -26.26 23.01 6.77
C ALA A 907 -25.66 23.02 8.16
N PRO A 908 -26.06 22.12 9.07
CA PRO A 908 -25.51 22.14 10.42
C PRO A 908 -24.07 21.63 10.43
N PRO A 909 -23.24 22.12 11.34
CA PRO A 909 -21.85 21.65 11.40
C PRO A 909 -21.76 20.19 11.81
N GLU A 910 -20.74 19.50 11.30
CA GLU A 910 -20.49 18.11 11.61
C GLU A 910 -18.99 17.91 11.77
N GLU A 911 -18.55 17.62 12.99
CA GLU A 911 -17.14 17.44 13.29
C GLU A 911 -16.82 15.94 13.29
N LYS A 912 -15.91 15.54 12.40
CA LYS A 912 -15.51 14.13 12.30
C LYS A 912 -14.74 13.74 13.55
N VAL A 913 -15.36 12.93 14.41
CA VAL A 913 -14.71 12.43 15.62
C VAL A 913 -14.69 10.91 15.58
N LEU A 914 -14.62 10.36 14.38
CA LEU A 914 -14.67 8.91 14.22
C LEU A 914 -13.42 8.25 14.79
N VAL A 915 -13.59 7.02 15.27
CA VAL A 915 -12.45 6.25 15.78
C VAL A 915 -11.46 5.97 14.67
N THR A 916 -11.93 5.86 13.42
CA THR A 916 -11.09 5.59 12.26
C THR A 916 -10.68 4.12 12.23
N ASN A 917 -9.84 3.78 11.24
CA ASN A 917 -9.45 2.40 11.01
C ASN A 917 -8.12 2.11 11.68
N THR A 918 -7.86 0.82 11.91
CA THR A 918 -6.65 0.40 12.59
C THR A 918 -5.44 0.37 11.67
N GLU A 919 -5.64 0.30 10.36
CA GLU A 919 -4.48 0.24 9.45
C GLU A 919 -3.66 1.51 9.55
N ASP A 920 -4.29 2.65 9.76
CA ASP A 920 -3.53 3.87 10.00
C ASP A 920 -2.71 3.78 11.27
N TYR A 921 -3.27 3.17 12.32
CA TYR A 921 -2.53 3.03 13.57
C TYR A 921 -1.26 2.23 13.37
N TYR A 922 -1.35 1.10 12.65
CA TYR A 922 -0.18 0.26 12.45
C TYR A 922 0.78 0.88 11.45
N ALA A 923 0.26 1.56 10.43
CA ALA A 923 1.13 2.31 9.54
C ALA A 923 1.90 3.37 10.31
N PHE A 924 1.24 4.04 11.24
CA PHE A 924 1.92 5.05 12.05
C PHE A 924 3.00 4.41 12.93
N ILE A 925 2.69 3.28 13.57
CA ILE A 925 3.64 2.64 14.45
C ILE A 925 4.88 2.20 13.67
N ARG A 926 4.67 1.63 12.48
CA ARG A 926 5.81 1.21 11.68
C ARG A 926 6.67 2.40 11.26
N SER A 927 6.02 3.50 10.87
CA SER A 927 6.78 4.66 10.40
C SER A 927 7.66 5.24 11.50
N MET A 928 7.14 5.33 12.72
CA MET A 928 7.95 5.85 13.82
C MET A 928 9.15 4.94 14.09
N THR A 929 8.93 3.62 14.04
CA THR A 929 10.00 2.69 14.37
C THR A 929 11.18 2.83 13.42
N VAL A 930 10.91 2.91 12.11
CA VAL A 930 12.00 3.04 11.16
C VAL A 930 12.71 4.38 11.33
N LEU A 931 11.95 5.44 11.62
CA LEU A 931 12.56 6.75 11.80
C LEU A 931 13.49 6.77 13.00
N VAL A 932 13.03 6.22 14.13
CA VAL A 932 13.90 6.14 15.31
C VAL A 932 15.11 5.26 15.00
N TRP A 933 14.88 4.15 14.30
CA TRP A 933 15.97 3.26 13.93
C TRP A 933 17.00 3.99 13.08
N MET A 934 16.54 4.77 12.09
CA MET A 934 17.46 5.54 11.26
C MET A 934 18.22 6.57 12.07
N PHE A 935 17.52 7.33 12.91
CA PHE A 935 18.15 8.42 13.63
C PHE A 935 19.25 7.91 14.55
N THR A 936 18.95 6.88 15.34
CA THR A 936 19.92 6.39 16.32
C THR A 936 21.16 5.84 15.63
N ASN A 937 20.99 5.08 14.55
CA ASN A 937 22.14 4.57 13.83
C ASN A 937 22.99 5.69 13.27
N PHE A 938 22.36 6.73 12.70
CA PHE A 938 23.13 7.81 12.10
C PHE A 938 23.91 8.58 13.15
N VAL A 939 23.34 8.78 14.34
CA VAL A 939 24.06 9.48 15.38
C VAL A 939 25.36 8.75 15.73
N VAL A 940 25.29 7.42 15.82
CA VAL A 940 26.49 6.64 16.11
C VAL A 940 27.51 6.79 14.99
N ILE A 941 27.05 6.73 13.74
CA ILE A 941 27.96 6.86 12.62
C ILE A 941 28.62 8.23 12.64
N ALA A 942 27.84 9.28 12.91
CA ALA A 942 28.42 10.63 12.94
C ALA A 942 29.49 10.75 14.01
N LEU A 943 29.25 10.21 15.20
CA LEU A 943 30.24 10.31 16.26
C LEU A 943 31.55 9.62 15.88
N VAL A 944 31.46 8.42 15.33
CA VAL A 944 32.65 7.63 15.06
C VAL A 944 33.46 8.23 13.91
N LEU A 945 32.78 8.64 12.84
CA LEU A 945 33.45 9.12 11.64
C LEU A 945 33.34 10.62 11.44
N GLU A 946 32.56 11.32 12.25
CA GLU A 946 32.38 12.77 12.10
C GLU A 946 31.85 13.10 10.70
N THR A 947 30.88 12.31 10.23
CA THR A 947 30.33 12.52 8.90
C THR A 947 29.47 13.76 8.83
N GLY A 948 28.75 14.08 9.90
CA GLY A 948 27.81 15.19 9.85
C GLY A 948 28.53 16.51 9.91
N GLY A 949 28.04 17.44 10.71
CA GLY A 949 28.75 18.70 10.87
C GLY A 949 29.90 18.66 11.84
N PHE A 950 30.15 17.51 12.46
CA PHE A 950 31.15 17.43 13.52
C PHE A 950 32.55 17.76 12.99
N ASN A 951 32.81 17.49 11.72
CA ASN A 951 34.12 17.83 11.17
C ASN A 951 34.38 19.32 11.16
N GLN A 952 33.32 20.14 11.28
CA GLN A 952 33.52 21.59 11.29
C GLN A 952 34.20 22.07 12.57
N PHE A 953 34.17 21.26 13.63
CA PHE A 953 34.74 21.60 14.96
C PHE A 953 36.22 21.18 15.08
N VAL A 954 36.79 20.53 14.06
CA VAL A 954 38.19 20.03 14.07
C VAL A 954 39.00 20.74 12.98
N GLU A 955 40.33 20.77 13.14
CA GLU A 955 41.29 21.38 12.19
C GLU A 955 41.58 20.38 11.07
N ALA A 956 42.04 20.86 9.91
CA ALA A 956 42.35 20.05 8.72
C ALA A 956 43.52 19.11 9.00
N THR A 957 44.53 19.58 9.74
CA THR A 957 45.75 18.80 10.08
C THR A 957 45.44 17.80 11.20
N ASP A 958 44.44 18.09 12.04
CA ASP A 958 44.03 17.25 13.19
C ASP A 958 42.81 16.38 12.84
N LEU A 959 42.21 16.54 11.66
CA LEU A 959 41.03 15.77 11.20
C LEU A 959 41.43 14.31 10.91
N ALA A 960 42.58 14.12 10.26
CA ALA A 960 43.16 12.80 9.87
C ALA A 960 43.54 12.00 11.11
N ASN A 961 44.07 12.67 12.14
CA ASN A 961 44.56 12.07 13.40
C ASN A 961 43.40 11.76 14.36
N LEU A 962 42.33 12.57 14.35
CA LEU A 962 41.18 12.41 15.28
C LEU A 962 40.19 11.36 14.76
N LYS A 963 40.12 11.15 13.44
CA LYS A 963 39.20 10.15 12.83
C LYS A 963 39.72 8.72 13.07
N SER A 964 41.05 8.56 13.06
CA SER A 964 41.75 7.25 13.22
C SER A 964 41.54 6.67 14.63
N ASN A 965 41.70 7.47 15.69
CA ASN A 965 41.59 7.00 17.06
C ASN A 965 40.19 6.48 17.35
N ARG A 966 39.17 7.24 16.93
CA ARG A 966 37.80 6.80 17.16
C ARG A 966 37.50 5.51 16.40
N ALA A 967 37.99 5.39 15.17
CA ALA A 967 37.77 4.16 14.41
C ALA A 967 38.42 2.96 15.10
N ALA A 968 39.63 3.13 15.60
CA ALA A 968 40.29 2.02 16.29
C ALA A 968 39.51 1.62 17.53
N VAL A 969 39.06 2.61 18.32
CA VAL A 969 38.31 2.30 19.52
C VAL A 969 37.03 1.55 19.16
N PHE A 970 36.32 2.01 18.13
CA PHE A 970 35.08 1.35 17.75
C PHE A 970 35.33 -0.08 17.29
N LEU A 971 36.38 -0.29 16.49
CA LEU A 971 36.67 -1.63 16.01
C LEU A 971 36.95 -2.58 17.17
N THR A 972 37.81 -2.16 18.10
CA THR A 972 38.11 -3.03 19.23
C THR A 972 36.85 -3.32 20.03
N VAL A 973 36.03 -2.30 20.27
CA VAL A 973 34.83 -2.49 21.09
C VAL A 973 33.91 -3.51 20.43
N ILE A 974 33.61 -3.35 19.14
CA ILE A 974 32.63 -4.22 18.50
C ILE A 974 33.17 -5.65 18.42
N LEU A 975 34.43 -5.81 18.00
CA LEU A 975 34.97 -7.15 17.85
C LEU A 975 35.01 -7.89 19.18
N TRP A 976 35.43 -7.20 20.25
CA TRP A 976 35.53 -7.88 21.53
C TRP A 976 34.16 -8.12 22.14
N THR A 977 33.17 -7.28 21.83
CA THR A 977 31.80 -7.59 22.24
C THR A 977 31.34 -8.89 21.62
N VAL A 978 31.57 -9.05 20.31
CA VAL A 978 31.19 -10.30 19.65
C VAL A 978 31.91 -11.48 20.30
N ALA A 979 33.22 -11.34 20.53
CA ALA A 979 33.99 -12.44 21.08
C ALA A 979 33.49 -12.83 22.47
N PHE A 980 33.19 -11.85 23.32
CA PHE A 980 32.75 -12.16 24.67
C PHE A 980 31.37 -12.80 24.67
N MET A 981 30.48 -12.36 23.78
CA MET A 981 29.20 -13.04 23.68
C MET A 981 29.40 -14.50 23.25
N ALA A 982 30.32 -14.73 22.31
CA ALA A 982 30.61 -16.10 21.90
C ALA A 982 31.11 -16.93 23.08
N LEU A 983 32.00 -16.36 23.89
CA LEU A 983 32.50 -17.09 25.05
C LEU A 983 31.38 -17.41 26.04
N PHE A 984 30.50 -16.44 26.26
CA PHE A 984 29.35 -16.64 27.14
C PHE A 984 28.52 -17.85 26.68
N ARG A 985 28.18 -17.87 25.39
CA ARG A 985 27.38 -18.99 24.87
C ARG A 985 28.15 -20.30 24.94
N PHE A 986 29.46 -20.26 24.75
CA PHE A 986 30.27 -21.48 24.83
C PHE A 986 30.22 -22.08 26.23
N ILE A 987 30.43 -21.24 27.24
CA ILE A 987 30.32 -21.72 28.62
C ILE A 987 28.93 -22.29 28.87
N GLY A 988 27.91 -21.58 28.41
CA GLY A 988 26.54 -22.06 28.54
C GLY A 988 26.38 -23.47 28.00
N CYS A 989 26.84 -23.70 26.77
CA CYS A 989 26.64 -25.00 26.14
C CYS A 989 27.42 -26.09 26.87
N ILE A 990 28.64 -25.77 27.33
CA ILE A 990 29.41 -26.77 28.07
C ILE A 990 28.66 -27.18 29.33
N TYR A 991 28.12 -26.19 30.06
CA TYR A 991 27.31 -26.49 31.24
C TYR A 991 26.13 -27.38 30.88
N TYR A 992 25.46 -27.07 29.76
CA TYR A 992 24.31 -27.88 29.37
C TYR A 992 24.72 -29.31 29.12
N LEU A 993 25.82 -29.53 28.41
CA LEU A 993 26.29 -30.89 28.16
C LEU A 993 26.57 -31.61 29.47
N ILE A 994 27.28 -30.95 30.39
CA ILE A 994 27.67 -31.60 31.63
C ILE A 994 26.43 -31.99 32.43
N THR A 995 25.48 -31.07 32.56
CA THR A 995 24.31 -31.35 33.38
C THR A 995 23.42 -32.41 32.73
N ARG A 996 23.30 -32.39 31.40
CA ARG A 996 22.49 -33.40 30.74
C ARG A 996 23.13 -34.79 30.89
N LEU A 997 24.45 -34.87 30.76
CA LEU A 997 25.12 -36.15 30.97
C LEU A 997 24.94 -36.63 32.39
N GLY A 998 25.05 -35.71 33.36
CA GLY A 998 24.83 -36.09 34.75
C GLY A 998 23.42 -36.61 35.00
N ARG A 999 22.42 -35.93 34.43
CA ARG A 999 21.05 -36.39 34.58
C ARG A 999 20.86 -37.76 33.94
N GLU A 1000 21.46 -37.97 32.78
CA GLU A 1000 21.37 -39.27 32.12
C GLU A 1000 22.00 -40.36 32.99
N ILE A 1001 23.14 -40.05 33.61
CA ILE A 1001 23.80 -41.04 34.46
C ILE A 1001 22.88 -41.42 35.62
N LYS A 1002 22.26 -40.43 36.25
CA LYS A 1002 21.32 -40.69 37.34
C LYS A 1002 20.06 -41.37 36.82
N GLN B 134 -38.40 30.00 3.31
CA GLN B 134 -38.75 30.75 2.11
C GLN B 134 -37.68 30.54 1.03
N ALA B 135 -37.83 29.45 0.27
CA ALA B 135 -36.85 29.16 -0.79
C ALA B 135 -36.84 30.25 -1.85
N PHE B 136 -38.01 30.75 -2.22
CA PHE B 136 -38.15 31.78 -3.25
C PHE B 136 -38.30 33.14 -2.60
N ILE B 137 -37.52 34.11 -3.06
CA ILE B 137 -37.57 35.47 -2.53
C ILE B 137 -37.55 36.44 -3.71
N PRO B 138 -38.02 37.67 -3.49
CA PRO B 138 -37.99 38.66 -4.57
C PRO B 138 -36.57 38.95 -5.02
N HIS B 139 -36.40 39.17 -6.32
CA HIS B 139 -35.08 39.39 -6.87
C HIS B 139 -34.47 40.67 -6.32
N VAL B 140 -33.21 40.59 -5.90
CA VAL B 140 -32.47 41.72 -5.35
C VAL B 140 -31.14 41.81 -6.07
N TYR B 141 -30.75 43.01 -6.48
CA TYR B 141 -29.51 43.24 -7.19
C TYR B 141 -28.48 43.83 -6.23
N ASP B 142 -27.27 43.27 -6.23
CA ASP B 142 -26.21 43.73 -5.37
C ASP B 142 -25.52 44.95 -5.98
N GLU B 143 -24.47 45.43 -5.31
CA GLU B 143 -23.74 46.58 -5.82
C GLU B 143 -23.12 46.29 -7.18
N GLU B 144 -22.61 45.07 -7.36
CA GLU B 144 -21.93 44.67 -8.59
C GLU B 144 -22.90 44.18 -9.66
N ASP B 145 -24.21 44.17 -9.39
CA ASP B 145 -25.20 43.67 -10.31
C ASP B 145 -25.79 44.76 -11.20
N ASN B 146 -25.13 45.92 -11.28
CA ASN B 146 -25.60 46.97 -12.17
C ASN B 146 -25.56 46.53 -13.63
N ASP B 147 -24.51 45.79 -14.01
CA ASP B 147 -24.44 45.25 -15.36
C ASP B 147 -25.58 44.27 -15.60
N GLU B 148 -25.91 43.45 -14.60
CA GLU B 148 -27.06 42.56 -14.73
C GLU B 148 -28.35 43.36 -14.92
N GLN B 149 -28.49 44.46 -14.19
CA GLN B 149 -29.66 45.31 -14.34
C GLN B 149 -29.75 45.84 -15.77
N GLU B 150 -28.62 46.31 -16.32
CA GLU B 150 -28.61 46.79 -17.70
C GLU B 150 -29.02 45.66 -18.66
N TYR B 151 -28.46 44.47 -18.47
CA TYR B 151 -28.85 43.33 -19.29
C TYR B 151 -30.36 43.13 -19.24
N ASP B 152 -30.94 43.19 -18.03
CA ASP B 152 -32.37 43.03 -17.89
C ASP B 152 -33.13 44.12 -18.63
N GLN B 153 -32.61 45.36 -18.60
CA GLN B 153 -33.26 46.44 -19.33
C GLN B 153 -33.27 46.15 -20.83
N ARG B 154 -32.20 45.53 -21.34
CA ARG B 154 -32.13 45.26 -22.77
C ARG B 154 -33.03 44.09 -23.20
N ILE B 155 -33.46 43.24 -22.26
CA ILE B 155 -34.23 42.04 -22.59
C ILE B 155 -35.71 42.30 -22.34
N GLN B 156 -36.56 41.78 -23.23
CA GLN B 156 -37.99 42.01 -23.14
C GLN B 156 -38.62 41.22 -22.00
N TYR B 157 -38.26 39.94 -21.87
CA TYR B 157 -38.78 39.04 -20.84
C TYR B 157 -40.25 38.68 -21.04
N ASN B 158 -40.81 38.89 -22.23
CA ASN B 158 -42.21 38.56 -22.49
C ASN B 158 -42.42 37.60 -23.65
N GLN B 159 -41.36 37.16 -24.32
CA GLN B 159 -41.48 36.30 -25.51
C GLN B 159 -40.72 35.01 -25.32
N PHE B 160 -40.84 34.41 -24.13
CA PHE B 160 -40.19 33.12 -23.84
C PHE B 160 -41.15 32.01 -24.26
N GLN B 161 -41.21 31.78 -25.57
CA GLN B 161 -42.10 30.80 -26.17
C GLN B 161 -41.29 29.60 -26.62
N GLY B 162 -41.62 28.42 -26.11
CA GLY B 162 -40.93 27.21 -26.49
C GLY B 162 -41.50 26.57 -27.73
N ASP B 163 -40.70 25.72 -28.37
CA ASP B 163 -41.11 25.02 -29.58
C ASP B 163 -41.86 23.75 -29.22
N HIS B 164 -42.98 23.50 -29.90
CA HIS B 164 -43.76 22.30 -29.67
C HIS B 164 -42.99 21.06 -30.14
N PHE B 165 -43.04 20.01 -29.32
CA PHE B 165 -42.41 18.74 -29.67
C PHE B 165 -43.31 17.61 -29.19
N ASP B 166 -43.13 16.44 -29.81
CA ASP B 166 -43.94 15.29 -29.48
C ASP B 166 -43.49 14.67 -28.17
N LEU B 167 -44.45 14.30 -27.33
CA LEU B 167 -44.18 13.67 -26.04
C LEU B 167 -44.22 12.15 -26.17
N ALA B 168 -43.85 11.48 -25.09
CA ALA B 168 -43.86 10.02 -25.00
C ALA B 168 -44.86 9.60 -23.94
N ALA B 169 -45.78 8.71 -24.30
CA ALA B 169 -46.81 8.24 -23.38
C ALA B 169 -46.19 7.56 -22.17
N THR B 238 -48.11 1.03 -15.04
CA THR B 238 -48.19 2.02 -16.11
C THR B 238 -47.36 1.59 -17.30
N ARG B 239 -47.87 1.81 -18.50
CA ARG B 239 -47.21 1.46 -19.74
C ARG B 239 -46.77 2.74 -20.45
N ALA B 240 -45.50 2.78 -20.86
CA ALA B 240 -44.93 3.93 -21.53
C ALA B 240 -44.33 3.51 -22.86
N THR B 241 -44.58 4.32 -23.90
CA THR B 241 -44.07 4.04 -25.24
C THR B 241 -42.70 4.68 -25.40
N GLY B 242 -41.68 3.96 -24.93
CA GLY B 242 -40.33 4.46 -25.06
C GLY B 242 -39.92 4.60 -26.52
N LEU B 243 -39.23 5.69 -26.82
CA LEU B 243 -38.80 5.95 -28.19
C LEU B 243 -37.64 5.05 -28.58
N ASN B 244 -37.75 4.44 -29.76
CA ASN B 244 -36.67 3.63 -30.32
C ASN B 244 -36.28 2.49 -29.38
N GLY B 245 -37.22 1.99 -28.60
CA GLY B 245 -36.95 0.90 -27.69
C GLY B 245 -36.16 1.28 -26.46
N HIS B 246 -35.96 2.57 -26.22
CA HIS B 246 -35.28 3.05 -25.03
C HIS B 246 -36.29 3.58 -24.03
N LEU B 247 -35.91 3.50 -22.75
CA LEU B 247 -36.80 3.92 -21.66
C LEU B 247 -36.77 5.44 -21.58
N VAL B 248 -37.85 6.07 -22.03
CA VAL B 248 -37.98 7.52 -22.03
C VAL B 248 -39.32 7.89 -21.41
N LEU B 249 -39.29 8.84 -20.48
CA LEU B 249 -40.49 9.27 -19.77
C LEU B 249 -40.56 10.79 -19.79
N ASP B 250 -41.71 11.33 -20.18
CA ASP B 250 -41.98 12.76 -20.14
C ASP B 250 -42.96 13.00 -18.99
N CYS B 251 -42.42 13.29 -17.81
CA CYS B 251 -43.26 13.50 -16.65
C CYS B 251 -43.60 14.98 -16.50
N PRO B 252 -44.72 15.30 -15.87
CA PRO B 252 -45.05 16.70 -15.61
C PRO B 252 -44.31 17.24 -14.40
N VAL B 253 -44.00 18.53 -14.46
CA VAL B 253 -43.27 19.17 -13.37
C VAL B 253 -44.25 19.59 -12.28
N ALA B 254 -43.70 19.86 -11.10
CA ALA B 254 -44.52 20.20 -9.94
C ALA B 254 -45.39 21.41 -10.24
N ASP B 255 -46.64 21.37 -9.75
CA ASP B 255 -47.57 22.45 -10.05
C ASP B 255 -47.11 23.77 -9.47
N GLU B 256 -46.48 23.76 -8.30
CA GLU B 256 -46.01 25.01 -7.71
C GLU B 256 -44.94 25.66 -8.57
N LEU B 257 -44.01 24.87 -9.09
CA LEU B 257 -42.97 25.42 -9.95
C LEU B 257 -43.56 26.07 -11.18
N LEU B 258 -44.55 25.43 -11.81
CA LEU B 258 -45.22 26.05 -12.95
C LEU B 258 -45.94 27.33 -12.52
N SER B 259 -46.60 27.29 -11.36
CA SER B 259 -47.34 28.47 -10.90
C SER B 259 -46.40 29.65 -10.70
N LYS B 260 -45.14 29.38 -10.34
CA LYS B 260 -44.18 30.47 -10.21
C LYS B 260 -43.94 31.17 -11.55
N PHE B 261 -43.92 30.42 -12.65
CA PHE B 261 -43.56 30.99 -13.94
C PHE B 261 -44.55 32.09 -14.32
N PRO B 262 -44.09 33.20 -14.92
CA PRO B 262 -45.03 34.28 -15.27
C PRO B 262 -46.14 33.85 -16.21
N ASP B 263 -45.84 32.97 -17.17
CA ASP B 263 -46.81 32.60 -18.19
C ASP B 263 -47.95 31.75 -17.65
N TYR B 264 -47.85 31.24 -16.43
CA TYR B 264 -48.88 30.38 -15.89
C TYR B 264 -50.21 31.11 -15.81
N ASN B 265 -51.28 30.42 -16.21
CA ASN B 265 -52.64 30.95 -16.15
C ASN B 265 -53.50 29.96 -15.37
N PRO B 266 -54.23 30.40 -14.33
CA PRO B 266 -55.07 29.45 -13.60
C PRO B 266 -56.20 28.87 -14.44
N ALA B 267 -56.73 29.64 -15.39
CA ALA B 267 -57.89 29.18 -16.15
C ALA B 267 -57.56 27.93 -16.97
N GLU B 268 -56.42 27.93 -17.64
CA GLU B 268 -56.04 26.81 -18.48
C GLU B 268 -55.39 25.71 -17.64
N LYS B 269 -55.82 24.47 -17.87
CA LYS B 269 -55.26 23.36 -17.10
C LYS B 269 -53.77 23.20 -17.36
N SER B 270 -53.35 23.33 -18.63
CA SER B 270 -51.94 23.27 -18.96
C SER B 270 -51.17 24.45 -18.35
N GLY B 271 -51.82 25.60 -18.25
CA GLY B 271 -51.19 26.82 -17.78
C GLY B 271 -50.70 27.74 -18.87
N GLY B 272 -50.89 27.38 -20.14
CA GLY B 272 -50.42 28.19 -21.23
C GLY B 272 -48.94 28.05 -21.53
N LEU B 273 -48.26 27.14 -20.86
CA LEU B 273 -46.83 26.95 -21.05
C LEU B 273 -46.58 25.97 -22.18
N SER B 274 -45.42 26.12 -22.82
CA SER B 274 -45.06 25.26 -23.94
C SER B 274 -44.76 23.84 -23.44
N ARG B 275 -44.67 22.92 -24.39
CA ARG B 275 -44.41 21.53 -24.03
C ARG B 275 -43.09 21.38 -23.30
N GLU B 276 -42.05 22.07 -23.78
CA GLU B 276 -40.73 21.93 -23.16
C GLU B 276 -40.74 22.50 -21.74
N PHE B 277 -41.46 23.59 -21.50
CA PHE B 277 -41.50 24.18 -20.17
C PHE B 277 -42.41 23.43 -19.21
N ALA B 278 -43.28 22.56 -19.72
CA ALA B 278 -44.24 21.87 -18.87
C ALA B 278 -43.77 20.49 -18.43
N PHE B 279 -43.00 19.79 -19.26
CA PHE B 279 -42.63 18.39 -19.01
C PHE B 279 -41.12 18.24 -18.97
N MET B 280 -40.65 17.46 -17.99
CA MET B 280 -39.25 17.11 -17.88
C MET B 280 -39.04 15.67 -18.35
N ARG B 281 -37.99 15.47 -19.14
CA ARG B 281 -37.76 14.21 -19.82
C ARG B 281 -36.66 13.42 -19.10
N TYR B 282 -36.87 12.11 -18.99
CA TYR B 282 -35.92 11.21 -18.36
C TYR B 282 -35.55 10.11 -19.34
N THR B 283 -34.26 9.83 -19.46
CA THR B 283 -33.76 8.76 -20.32
C THR B 283 -32.79 7.91 -19.53
N ALA B 284 -32.89 6.60 -19.70
CA ALA B 284 -31.98 5.65 -19.06
C ALA B 284 -31.04 5.12 -20.12
N VAL B 285 -29.73 5.33 -19.93
CA VAL B 285 -28.72 4.96 -20.90
C VAL B 285 -28.00 3.71 -20.40
N THR B 286 -28.00 2.67 -21.21
CA THR B 286 -27.40 1.40 -20.86
C THR B 286 -26.12 1.09 -21.62
N CYS B 287 -25.95 1.61 -22.83
CA CYS B 287 -24.83 1.21 -23.66
C CYS B 287 -23.51 1.71 -23.09
N GLY B 288 -23.42 3.00 -22.79
CA GLY B 288 -22.17 3.60 -22.39
C GLY B 288 -21.63 4.52 -23.46
N PRO B 289 -20.56 5.27 -23.14
CA PRO B 289 -20.13 6.34 -24.06
C PRO B 289 -19.81 5.86 -25.46
N SER B 290 -19.18 4.70 -25.60
CA SER B 290 -18.67 4.30 -26.92
C SER B 290 -19.79 4.13 -27.92
N ASN B 291 -20.91 3.53 -27.50
CA ASN B 291 -22.01 3.20 -28.40
C ASN B 291 -23.20 4.13 -28.28
N PHE B 292 -23.06 5.24 -27.56
CA PHE B 292 -24.21 6.13 -27.35
C PHE B 292 -24.73 6.66 -28.69
N TYR B 293 -23.84 7.07 -29.58
CA TYR B 293 -24.28 7.58 -30.87
C TYR B 293 -24.78 6.46 -31.78
N ARG B 294 -24.13 5.29 -31.73
CA ARG B 294 -24.54 4.18 -32.59
C ARG B 294 -25.98 3.78 -32.29
N ASP B 295 -26.32 3.65 -31.02
CA ASP B 295 -27.71 3.41 -30.64
C ASP B 295 -28.55 4.64 -30.92
N ALA B 296 -29.86 4.44 -31.01
CA ALA B 296 -30.78 5.52 -31.36
C ALA B 296 -31.16 6.34 -30.13
N TYR B 297 -30.13 6.88 -29.47
CA TYR B 297 -30.32 7.75 -28.33
C TYR B 297 -30.46 9.18 -28.82
N ILE B 298 -31.62 9.79 -28.59
CA ILE B 298 -31.94 11.12 -29.09
C ILE B 298 -32.13 12.06 -27.92
N LEU B 299 -31.41 13.18 -27.93
CA LEU B 299 -31.57 14.22 -26.93
C LEU B 299 -32.60 15.22 -27.40
N ARG B 300 -33.27 15.86 -26.43
CA ARG B 300 -34.38 16.74 -26.77
C ARG B 300 -33.98 17.88 -27.70
N PRO B 301 -32.85 18.56 -27.52
CA PRO B 301 -32.54 19.69 -28.41
C PRO B 301 -32.56 19.34 -29.88
N VAL B 302 -32.17 18.11 -30.25
CA VAL B 302 -32.18 17.71 -31.66
C VAL B 302 -33.48 17.02 -32.06
N HIS B 303 -34.40 16.82 -31.13
CA HIS B 303 -35.64 16.09 -31.40
C HIS B 303 -36.76 16.99 -31.88
N TYR B 304 -36.57 18.30 -31.91
CA TYR B 304 -37.63 19.20 -32.32
C TYR B 304 -37.95 19.00 -33.80
N PRO B 305 -39.16 19.38 -34.23
CA PRO B 305 -39.45 19.31 -35.68
C PRO B 305 -38.46 20.10 -36.50
N ILE B 306 -38.00 21.24 -35.99
CA ILE B 306 -36.94 22.02 -36.62
C ILE B 306 -35.69 21.82 -35.77
N PRO B 307 -34.69 21.08 -36.24
CA PRO B 307 -33.52 20.79 -35.39
C PRO B 307 -32.84 22.07 -34.93
N ARG B 308 -32.34 22.04 -33.70
CA ARG B 308 -31.61 23.16 -33.12
C ARG B 308 -30.12 22.87 -33.20
N GLN B 309 -29.36 23.83 -33.71
CA GLN B 309 -27.91 23.70 -33.83
C GLN B 309 -27.26 24.36 -32.62
N THR B 310 -26.44 23.60 -31.91
CA THR B 310 -25.82 24.09 -30.69
C THR B 310 -24.61 24.94 -31.02
N GLU B 311 -24.49 26.08 -30.34
CA GLU B 311 -23.38 26.99 -30.53
C GLU B 311 -22.39 26.96 -29.38
N LEU B 312 -22.80 26.53 -28.19
CA LEU B 312 -21.93 26.59 -27.02
C LEU B 312 -22.42 25.55 -26.01
N MET B 313 -21.60 24.54 -25.76
CA MET B 313 -21.91 23.50 -24.79
C MET B 313 -21.06 23.72 -23.54
N ILE B 314 -21.69 24.03 -22.43
CA ILE B 314 -21.01 24.35 -21.19
C ILE B 314 -21.06 23.12 -20.29
N VAL B 315 -19.94 22.43 -20.18
CA VAL B 315 -19.85 21.22 -19.37
C VAL B 315 -19.44 21.57 -17.95
N ILE B 316 -20.15 21.01 -16.98
CA ILE B 316 -19.85 21.19 -15.56
C ILE B 316 -19.63 19.82 -14.96
N THR B 317 -18.51 19.64 -14.26
CA THR B 317 -18.17 18.37 -13.64
C THR B 317 -18.41 18.47 -12.14
N MET B 318 -19.09 17.47 -11.58
CA MET B 318 -19.48 17.50 -10.18
C MET B 318 -19.21 16.15 -9.54
N TYR B 319 -18.85 16.19 -8.25
CA TYR B 319 -18.62 14.97 -7.48
C TYR B 319 -18.73 15.33 -6.00
N ASN B 320 -19.79 14.89 -5.35
CA ASN B 320 -20.05 15.15 -3.94
C ASN B 320 -19.74 16.58 -3.52
N GLU B 321 -20.04 17.55 -4.38
CA GLU B 321 -19.81 18.94 -4.05
C GLU B 321 -21.01 19.50 -3.30
N ASP B 322 -20.73 20.44 -2.39
CA ASP B 322 -21.80 21.07 -1.65
C ASP B 322 -22.69 21.88 -2.58
N ASP B 323 -23.91 22.14 -2.12
CA ASP B 323 -24.85 22.90 -2.94
C ASP B 323 -24.38 24.34 -3.17
N ILE B 324 -23.54 24.88 -2.29
CA ILE B 324 -23.07 26.25 -2.46
C ILE B 324 -22.22 26.38 -3.72
N LEU B 325 -21.31 25.43 -3.93
CA LEU B 325 -20.42 25.51 -5.09
C LEU B 325 -21.22 25.40 -6.39
N LEU B 326 -22.15 24.45 -6.45
CA LEU B 326 -22.99 24.31 -7.63
C LEU B 326 -23.84 25.55 -7.84
N GLY B 327 -24.35 26.12 -6.75
CA GLY B 327 -25.12 27.35 -6.88
C GLY B 327 -24.31 28.49 -7.46
N ARG B 328 -23.07 28.64 -6.99
CA ARG B 328 -22.21 29.70 -7.52
C ARG B 328 -21.95 29.49 -9.01
N THR B 329 -21.60 28.26 -9.38
CA THR B 329 -21.31 28.01 -10.79
C THR B 329 -22.53 28.27 -11.66
N LEU B 330 -23.70 27.81 -11.21
CA LEU B 330 -24.92 28.02 -11.99
C LEU B 330 -25.28 29.50 -12.07
N LYS B 331 -25.06 30.25 -10.99
CA LYS B 331 -25.33 31.68 -11.04
C LYS B 331 -24.44 32.36 -12.08
N GLY B 332 -23.16 32.01 -12.10
CA GLY B 332 -22.27 32.58 -13.09
C GLY B 332 -22.71 32.25 -14.51
N VAL B 333 -23.04 30.98 -14.75
CA VAL B 333 -23.44 30.58 -16.10
C VAL B 333 -24.72 31.29 -16.52
N PHE B 334 -25.69 31.38 -15.62
CA PHE B 334 -26.94 32.05 -15.94
C PHE B 334 -26.72 33.52 -16.23
N LYS B 335 -25.85 34.18 -15.47
CA LYS B 335 -25.56 35.57 -15.74
C LYS B 335 -24.92 35.73 -17.12
N ASN B 336 -24.01 34.83 -17.48
CA ASN B 336 -23.40 34.90 -18.81
C ASN B 336 -24.44 34.71 -19.90
N ILE B 337 -25.37 33.76 -19.70
CA ILE B 337 -26.40 33.53 -20.72
C ILE B 337 -27.30 34.75 -20.85
N LYS B 338 -27.63 35.38 -19.73
CA LYS B 338 -28.44 36.59 -19.78
C LYS B 338 -27.71 37.69 -20.54
N TYR B 339 -26.41 37.84 -20.31
CA TYR B 339 -25.65 38.83 -21.07
C TYR B 339 -25.67 38.53 -22.55
N LEU B 340 -25.48 37.26 -22.92
CA LEU B 340 -25.49 36.91 -24.33
C LEU B 340 -26.85 37.19 -24.95
N GLU B 341 -27.93 36.92 -24.22
CA GLU B 341 -29.26 37.23 -24.72
C GLU B 341 -29.44 38.73 -24.91
N SER B 342 -28.96 39.53 -23.95
CA SER B 342 -29.16 40.97 -24.02
C SER B 342 -28.42 41.61 -25.17
N LYS B 343 -27.32 41.00 -25.61
CA LYS B 343 -26.53 41.57 -26.71
C LYS B 343 -27.42 41.81 -27.91
N ALA B 344 -27.37 43.02 -28.45
CA ALA B 344 -28.26 43.44 -29.52
C ALA B 344 -27.60 43.39 -30.89
N ARG B 345 -26.49 44.11 -31.07
CA ARG B 345 -25.84 44.23 -32.37
C ARG B 345 -24.82 43.11 -32.56
N SER B 346 -25.33 41.87 -32.60
CA SER B 346 -24.50 40.69 -32.80
C SER B 346 -25.14 39.80 -33.85
N SER B 347 -24.33 39.34 -34.80
CA SER B 347 -24.86 38.47 -35.85
C SER B 347 -25.33 37.14 -35.29
N THR B 348 -24.56 36.56 -34.36
CA THR B 348 -24.86 35.23 -33.83
C THR B 348 -25.74 35.28 -32.59
N TRP B 349 -25.53 36.26 -31.72
CA TRP B 349 -26.25 36.34 -30.46
C TRP B 349 -27.36 37.38 -30.55
N GLY B 350 -28.25 37.34 -29.55
CA GLY B 350 -29.37 38.27 -29.51
C GLY B 350 -30.66 37.59 -29.09
N LYS B 351 -31.74 37.90 -29.78
CA LYS B 351 -33.01 37.26 -29.48
C LYS B 351 -32.92 35.76 -29.70
N ASP B 352 -33.49 34.99 -28.77
CA ASP B 352 -33.52 33.53 -28.87
C ASP B 352 -32.12 32.95 -28.90
N SER B 353 -31.17 33.57 -28.20
CA SER B 353 -29.83 33.02 -28.11
C SER B 353 -29.76 31.83 -27.17
N TRP B 354 -30.66 31.76 -26.19
CA TRP B 354 -30.63 30.65 -25.24
C TRP B 354 -30.87 29.31 -25.93
N LYS B 355 -31.44 29.31 -27.13
CA LYS B 355 -31.65 28.06 -27.86
C LYS B 355 -30.35 27.47 -28.36
N LYS B 356 -29.29 28.26 -28.46
CA LYS B 356 -28.01 27.80 -28.97
C LYS B 356 -27.05 27.36 -27.86
N ILE B 357 -27.48 27.41 -26.61
CA ILE B 357 -26.61 27.13 -25.46
C ILE B 357 -27.21 25.98 -24.67
N VAL B 358 -26.39 24.99 -24.35
CA VAL B 358 -26.79 23.84 -23.54
C VAL B 358 -25.83 23.71 -22.38
N VAL B 359 -26.37 23.57 -21.17
CA VAL B 359 -25.57 23.40 -19.97
C VAL B 359 -25.66 21.93 -19.56
N CYS B 360 -24.52 21.25 -19.54
CA CYS B 360 -24.44 19.84 -19.22
C CYS B 360 -23.76 19.66 -17.88
N ILE B 361 -24.42 18.96 -16.96
CA ILE B 361 -23.88 18.66 -15.63
C ILE B 361 -23.68 17.15 -15.57
N VAL B 362 -22.44 16.72 -15.47
CA VAL B 362 -22.10 15.30 -15.43
C VAL B 362 -21.67 14.99 -14.00
N SER B 363 -22.59 14.45 -13.21
CA SER B 363 -22.31 14.09 -11.83
C SER B 363 -21.72 12.69 -11.79
N ASP B 364 -20.59 12.55 -11.11
CA ASP B 364 -19.85 11.30 -11.05
C ASP B 364 -20.22 10.58 -9.76
N GLY B 365 -20.95 9.48 -9.88
CA GLY B 365 -21.35 8.71 -8.72
C GLY B 365 -22.80 8.89 -8.35
N ARG B 366 -23.60 7.85 -8.57
CA ARG B 366 -25.02 7.90 -8.23
C ARG B 366 -25.21 8.06 -6.73
N THR B 367 -24.46 7.32 -5.93
CA THR B 367 -24.61 7.31 -4.48
C THR B 367 -23.65 8.27 -3.77
N LYS B 368 -22.72 8.87 -4.49
CA LYS B 368 -21.78 9.81 -3.89
C LYS B 368 -22.20 11.27 -4.05
N ILE B 369 -23.20 11.54 -4.91
CA ILE B 369 -23.68 12.90 -5.08
C ILE B 369 -24.22 13.42 -3.75
N ASN B 370 -23.88 14.66 -3.42
CA ASN B 370 -24.34 15.25 -2.18
C ASN B 370 -25.85 15.45 -2.22
N GLU B 371 -26.50 15.27 -1.07
CA GLU B 371 -27.95 15.36 -1.03
C GLU B 371 -28.44 16.77 -1.30
N ARG B 372 -27.74 17.78 -0.81
CA ARG B 372 -28.24 19.16 -0.92
C ARG B 372 -28.12 19.66 -2.36
N ALA B 373 -27.04 19.31 -3.06
CA ALA B 373 -26.94 19.68 -4.47
C ALA B 373 -28.04 19.02 -5.29
N GLN B 374 -28.34 17.76 -5.00
CA GLN B 374 -29.45 17.08 -5.66
C GLN B 374 -30.76 17.80 -5.36
N ALA B 375 -30.95 18.24 -4.12
CA ALA B 375 -32.15 18.99 -3.77
C ALA B 375 -32.24 20.29 -4.55
N LEU B 376 -31.10 20.98 -4.71
CA LEU B 376 -31.08 22.21 -5.49
C LEU B 376 -31.48 21.95 -6.93
N LEU B 377 -30.89 20.91 -7.54
CA LEU B 377 -31.23 20.61 -8.93
C LEU B 377 -32.71 20.27 -9.05
N ALA B 378 -33.25 19.53 -8.08
CA ALA B 378 -34.69 19.25 -8.09
C ALA B 378 -35.50 20.53 -7.99
N GLY B 379 -35.07 21.45 -7.12
CA GLY B 379 -35.76 22.72 -7.02
C GLY B 379 -35.78 23.47 -8.34
N LEU B 380 -34.69 23.40 -9.09
CA LEU B 380 -34.69 23.97 -10.44
C LEU B 380 -35.67 23.26 -11.36
N GLY B 381 -36.02 22.01 -11.05
CA GLY B 381 -36.94 21.25 -11.87
C GLY B 381 -36.30 20.22 -12.77
N VAL B 382 -34.98 20.10 -12.77
CA VAL B 382 -34.33 19.13 -13.65
C VAL B 382 -34.54 17.71 -13.13
N TYR B 383 -34.43 17.50 -11.83
CA TYR B 383 -34.38 16.17 -11.24
C TYR B 383 -35.63 15.88 -10.41
N GLN B 384 -36.12 14.65 -10.51
CA GLN B 384 -37.17 14.12 -9.64
C GLN B 384 -36.75 12.74 -9.16
N GLU B 385 -37.19 12.39 -7.95
CA GLU B 385 -36.65 11.19 -7.29
C GLU B 385 -37.19 9.91 -7.90
N GLY B 386 -38.49 9.87 -8.21
CA GLY B 386 -39.11 8.61 -8.59
C GLY B 386 -38.58 8.03 -9.89
N LEU B 387 -38.23 8.90 -10.84
CA LEU B 387 -38.02 8.46 -12.21
C LEU B 387 -36.89 7.43 -12.32
N ALA B 388 -35.88 7.52 -11.46
CA ALA B 388 -34.70 6.68 -11.60
C ALA B 388 -35.06 5.20 -11.63
N LYS B 389 -34.44 4.46 -12.54
CA LYS B 389 -34.60 3.02 -12.66
C LYS B 389 -33.22 2.37 -12.69
N SER B 390 -33.06 1.26 -11.97
CA SER B 390 -31.76 0.62 -11.86
C SER B 390 -31.43 -0.22 -13.10
N ARG B 391 -32.39 -1.02 -13.56
CA ARG B 391 -32.16 -1.93 -14.67
C ARG B 391 -33.31 -1.84 -15.67
N VAL B 392 -32.99 -2.05 -16.94
CA VAL B 392 -33.98 -2.05 -18.02
C VAL B 392 -33.72 -3.27 -18.90
N ASP B 393 -34.74 -4.11 -19.07
CA ASP B 393 -34.62 -5.31 -19.90
C ASP B 393 -33.42 -6.15 -19.49
N ASP B 394 -33.22 -6.26 -18.17
CA ASP B 394 -32.13 -7.05 -17.62
C ASP B 394 -30.76 -6.51 -18.05
N LYS B 395 -30.66 -5.21 -18.28
CA LYS B 395 -29.39 -4.56 -18.62
C LYS B 395 -29.15 -3.43 -17.64
N LYS B 396 -27.92 -3.32 -17.15
CA LYS B 396 -27.59 -2.27 -16.20
C LYS B 396 -27.73 -0.89 -16.84
N VAL B 397 -28.19 0.07 -16.05
CA VAL B 397 -28.32 1.45 -16.49
C VAL B 397 -27.03 2.17 -16.16
N GLN B 398 -26.26 2.53 -17.20
CA GLN B 398 -24.98 3.17 -16.97
C GLN B 398 -25.14 4.61 -16.49
N ALA B 399 -26.04 5.37 -17.11
CA ALA B 399 -26.23 6.77 -16.77
C ALA B 399 -27.70 7.13 -16.84
N HIS B 400 -28.11 8.10 -16.02
CA HIS B 400 -29.46 8.63 -16.01
C HIS B 400 -29.40 10.09 -16.48
N MET B 401 -30.11 10.40 -17.55
CA MET B 401 -30.09 11.73 -18.14
C MET B 401 -31.44 12.40 -17.95
N PHE B 402 -31.44 13.57 -17.33
CA PHE B 402 -32.64 14.40 -17.15
C PHE B 402 -32.49 15.65 -17.99
N GLU B 403 -33.53 16.00 -18.74
CA GLU B 403 -33.51 17.16 -19.61
C GLU B 403 -34.69 18.07 -19.27
N TYR B 404 -34.41 19.36 -19.12
CA TYR B 404 -35.46 20.34 -18.83
C TYR B 404 -34.92 21.73 -19.12
N THR B 405 -35.80 22.60 -19.64
CA THR B 405 -35.47 23.99 -19.92
C THR B 405 -35.96 24.82 -18.73
N THR B 406 -35.08 24.99 -17.74
CA THR B 406 -35.46 25.62 -16.49
C THR B 406 -35.61 27.13 -16.67
N ARG B 407 -36.62 27.69 -16.01
CA ARG B 407 -36.84 29.12 -15.96
C ARG B 407 -36.65 29.67 -14.55
N VAL B 408 -35.89 28.97 -13.72
CA VAL B 408 -35.62 29.37 -12.34
C VAL B 408 -34.18 29.85 -12.28
N GLY B 409 -33.98 31.03 -11.71
CA GLY B 409 -32.67 31.65 -11.63
C GLY B 409 -32.25 31.85 -10.18
N ILE B 410 -30.98 31.60 -9.90
CA ILE B 410 -30.43 31.74 -8.56
C ILE B 410 -30.25 33.24 -8.28
N SER B 411 -31.04 33.76 -7.35
CA SER B 411 -30.97 35.19 -7.05
C SER B 411 -29.65 35.54 -6.36
N LYS B 412 -29.28 34.79 -5.34
CA LYS B 412 -28.05 35.05 -4.61
C LYS B 412 -27.58 33.77 -3.95
N VAL B 413 -26.30 33.73 -3.62
CA VAL B 413 -25.67 32.58 -2.99
C VAL B 413 -24.89 33.09 -1.79
N THR B 414 -25.50 33.04 -0.61
CA THR B 414 -24.82 33.43 0.60
C THR B 414 -23.80 32.36 0.99
N ASP B 415 -23.18 32.54 2.16
CA ASP B 415 -22.19 31.58 2.63
C ASP B 415 -22.85 30.25 2.98
N ASP B 416 -24.09 30.27 3.47
CA ASP B 416 -24.74 29.08 4.01
C ASP B 416 -25.94 28.60 3.21
N VAL B 417 -26.71 29.50 2.60
CA VAL B 417 -27.95 29.12 1.95
C VAL B 417 -27.98 29.70 0.54
N VAL B 418 -28.82 29.11 -0.30
CA VAL B 418 -29.00 29.52 -1.69
C VAL B 418 -30.45 29.92 -1.89
N LYS B 419 -30.72 31.09 -2.48
CA LYS B 419 -32.11 31.59 -2.70
C LYS B 419 -32.40 31.59 -4.21
N LEU B 420 -33.56 31.05 -4.65
CA LEU B 420 -33.95 30.95 -6.08
C LEU B 420 -35.14 31.86 -6.36
N THR B 421 -35.18 32.63 -7.45
CA THR B 421 -36.41 33.42 -7.76
C THR B 421 -36.68 33.37 -9.27
N THR B 422 -37.96 33.30 -9.66
CA THR B 422 -38.41 33.20 -11.07
C THR B 422 -38.48 34.57 -11.75
N GLU B 423 -38.32 35.67 -11.01
CA GLU B 423 -38.37 37.06 -11.54
C GLU B 423 -37.12 37.35 -12.41
N LYS B 424 -37.27 37.75 -13.68
CA LYS B 424 -36.24 38.16 -14.62
C LYS B 424 -35.19 37.06 -14.81
N VAL B 425 -35.67 35.92 -15.29
CA VAL B 425 -34.83 34.75 -15.54
C VAL B 425 -34.96 34.37 -17.00
N VAL B 426 -33.82 34.16 -17.66
CA VAL B 426 -33.79 33.71 -19.04
C VAL B 426 -33.80 32.18 -19.05
N PRO B 427 -34.63 31.53 -19.87
CA PRO B 427 -34.64 30.06 -19.88
C PRO B 427 -33.29 29.49 -20.27
N VAL B 428 -32.92 28.38 -19.65
CA VAL B 428 -31.65 27.71 -19.87
C VAL B 428 -31.91 26.24 -20.12
N GLN B 429 -31.29 25.69 -21.16
CA GLN B 429 -31.39 24.26 -21.43
C GLN B 429 -30.43 23.52 -20.52
N MET B 430 -30.97 22.62 -19.69
CA MET B 430 -30.19 21.88 -18.70
C MET B 430 -30.19 20.41 -19.06
N LEU B 431 -29.02 19.80 -19.02
CA LEU B 431 -28.88 18.36 -19.19
C LEU B 431 -28.08 17.82 -18.01
N PHE B 432 -28.73 17.02 -17.17
CA PHE B 432 -28.14 16.48 -15.96
C PHE B 432 -27.94 14.99 -16.14
N CYS B 433 -26.69 14.58 -16.36
CA CYS B 433 -26.34 13.18 -16.64
C CYS B 433 -25.71 12.59 -15.38
N LEU B 434 -26.50 11.79 -14.65
CA LEU B 434 -26.06 11.19 -13.41
C LEU B 434 -25.54 9.78 -13.68
N LYS B 435 -24.26 9.56 -13.39
CA LYS B 435 -23.63 8.28 -13.65
C LYS B 435 -23.91 7.30 -12.52
N GLU B 436 -24.10 6.03 -12.89
CA GLU B 436 -24.44 5.02 -11.89
C GLU B 436 -23.26 4.75 -10.97
N THR B 437 -22.05 4.66 -11.51
CA THR B 437 -20.86 4.41 -10.72
C THR B 437 -19.76 5.40 -11.10
N ASN B 438 -18.94 5.76 -10.12
CA ASN B 438 -17.88 6.73 -10.33
C ASN B 438 -16.73 6.07 -11.09
N ALA B 439 -16.27 6.75 -12.13
CA ALA B 439 -15.13 6.30 -12.92
C ALA B 439 -14.13 7.42 -13.14
N LYS B 440 -13.99 8.30 -12.13
CA LYS B 440 -13.07 9.43 -12.21
C LYS B 440 -13.55 10.45 -13.24
N LYS B 441 -12.69 11.42 -13.57
CA LYS B 441 -13.08 12.53 -14.42
C LYS B 441 -12.91 12.24 -15.90
N ILE B 442 -11.99 11.36 -16.27
CA ILE B 442 -11.78 11.05 -17.68
C ILE B 442 -13.02 10.39 -18.26
N ASN B 443 -13.68 9.53 -17.48
CA ASN B 443 -14.91 8.90 -17.95
C ASN B 443 -16.02 9.93 -18.14
N SER B 444 -16.11 10.91 -17.24
CA SER B 444 -17.09 11.99 -17.42
C SER B 444 -16.80 12.77 -18.70
N HIS B 445 -15.52 13.07 -18.95
CA HIS B 445 -15.19 13.76 -20.19
C HIS B 445 -15.47 12.90 -21.42
N ARG B 446 -15.34 11.57 -21.28
CA ARG B 446 -15.76 10.69 -22.37
C ARG B 446 -17.25 10.81 -22.62
N TRP B 447 -18.04 10.84 -21.56
CA TRP B 447 -19.48 11.06 -21.73
C TRP B 447 -19.75 12.37 -22.45
N CYS B 448 -19.03 13.42 -22.08
CA CYS B 448 -19.26 14.73 -22.68
C CYS B 448 -18.89 14.75 -24.15
N PHE B 449 -17.69 14.26 -24.50
CA PHE B 449 -17.17 14.39 -25.86
C PHE B 449 -17.62 13.26 -26.76
N GLN B 450 -17.29 12.02 -26.39
CA GLN B 450 -17.49 10.89 -27.29
C GLN B 450 -18.96 10.61 -27.54
N ALA B 451 -19.84 10.90 -26.58
CA ALA B 451 -21.25 10.51 -26.67
C ALA B 451 -22.18 11.69 -26.87
N ILE B 452 -22.20 12.65 -25.93
CA ILE B 452 -23.14 13.76 -26.03
C ILE B 452 -22.72 14.71 -27.14
N GLY B 453 -21.40 14.95 -27.28
CA GLY B 453 -20.94 15.87 -28.30
C GLY B 453 -21.29 15.41 -29.69
N GLN B 454 -21.16 14.10 -29.95
CA GLN B 454 -21.48 13.58 -31.28
C GLN B 454 -22.96 13.79 -31.61
N VAL B 455 -23.83 13.57 -30.63
CA VAL B 455 -25.26 13.77 -30.88
C VAL B 455 -25.56 15.24 -31.11
N LEU B 456 -25.08 16.11 -30.22
CA LEU B 456 -25.36 17.53 -30.34
C LEU B 456 -24.53 18.17 -31.46
N ASP B 457 -23.30 17.73 -31.64
CA ASP B 457 -22.39 18.32 -32.61
C ASP B 457 -22.24 19.82 -32.38
N PRO B 458 -21.76 20.23 -31.21
CA PRO B 458 -21.65 21.65 -30.91
C PRO B 458 -20.38 22.28 -31.45
N LYS B 459 -20.17 23.55 -31.14
CA LYS B 459 -18.89 24.21 -31.36
C LYS B 459 -18.46 24.84 -30.05
N ILE B 460 -17.15 24.88 -29.82
CA ILE B 460 -16.62 25.56 -28.64
C ILE B 460 -17.19 24.94 -27.38
N VAL B 461 -16.77 23.71 -27.06
CA VAL B 461 -17.13 23.10 -25.80
C VAL B 461 -16.37 23.78 -24.67
N VAL B 462 -17.10 24.24 -23.66
CA VAL B 462 -16.51 24.91 -22.51
C VAL B 462 -16.55 23.95 -21.32
N LEU B 463 -15.41 23.80 -20.65
CA LEU B 463 -15.28 22.90 -19.51
C LEU B 463 -15.22 23.73 -18.24
N LEU B 464 -16.08 23.40 -17.27
CA LEU B 464 -16.13 24.07 -16.00
C LEU B 464 -16.07 23.04 -14.87
N ASP B 465 -15.78 23.53 -13.68
CA ASP B 465 -15.68 22.71 -12.49
C ASP B 465 -16.51 23.32 -11.39
N CYS B 466 -17.16 22.47 -10.58
CA CYS B 466 -18.02 22.98 -9.53
C CYS B 466 -17.24 23.89 -8.59
N GLY B 467 -17.85 25.01 -8.24
CA GLY B 467 -17.21 25.99 -7.40
C GLY B 467 -16.44 27.07 -8.14
N THR B 468 -16.31 26.95 -9.46
CA THR B 468 -15.66 27.97 -10.28
C THR B 468 -16.74 28.89 -10.83
N GLN B 469 -16.67 30.16 -10.47
CA GLN B 469 -17.71 31.13 -10.81
C GLN B 469 -17.19 32.06 -11.90
N PRO B 470 -17.60 31.90 -13.16
CA PRO B 470 -17.12 32.80 -14.21
C PRO B 470 -17.67 34.20 -14.03
N SER B 471 -17.03 35.15 -14.70
CA SER B 471 -17.42 36.54 -14.60
C SER B 471 -18.71 36.76 -15.40
N GLY B 472 -19.14 38.02 -15.49
CA GLY B 472 -20.39 38.33 -16.16
C GLY B 472 -20.31 38.28 -17.68
N ARG B 473 -19.11 38.36 -18.24
CA ARG B 473 -18.93 38.37 -19.70
C ARG B 473 -17.83 37.42 -20.14
N SER B 474 -17.45 36.46 -19.28
CA SER B 474 -16.31 35.61 -19.58
C SER B 474 -16.59 34.70 -20.78
N LEU B 475 -17.75 34.04 -20.79
CA LEU B 475 -18.05 33.11 -21.87
C LEU B 475 -18.10 33.83 -23.21
N TYR B 476 -18.62 35.06 -23.23
CA TYR B 476 -18.60 35.84 -24.46
C TYR B 476 -17.18 36.10 -24.92
N GLU B 477 -16.28 36.41 -23.99
CA GLU B 477 -14.89 36.65 -24.36
C GLU B 477 -14.26 35.41 -24.97
N LEU B 478 -14.49 34.24 -24.36
CA LEU B 478 -13.94 33.02 -24.94
C LEU B 478 -14.50 32.77 -26.33
N TRP B 479 -15.81 32.95 -26.50
CA TRP B 479 -16.41 32.73 -27.81
C TRP B 479 -15.83 33.68 -28.83
N LYS B 480 -15.62 34.95 -28.45
CA LYS B 480 -15.05 35.91 -29.37
C LYS B 480 -13.61 35.53 -29.74
N GLU B 481 -12.85 35.04 -28.77
CA GLU B 481 -11.51 34.56 -29.08
C GLU B 481 -11.55 33.48 -30.14
N PHE B 482 -12.47 32.52 -30.01
CA PHE B 482 -12.56 31.47 -31.02
C PHE B 482 -13.06 32.01 -32.35
N ASP B 483 -13.95 32.99 -32.32
CA ASP B 483 -14.57 33.47 -33.55
C ASP B 483 -13.61 34.32 -34.38
N ARG B 484 -12.82 35.17 -33.73
CA ARG B 484 -11.96 36.09 -34.47
C ARG B 484 -10.99 35.33 -35.38
N ASP B 485 -10.26 34.38 -34.82
CA ASP B 485 -9.23 33.65 -35.53
C ASP B 485 -9.68 32.21 -35.69
N HIS B 486 -9.77 31.74 -36.93
CA HIS B 486 -10.28 30.40 -37.19
C HIS B 486 -9.26 29.32 -36.86
N ARG B 487 -8.00 29.67 -36.68
CA ARG B 487 -6.98 28.68 -36.34
C ARG B 487 -7.00 28.27 -34.88
N VAL B 488 -7.60 29.07 -34.00
CA VAL B 488 -7.54 28.77 -32.58
C VAL B 488 -8.38 27.53 -32.29
N ALA B 489 -7.77 26.56 -31.58
CA ALA B 489 -8.45 25.33 -31.23
C ALA B 489 -8.69 25.17 -29.73
N GLY B 490 -7.98 25.92 -28.90
CA GLY B 490 -8.20 25.86 -27.46
C GLY B 490 -7.91 27.20 -26.83
N ALA B 491 -8.59 27.47 -25.72
CA ALA B 491 -8.43 28.75 -25.04
C ALA B 491 -8.62 28.57 -23.54
N CYS B 492 -8.04 29.49 -22.78
CA CYS B 492 -8.16 29.48 -21.33
C CYS B 492 -8.26 30.92 -20.84
N GLY B 493 -8.73 31.07 -19.59
CA GLY B 493 -8.93 32.37 -18.99
C GLY B 493 -8.19 32.51 -17.67
N GLU B 494 -8.12 33.76 -17.20
CA GLU B 494 -7.51 34.03 -15.91
C GLU B 494 -8.34 33.41 -14.79
N ILE B 495 -7.68 32.72 -13.87
CA ILE B 495 -8.34 32.13 -12.72
C ILE B 495 -7.83 32.84 -11.47
N THR B 496 -8.75 33.27 -10.62
CA THR B 496 -8.44 34.05 -9.44
C THR B 496 -8.80 33.24 -8.20
N THR B 497 -8.19 33.61 -7.07
CA THR B 497 -8.45 32.97 -5.79
C THR B 497 -9.28 33.92 -4.93
N SER B 498 -10.37 33.41 -4.37
CA SER B 498 -11.23 34.23 -3.54
C SER B 498 -10.57 34.52 -2.20
N LEU B 499 -10.65 35.78 -1.77
CA LEU B 499 -10.07 36.24 -0.52
C LEU B 499 -11.10 37.00 0.30
N LYS B 500 -12.34 36.49 0.32
CA LYS B 500 -13.44 37.24 0.92
C LYS B 500 -13.26 37.37 2.43
N LYS B 501 -13.26 36.25 3.14
CA LYS B 501 -13.20 36.22 4.59
C LYS B 501 -11.94 35.54 5.09
N ARG B 502 -10.80 35.86 4.47
CA ARG B 502 -9.52 35.27 4.83
C ARG B 502 -8.51 36.39 5.08
N GLN B 503 -7.82 36.30 6.21
CA GLN B 503 -6.88 37.34 6.62
C GLN B 503 -5.50 37.08 6.04
N MET B 504 -4.71 38.17 5.95
CA MET B 504 -3.37 38.05 5.38
C MET B 504 -2.49 37.15 6.22
N ILE B 505 -2.56 37.27 7.55
CA ILE B 505 -1.67 36.52 8.42
C ILE B 505 -2.25 35.17 8.81
N THR B 506 -3.58 35.08 8.99
CA THR B 506 -4.18 33.85 9.46
C THR B 506 -4.13 32.73 8.44
N ASN B 507 -4.00 33.06 7.15
CA ASN B 507 -3.99 32.06 6.07
C ASN B 507 -2.80 32.31 5.15
N PRO B 508 -1.59 31.99 5.61
CA PRO B 508 -0.43 32.15 4.71
C PRO B 508 -0.54 31.34 3.44
N LEU B 509 -1.11 30.14 3.52
CA LEU B 509 -1.16 29.26 2.36
C LEU B 509 -2.03 29.83 1.25
N VAL B 510 -3.17 30.40 1.62
CA VAL B 510 -4.08 30.96 0.62
C VAL B 510 -3.39 32.08 -0.14
N TYR B 511 -2.68 32.95 0.57
CA TYR B 511 -2.02 34.07 -0.09
C TYR B 511 -0.81 33.62 -0.92
N GLY B 512 -0.09 32.59 -0.46
CA GLY B 512 0.95 32.03 -1.30
C GLY B 512 0.39 31.52 -2.62
N GLN B 513 -0.73 30.79 -2.55
CA GLN B 513 -1.34 30.31 -3.78
C GLN B 513 -1.85 31.47 -4.63
N ASN B 514 -2.36 32.52 -3.99
CA ASN B 514 -2.82 33.69 -4.74
C ASN B 514 -1.68 34.30 -5.54
N PHE B 515 -0.52 34.49 -4.90
CA PHE B 515 0.63 35.03 -5.62
C PHE B 515 1.05 34.11 -6.75
N GLU B 516 1.04 32.79 -6.51
CA GLU B 516 1.42 31.86 -7.55
C GLU B 516 0.50 31.99 -8.76
N TYR B 517 -0.81 32.04 -8.53
CA TYR B 517 -1.76 32.16 -9.62
C TYR B 517 -1.56 33.46 -10.38
N LYS B 518 -1.37 34.57 -9.66
CA LYS B 518 -1.21 35.86 -10.32
C LYS B 518 0.04 35.87 -11.19
N ILE B 519 1.15 35.38 -10.66
CA ILE B 519 2.38 35.37 -11.44
C ILE B 519 2.23 34.47 -12.66
N SER B 520 1.59 33.31 -12.49
CA SER B 520 1.37 32.44 -13.64
C SER B 520 0.60 33.18 -14.73
N ASN B 521 -0.54 33.76 -14.37
CA ASN B 521 -1.37 34.42 -15.37
C ASN B 521 -0.67 35.62 -15.99
N ILE B 522 0.27 36.24 -15.28
CA ILE B 522 0.90 37.45 -15.81
C ILE B 522 2.13 37.14 -16.65
N LEU B 523 2.82 36.03 -16.40
CA LEU B 523 4.07 35.74 -17.09
C LEU B 523 4.00 34.50 -17.97
N ASP B 524 3.51 33.38 -17.45
CA ASP B 524 3.63 32.12 -18.18
C ASP B 524 2.63 32.04 -19.33
N LYS B 525 1.35 32.19 -19.05
CA LYS B 525 0.34 32.04 -20.09
C LYS B 525 0.54 33.02 -21.23
N PRO B 526 0.79 34.31 -21.00
CA PRO B 526 0.99 35.20 -22.15
C PRO B 526 2.13 34.79 -23.05
N THR B 527 3.24 34.30 -22.49
CA THR B 527 4.38 33.93 -23.32
C THR B 527 4.05 32.73 -24.20
N GLU B 528 3.49 31.69 -23.60
CA GLU B 528 3.13 30.50 -24.37
C GLU B 528 2.09 30.83 -25.43
N SER B 529 1.12 31.68 -25.08
CA SER B 529 0.12 32.10 -26.06
C SER B 529 0.77 32.85 -27.20
N SER B 530 1.76 33.71 -26.90
CA SER B 530 2.48 34.39 -27.95
C SER B 530 3.16 33.40 -28.88
N PHE B 531 3.78 32.36 -28.33
CA PHE B 531 4.38 31.34 -29.17
C PHE B 531 3.33 30.47 -29.84
N GLY B 532 2.12 30.40 -29.29
CA GLY B 532 1.04 29.64 -29.90
C GLY B 532 0.85 28.24 -29.35
N PHE B 533 1.63 27.82 -28.37
CA PHE B 533 1.51 26.48 -27.78
C PHE B 533 1.54 26.62 -26.26
N ILE B 534 0.41 26.28 -25.62
CA ILE B 534 0.26 26.38 -24.17
C ILE B 534 0.44 25.00 -23.57
N SER B 535 1.31 24.90 -22.56
CA SER B 535 1.61 23.60 -21.98
C SER B 535 0.38 22.98 -21.34
N VAL B 536 -0.38 23.75 -20.57
CA VAL B 536 -1.54 23.26 -19.85
C VAL B 536 -2.67 24.26 -19.97
N LEU B 537 -3.86 23.77 -20.32
CA LEU B 537 -5.07 24.58 -20.25
C LEU B 537 -5.82 24.19 -18.98
N PRO B 538 -6.01 25.09 -18.02
CA PRO B 538 -6.62 24.67 -16.74
C PRO B 538 -7.94 23.96 -16.97
N GLY B 539 -8.10 22.81 -16.29
CA GLY B 539 -9.34 22.07 -16.41
C GLY B 539 -10.51 22.75 -15.73
N ALA B 540 -10.25 23.64 -14.77
CA ALA B 540 -11.32 24.35 -14.10
C ALA B 540 -12.03 25.31 -15.03
N PHE B 541 -11.31 25.89 -16.00
CA PHE B 541 -11.91 26.88 -16.89
C PHE B 541 -11.10 26.92 -18.19
N SER B 542 -11.64 26.34 -19.25
CA SER B 542 -10.99 26.34 -20.55
C SER B 542 -12.04 26.04 -21.61
N ALA B 543 -11.63 26.09 -22.88
CA ALA B 543 -12.55 25.86 -23.98
C ALA B 543 -11.80 25.22 -25.14
N TYR B 544 -12.49 24.36 -25.87
CA TYR B 544 -11.94 23.66 -27.02
C TYR B 544 -12.91 23.77 -28.20
N ARG B 545 -12.35 23.84 -29.40
CA ARG B 545 -13.16 23.76 -30.61
C ARG B 545 -13.40 22.30 -30.96
N PHE B 546 -14.67 21.93 -31.14
CA PHE B 546 -15.03 20.52 -31.21
C PHE B 546 -14.39 19.83 -32.42
N ILE B 547 -14.41 20.48 -33.59
CA ILE B 547 -13.91 19.82 -34.79
C ILE B 547 -12.41 19.54 -34.67
N ALA B 548 -11.68 20.39 -33.96
CA ALA B 548 -10.24 20.21 -33.86
C ALA B 548 -9.89 18.90 -33.15
N LEU B 549 -10.70 18.50 -32.18
CA LEU B 549 -10.40 17.31 -31.37
C LEU B 549 -10.71 16.01 -32.08
N GLN B 550 -11.47 16.04 -33.18
CA GLN B 550 -11.93 14.81 -33.80
C GLN B 550 -10.78 13.99 -34.33
N ASN B 551 -10.91 12.67 -34.23
CA ASN B 551 -9.88 11.75 -34.69
C ASN B 551 -9.86 11.68 -36.22
N ASP B 552 -8.77 11.14 -36.74
CA ASP B 552 -8.61 10.97 -38.17
C ASP B 552 -9.38 9.73 -38.65
N ILE B 553 -9.35 9.51 -39.96
CA ILE B 553 -10.01 8.34 -40.53
C ILE B 553 -9.36 7.07 -39.99
N ASN B 554 -8.03 7.04 -39.91
CA ASN B 554 -7.34 5.85 -39.42
C ASN B 554 -7.67 5.55 -37.97
N GLY B 555 -8.18 6.52 -37.22
CA GLY B 555 -8.54 6.32 -35.84
C GLY B 555 -7.57 6.91 -34.83
N VAL B 556 -6.56 7.64 -35.26
CA VAL B 556 -5.57 8.24 -34.37
C VAL B 556 -5.82 9.75 -34.31
N GLY B 557 -5.89 10.29 -33.10
CA GLY B 557 -6.15 11.69 -32.89
C GLY B 557 -6.05 12.07 -31.43
N PRO B 558 -6.21 13.37 -31.13
CA PRO B 558 -6.06 13.82 -29.74
C PRO B 558 -7.00 13.11 -28.77
N LEU B 559 -8.26 12.88 -29.15
CA LEU B 559 -9.19 12.27 -28.22
C LEU B 559 -8.82 10.82 -27.93
N GLU B 560 -8.35 10.09 -28.93
CA GLU B 560 -7.93 8.71 -28.71
C GLU B 560 -6.80 8.65 -27.69
N LYS B 561 -5.79 9.51 -27.86
CA LYS B 561 -4.70 9.58 -26.90
C LYS B 561 -5.22 9.93 -25.52
N TYR B 562 -6.12 10.90 -25.44
CA TYR B 562 -6.62 11.32 -24.14
C TYR B 562 -7.35 10.19 -23.43
N PHE B 563 -8.18 9.45 -24.16
CA PHE B 563 -9.01 8.41 -23.53
C PHE B 563 -8.22 7.15 -23.22
N LYS B 564 -7.17 6.85 -23.99
CA LYS B 564 -6.45 5.60 -23.77
C LYS B 564 -5.93 5.49 -22.35
N GLY B 565 -5.62 6.62 -21.72
CA GLY B 565 -5.13 6.59 -20.35
C GLY B 565 -6.11 5.95 -19.37
N GLU B 566 -7.40 6.25 -19.54
CA GLU B 566 -8.40 5.67 -18.66
C GLU B 566 -8.41 4.15 -18.77
N PHE B 567 -8.37 3.63 -20.00
CA PHE B 567 -8.46 2.18 -20.18
C PHE B 567 -7.20 1.49 -19.68
N LEU B 568 -6.03 2.00 -20.03
CA LEU B 568 -4.80 1.30 -19.68
C LEU B 568 -4.54 1.34 -18.18
N HIS B 569 -4.78 2.49 -17.54
CA HIS B 569 -4.47 2.66 -16.11
C HIS B 569 -5.67 2.20 -15.30
N SER B 570 -5.81 0.88 -15.18
CA SER B 570 -6.87 0.28 -14.39
C SER B 570 -6.59 -1.20 -14.25
N SER B 571 -7.28 -1.83 -13.30
CA SER B 571 -7.16 -3.27 -13.13
C SER B 571 -7.62 -3.99 -14.39
N GLY B 572 -6.88 -5.02 -14.77
CA GLY B 572 -7.21 -5.76 -15.98
C GLY B 572 -8.32 -6.76 -15.78
N GLU B 573 -9.45 -6.30 -15.23
CA GLU B 573 -10.60 -7.15 -14.93
C GLU B 573 -11.81 -6.60 -15.66
N LEU B 574 -12.08 -7.15 -16.84
CA LEU B 574 -13.20 -6.74 -17.67
C LEU B 574 -14.38 -7.68 -17.44
N ASP B 575 -15.54 -7.11 -17.15
CA ASP B 575 -16.75 -7.91 -17.01
C ASP B 575 -17.24 -8.33 -18.38
N PRO B 576 -17.42 -9.63 -18.65
CA PRO B 576 -17.85 -10.04 -19.99
C PRO B 576 -19.23 -9.51 -20.36
N ASN B 577 -20.04 -9.09 -19.39
CA ASN B 577 -21.38 -8.61 -19.69
C ASN B 577 -21.39 -7.17 -20.22
N ASP B 578 -20.32 -6.41 -20.03
CA ASP B 578 -20.28 -5.04 -20.54
C ASP B 578 -20.33 -5.05 -22.06
N ASP B 579 -21.10 -4.11 -22.62
CA ASP B 579 -21.18 -4.00 -24.08
C ASP B 579 -19.91 -3.41 -24.68
N GLU B 580 -19.09 -2.72 -23.88
CA GLU B 580 -17.81 -2.22 -24.32
C GLU B 580 -16.70 -3.24 -24.09
N PHE B 581 -17.04 -4.50 -23.85
CA PHE B 581 -16.02 -5.50 -23.59
C PHE B 581 -15.08 -5.66 -24.78
N GLN B 582 -15.62 -5.67 -25.99
CA GLN B 582 -14.79 -5.85 -27.17
C GLN B 582 -13.77 -4.74 -27.30
N MET B 583 -14.21 -3.49 -27.13
CA MET B 583 -13.29 -2.36 -27.27
C MET B 583 -12.18 -2.43 -26.23
N LYS B 584 -12.54 -2.66 -24.97
CA LYS B 584 -11.53 -2.70 -23.92
C LYS B 584 -10.56 -3.86 -24.12
N HIS B 585 -11.09 -5.03 -24.51
CA HIS B 585 -10.23 -6.17 -24.74
C HIS B 585 -9.25 -5.90 -25.89
N LEU B 586 -9.74 -5.30 -26.97
CA LEU B 586 -8.87 -4.98 -28.09
C LEU B 586 -7.79 -3.98 -27.67
N MET B 587 -8.19 -2.97 -26.90
CA MET B 587 -7.22 -1.96 -26.46
C MET B 587 -6.15 -2.59 -25.57
N LEU B 588 -6.55 -3.48 -24.67
CA LEU B 588 -5.57 -4.14 -23.80
C LEU B 588 -4.67 -5.07 -24.58
N LYS B 589 -5.19 -5.73 -25.62
CA LYS B 589 -4.36 -6.65 -26.40
C LYS B 589 -3.31 -5.91 -27.22
N GLU B 590 -3.52 -4.64 -27.52
CA GLU B 590 -2.57 -3.89 -28.32
C GLU B 590 -1.26 -3.68 -27.55
N GLU B 591 -0.16 -3.64 -28.29
CA GLU B 591 1.16 -3.45 -27.69
C GLU B 591 1.32 -2.00 -27.27
N ALA B 592 1.53 -1.76 -25.98
CA ALA B 592 1.65 -0.42 -25.42
C ALA B 592 3.07 -0.21 -24.92
N GLY B 593 3.69 0.88 -25.34
CA GLY B 593 5.01 1.25 -24.89
C GLY B 593 4.96 1.98 -23.56
N ILE B 594 6.09 2.59 -23.21
CA ILE B 594 6.18 3.33 -21.95
C ILE B 594 5.24 4.52 -21.97
N PHE B 595 5.27 5.30 -23.06
CA PHE B 595 4.48 6.52 -23.10
C PHE B 595 2.98 6.23 -23.18
N THR B 596 2.59 5.29 -24.02
CA THR B 596 1.16 5.00 -24.19
C THR B 596 0.54 4.49 -22.89
N SER B 597 1.24 3.61 -22.19
CA SER B 597 0.71 3.01 -20.98
C SER B 597 0.71 3.96 -19.79
N ASN B 598 1.41 5.09 -19.88
CA ASN B 598 1.47 6.06 -18.79
C ASN B 598 0.80 7.38 -19.16
N MET B 599 -0.05 7.39 -20.19
CA MET B 599 -0.73 8.62 -20.57
C MET B 599 -1.55 9.20 -19.43
N TYR B 600 -1.97 8.36 -18.48
CA TYR B 600 -2.85 8.83 -17.42
C TYR B 600 -2.21 9.95 -16.60
N LEU B 601 -0.88 10.04 -16.61
CA LEU B 601 -0.22 11.14 -15.90
C LEU B 601 -0.52 12.48 -16.58
N ALA B 602 -0.44 12.54 -17.91
CA ALA B 602 -0.64 13.80 -18.60
C ALA B 602 -2.06 14.33 -18.40
N GLU B 603 -3.04 13.45 -18.50
CA GLU B 603 -4.46 13.85 -18.42
C GLU B 603 -4.74 14.78 -19.60
N ASP B 604 -5.51 15.86 -19.39
CA ASP B 604 -5.87 16.74 -20.49
C ASP B 604 -4.65 17.38 -21.14
N ARG B 605 -3.53 17.44 -20.43
CA ARG B 605 -2.34 18.11 -20.96
C ARG B 605 -1.93 17.54 -22.31
N ILE B 606 -2.19 16.25 -22.55
CA ILE B 606 -1.81 15.62 -23.81
C ILE B 606 -2.52 16.31 -24.97
N LEU B 607 -3.75 16.77 -24.74
CA LEU B 607 -4.56 17.36 -25.81
C LEU B 607 -3.87 18.56 -26.44
N CYS B 608 -3.24 19.41 -25.63
CA CYS B 608 -2.63 20.62 -26.17
C CYS B 608 -1.60 20.28 -27.23
N PHE B 609 -0.63 19.43 -26.87
CA PHE B 609 0.41 19.07 -27.83
C PHE B 609 -0.18 18.31 -29.01
N GLU B 610 -1.11 17.39 -28.76
CA GLU B 610 -1.68 16.64 -29.87
C GLU B 610 -2.39 17.57 -30.85
N LEU B 611 -2.96 18.67 -30.36
CA LEU B 611 -3.61 19.62 -31.25
C LEU B 611 -2.61 20.46 -32.02
N VAL B 612 -1.57 20.96 -31.36
CA VAL B 612 -0.65 21.86 -32.04
C VAL B 612 0.11 21.11 -33.14
N ALA B 613 0.62 19.93 -32.82
CA ALA B 613 1.48 19.18 -33.74
C ALA B 613 0.67 18.11 -34.47
N LYS B 614 -0.33 18.53 -35.23
CA LYS B 614 -1.14 17.59 -35.99
C LYS B 614 -0.48 17.28 -37.33
N ARG B 615 -0.92 16.19 -37.95
CA ARG B 615 -0.26 15.68 -39.14
C ARG B 615 -0.36 16.67 -40.30
N GLY B 616 -1.54 17.24 -40.52
CA GLY B 616 -1.73 18.13 -41.64
C GLY B 616 -2.61 19.32 -41.32
N CYS B 617 -2.74 19.63 -40.04
CA CYS B 617 -3.63 20.68 -39.57
C CYS B 617 -2.84 21.83 -39.00
N ASN B 618 -3.47 23.00 -38.99
CA ASN B 618 -2.87 24.24 -38.49
C ASN B 618 -3.74 24.74 -37.34
N TRP B 619 -3.35 24.40 -36.10
CA TRP B 619 -4.10 24.79 -34.92
C TRP B 619 -3.18 25.53 -33.95
N LEU B 620 -3.77 26.41 -33.15
CA LEU B 620 -3.05 27.18 -32.16
C LEU B 620 -3.85 27.23 -30.87
N LEU B 621 -3.15 27.47 -29.77
CA LEU B 621 -3.75 27.64 -28.46
C LEU B 621 -3.53 29.07 -27.99
N ARG B 622 -4.58 29.70 -27.47
CA ARG B 622 -4.55 31.12 -27.17
C ARG B 622 -5.07 31.36 -25.75
N TYR B 623 -4.52 32.39 -25.11
CA TYR B 623 -4.91 32.80 -23.77
C TYR B 623 -5.47 34.21 -23.82
N CYS B 624 -6.66 34.41 -23.25
CA CYS B 624 -7.31 35.71 -23.21
C CYS B 624 -7.48 36.14 -21.77
N LYS B 625 -6.98 37.34 -21.44
CA LYS B 625 -7.05 37.86 -20.09
C LYS B 625 -8.38 38.54 -19.79
N SER B 626 -9.24 38.71 -20.79
CA SER B 626 -10.56 39.29 -20.54
C SER B 626 -11.46 38.33 -19.79
N ALA B 627 -11.30 37.03 -20.00
CA ALA B 627 -12.11 36.03 -19.32
C ALA B 627 -11.53 35.74 -17.94
N ARG B 628 -12.35 35.86 -16.90
CA ARG B 628 -11.92 35.66 -15.53
C ARG B 628 -12.88 34.72 -14.81
N ALA B 629 -12.33 33.90 -13.92
CA ALA B 629 -13.12 32.98 -13.12
C ALA B 629 -12.50 32.90 -11.74
N GLU B 630 -13.34 32.77 -10.71
CA GLU B 630 -12.90 32.76 -9.33
C GLU B 630 -13.17 31.39 -8.71
N THR B 631 -12.19 30.89 -7.97
CA THR B 631 -12.28 29.55 -7.37
C THR B 631 -11.74 29.60 -5.96
N ASP B 632 -12.14 28.62 -5.15
CA ASP B 632 -11.66 28.50 -3.78
C ASP B 632 -10.48 27.54 -3.74
N VAL B 633 -9.34 28.03 -3.24
CA VAL B 633 -8.13 27.23 -3.14
C VAL B 633 -8.18 26.42 -1.85
N PRO B 634 -7.47 25.29 -1.77
CA PRO B 634 -7.49 24.48 -0.54
C PRO B 634 -6.77 25.20 0.60
N GLU B 635 -7.48 25.43 1.70
CA GLU B 635 -6.88 26.06 2.86
C GLU B 635 -6.01 25.10 3.65
N GLY B 636 -6.44 23.85 3.77
CA GLY B 636 -5.66 22.88 4.53
C GLY B 636 -4.40 22.45 3.81
N LEU B 637 -3.46 21.92 4.59
CA LEU B 637 -2.18 21.51 4.01
C LEU B 637 -2.30 20.19 3.25
N ALA B 638 -3.08 19.24 3.77
CA ALA B 638 -3.19 17.93 3.13
C ALA B 638 -3.83 18.04 1.75
N GLU B 639 -4.92 18.79 1.65
CA GLU B 639 -5.59 18.97 0.37
C GLU B 639 -4.66 19.64 -0.63
N PHE B 640 -3.89 20.63 -0.16
CA PHE B 640 -2.92 21.30 -1.01
C PHE B 640 -1.88 20.30 -1.52
N ILE B 641 -1.42 19.42 -0.64
CA ILE B 641 -0.39 18.38 -0.95
C ILE B 641 -0.97 17.41 -1.99
N LEU B 642 -2.21 16.97 -1.80
CA LEU B 642 -2.91 16.01 -2.71
C LEU B 642 -3.14 16.67 -4.07
N GLN B 643 -3.58 17.93 -4.11
CA GLN B 643 -3.86 18.70 -5.35
C GLN B 643 -2.56 18.96 -6.12
N ARG B 644 -1.50 19.35 -5.45
CA ARG B 644 -0.23 19.65 -6.15
C ARG B 644 0.42 18.34 -6.61
N ARG B 645 0.18 17.24 -5.89
CA ARG B 645 0.68 15.90 -6.28
C ARG B 645 0.21 15.57 -7.71
N ARG B 646 -1.03 15.92 -8.04
CA ARG B 646 -1.64 15.69 -9.37
C ARG B 646 -1.06 16.67 -10.39
N TRP B 647 -0.86 17.94 -10.02
CA TRP B 647 -0.32 18.93 -10.96
C TRP B 647 1.11 18.62 -11.34
N LEU B 648 1.96 18.30 -10.36
CA LEU B 648 3.37 18.08 -10.63
C LEU B 648 3.58 16.86 -11.51
N ASN B 649 2.91 15.75 -11.20
CA ASN B 649 3.08 14.58 -12.04
C ASN B 649 2.63 14.88 -13.47
N GLY B 650 1.49 15.55 -13.62
CA GLY B 650 1.02 15.87 -14.95
C GLY B 650 2.01 16.72 -15.72
N SER B 651 2.52 17.78 -15.09
CA SER B 651 3.42 18.69 -15.77
C SER B 651 4.71 17.99 -16.18
N PHE B 652 5.28 17.21 -15.27
CA PHE B 652 6.53 16.51 -15.61
C PHE B 652 6.34 15.58 -16.79
N PHE B 653 5.30 14.73 -16.73
CA PHE B 653 5.13 13.78 -17.82
C PHE B 653 4.82 14.48 -19.13
N ALA B 654 3.99 15.54 -19.09
CA ALA B 654 3.67 16.26 -20.32
C ALA B 654 4.91 16.87 -20.93
N ALA B 655 5.77 17.48 -20.11
CA ALA B 655 7.00 18.07 -20.63
C ALA B 655 7.87 17.00 -21.28
N ILE B 656 8.07 15.87 -20.61
CA ILE B 656 8.91 14.82 -21.17
C ILE B 656 8.33 14.34 -22.49
N TYR B 657 7.02 14.09 -22.52
CA TYR B 657 6.40 13.57 -23.73
C TYR B 657 6.53 14.54 -24.88
N SER B 658 6.27 15.82 -24.64
CA SER B 658 6.35 16.80 -25.72
C SER B 658 7.79 16.94 -26.22
N LEU B 659 8.75 16.99 -25.30
CA LEU B 659 10.14 17.16 -25.72
C LEU B 659 10.61 15.97 -26.54
N VAL B 660 10.26 14.75 -26.13
CA VAL B 660 10.73 13.58 -26.86
C VAL B 660 10.14 13.53 -28.26
N HIS B 661 8.90 13.98 -28.42
CA HIS B 661 8.19 13.95 -29.70
C HIS B 661 8.15 15.32 -30.37
N PHE B 662 9.18 16.15 -30.19
CA PHE B 662 9.18 17.47 -30.80
C PHE B 662 9.15 17.40 -32.32
N TYR B 663 9.67 16.33 -32.91
CA TYR B 663 9.78 16.24 -34.36
C TYR B 663 8.44 16.09 -35.04
N LYS B 664 7.37 15.78 -34.30
CA LYS B 664 6.06 15.64 -34.92
C LYS B 664 5.56 16.95 -35.53
N VAL B 665 6.01 18.10 -35.03
CA VAL B 665 5.56 19.37 -35.56
C VAL B 665 6.07 19.62 -36.97
N TRP B 666 7.08 18.87 -37.42
CA TRP B 666 7.62 19.08 -38.75
C TRP B 666 6.56 18.89 -39.82
N THR B 667 5.75 17.83 -39.69
CA THR B 667 4.75 17.52 -40.71
C THR B 667 3.52 18.42 -40.62
N SER B 668 3.34 19.14 -39.52
CA SER B 668 2.19 20.03 -39.40
C SER B 668 2.27 21.15 -40.43
N SER B 669 1.11 21.58 -40.91
CA SER B 669 1.03 22.63 -41.92
C SER B 669 1.02 24.01 -41.25
N HIS B 670 2.19 24.38 -40.75
CA HIS B 670 2.43 25.71 -40.20
C HIS B 670 3.43 26.44 -41.08
N SER B 671 3.44 27.77 -40.96
CA SER B 671 4.44 28.55 -41.66
C SER B 671 5.83 28.22 -41.10
N PHE B 672 6.85 28.36 -41.94
CA PHE B 672 8.20 28.02 -41.53
C PHE B 672 8.63 28.81 -40.30
N GLY B 673 8.32 30.12 -40.28
CA GLY B 673 8.63 30.91 -39.10
C GLY B 673 7.92 30.39 -37.86
N ARG B 674 6.67 29.93 -38.03
CA ARG B 674 5.95 29.36 -36.91
C ARG B 674 6.68 28.16 -36.34
N LYS B 675 7.19 27.28 -37.21
CA LYS B 675 7.94 26.13 -36.74
C LYS B 675 9.23 26.56 -36.03
N ILE B 676 9.90 27.57 -36.56
CA ILE B 676 11.12 28.05 -35.92
C ILE B 676 10.83 28.51 -34.50
N PHE B 677 9.77 29.30 -34.34
CA PHE B 677 9.46 29.81 -33.01
C PHE B 677 8.94 28.72 -32.08
N LEU B 678 8.24 27.72 -32.63
CA LEU B 678 7.85 26.58 -31.81
C LEU B 678 9.07 25.83 -31.30
N HIS B 679 10.10 25.70 -32.14
CA HIS B 679 11.32 25.05 -31.68
C HIS B 679 12.03 25.89 -30.62
N ILE B 680 11.99 27.21 -30.76
CA ILE B 680 12.55 28.06 -29.70
C ILE B 680 11.83 27.80 -28.38
N GLU B 681 10.50 27.71 -28.43
CA GLU B 681 9.75 27.42 -27.21
C GLU B 681 10.08 26.04 -26.67
N PHE B 682 10.26 25.06 -27.55
CA PHE B 682 10.64 23.73 -27.09
C PHE B 682 11.97 23.77 -26.36
N PHE B 683 12.93 24.54 -26.87
CA PHE B 683 14.22 24.68 -26.18
C PHE B 683 14.02 25.31 -24.80
N TYR B 684 13.18 26.34 -24.73
CA TYR B 684 12.92 26.95 -23.42
C TYR B 684 12.32 25.94 -22.45
N GLN B 685 11.38 25.13 -22.93
CA GLN B 685 10.76 24.14 -22.06
C GLN B 685 11.75 23.07 -21.65
N LEU B 686 12.69 22.71 -22.52
CA LEU B 686 13.74 21.78 -22.14
C LEU B 686 14.59 22.35 -21.00
N ILE B 687 14.97 23.62 -21.11
CA ILE B 687 15.74 24.23 -20.03
C ILE B 687 14.93 24.25 -18.75
N ASN B 688 13.65 24.58 -18.84
CA ASN B 688 12.81 24.62 -17.64
C ASN B 688 12.69 23.24 -17.01
N LEU B 689 12.55 22.20 -17.83
CA LEU B 689 12.49 20.84 -17.29
C LEU B 689 13.77 20.47 -16.59
N ILE B 690 14.93 20.81 -17.19
CA ILE B 690 16.19 20.50 -16.54
C ILE B 690 16.29 21.21 -15.20
N VAL B 691 15.90 22.48 -15.16
CA VAL B 691 15.97 23.25 -13.91
C VAL B 691 15.06 22.64 -12.86
N SER B 692 13.87 22.19 -13.27
CA SER B 692 12.91 21.66 -12.30
C SER B 692 13.32 20.28 -11.79
N TRP B 693 13.99 19.48 -12.63
CA TRP B 693 14.39 18.15 -12.21
C TRP B 693 15.39 18.21 -11.07
N PHE B 694 16.30 19.18 -11.10
CA PHE B 694 17.34 19.33 -10.09
C PHE B 694 16.99 20.37 -9.03
N SER B 695 15.70 20.59 -8.78
CA SER B 695 15.31 21.64 -7.84
C SER B 695 15.75 21.30 -6.42
N ILE B 696 15.51 20.07 -5.98
CA ILE B 696 15.81 19.71 -4.59
C ILE B 696 17.31 19.77 -4.34
N GLY B 697 18.11 19.24 -5.25
CA GLY B 697 19.55 19.31 -5.11
C GLY B 697 20.05 20.75 -5.10
N SER B 698 19.50 21.58 -6.00
CA SER B 698 19.91 22.97 -6.04
C SER B 698 19.57 23.69 -4.75
N TYR B 699 18.37 23.45 -4.21
CA TYR B 699 18.00 24.09 -2.96
C TYR B 699 18.93 23.68 -1.82
N PHE B 700 19.23 22.38 -1.73
CA PHE B 700 20.15 21.95 -0.68
C PHE B 700 21.51 22.59 -0.87
N LEU B 701 22.01 22.66 -2.10
CA LEU B 701 23.33 23.23 -2.33
C LEU B 701 23.37 24.69 -1.93
N VAL B 702 22.34 25.46 -2.31
CA VAL B 702 22.32 26.87 -1.96
C VAL B 702 22.27 27.03 -0.44
N PHE B 703 21.41 26.26 0.23
CA PHE B 703 21.33 26.36 1.68
C PHE B 703 22.67 26.06 2.33
N ARG B 704 23.32 24.96 1.90
CA ARG B 704 24.58 24.57 2.52
C ARG B 704 25.65 25.63 2.30
N ILE B 705 25.76 26.14 1.07
CA ILE B 705 26.78 27.14 0.78
C ILE B 705 26.56 28.38 1.62
N LEU B 706 25.31 28.87 1.66
CA LEU B 706 25.04 30.09 2.39
C LEU B 706 25.30 29.91 3.89
N THR B 707 24.87 28.79 4.46
CA THR B 707 25.06 28.60 5.90
C THR B 707 26.53 28.42 6.24
N THR B 708 27.28 27.68 5.42
CA THR B 708 28.69 27.48 5.72
C THR B 708 29.49 28.76 5.52
N SER B 709 29.03 29.65 4.63
CA SER B 709 29.74 30.90 4.43
C SER B 709 29.77 31.73 5.70
N LEU B 710 28.70 31.68 6.50
CA LEU B 710 28.69 32.41 7.76
C LEU B 710 29.66 31.82 8.78
N GLY B 711 30.09 30.58 8.58
CA GLY B 711 31.01 29.96 9.53
C GLY B 711 32.43 30.47 9.42
N ASP B 712 32.81 31.07 8.30
CA ASP B 712 34.16 31.56 8.12
C ASP B 712 34.49 32.61 9.17
N LYS B 713 35.70 32.51 9.74
CA LYS B 713 36.10 33.43 10.79
C LYS B 713 36.34 34.85 10.28
N ALA B 714 36.43 35.04 8.96
CA ALA B 714 36.70 36.37 8.43
C ALA B 714 35.61 37.35 8.84
N LEU B 715 34.35 36.95 8.72
CA LEU B 715 33.24 37.79 9.16
C LEU B 715 32.90 37.48 10.61
N GLY B 716 32.51 38.53 11.33
CA GLY B 716 32.32 38.42 12.77
C GLY B 716 30.95 37.95 13.19
N PHE B 717 30.65 36.68 12.96
CA PHE B 717 29.38 36.08 13.37
C PHE B 717 29.71 34.82 14.16
N ALA B 718 29.48 34.87 15.48
CA ALA B 718 29.91 33.76 16.33
C ALA B 718 29.04 32.52 16.13
N PRO B 719 27.71 32.58 16.29
CA PRO B 719 26.90 31.35 16.20
C PRO B 719 26.81 30.76 14.80
N GLY B 720 27.56 31.25 13.82
CA GLY B 720 27.51 30.66 12.49
C GLY B 720 27.62 29.16 12.49
N LYS B 721 28.69 28.61 13.07
CA LYS B 721 28.97 27.18 12.93
C LYS B 721 27.90 26.32 13.60
N ILE B 722 27.56 26.64 14.85
CA ILE B 722 26.60 25.83 15.58
C ILE B 722 25.26 25.85 14.87
N LEU B 723 24.83 27.03 14.43
CA LEU B 723 23.57 27.14 13.71
C LEU B 723 23.62 26.33 12.42
N SER B 724 24.73 26.40 11.69
CA SER B 724 24.83 25.66 10.44
C SER B 724 24.70 24.16 10.69
N VAL B 725 25.36 23.65 11.73
CA VAL B 725 25.29 22.22 12.02
C VAL B 725 23.88 21.82 12.42
N ILE B 726 23.26 22.60 13.29
CA ILE B 726 21.90 22.28 13.73
C ILE B 726 20.95 22.28 12.54
N PHE B 727 21.07 23.27 11.67
CA PHE B 727 20.19 23.35 10.51
C PHE B 727 20.44 22.19 9.55
N LEU B 728 21.70 21.77 9.38
CA LEU B 728 21.97 20.61 8.54
C LEU B 728 21.26 19.38 9.09
N TRP B 729 21.37 19.15 10.40
CA TRP B 729 20.73 17.99 10.99
C TRP B 729 19.22 18.04 10.82
N LEU B 730 18.61 19.21 11.07
CA LEU B 730 17.17 19.33 10.93
C LEU B 730 16.74 19.14 9.47
N TYR B 731 17.53 19.65 8.53
CA TYR B 731 17.22 19.50 7.12
C TYR B 731 17.21 18.02 6.72
N LEU B 732 18.26 17.29 7.09
CA LEU B 732 18.31 15.87 6.75
C LEU B 732 17.16 15.12 7.41
N ALA B 733 16.87 15.43 8.67
CA ALA B 733 15.77 14.76 9.34
C ALA B 733 14.45 15.00 8.62
N SER B 734 14.21 16.25 8.22
CA SER B 734 12.97 16.57 7.53
C SER B 734 12.87 15.84 6.20
N ILE B 735 13.96 15.79 5.45
CA ILE B 735 13.92 15.10 4.15
C ILE B 735 13.60 13.62 4.34
N VAL B 736 14.28 12.98 5.29
CA VAL B 736 14.06 11.55 5.49
C VAL B 736 12.63 11.28 5.96
N THR B 737 12.14 12.10 6.90
CA THR B 737 10.77 11.91 7.38
C THR B 737 9.77 12.11 6.26
N THR B 738 10.01 13.09 5.39
CA THR B 738 9.09 13.31 4.28
C THR B 738 9.05 12.10 3.36
N PHE B 739 10.22 11.54 3.04
CA PHE B 739 10.23 10.34 2.20
C PHE B 739 9.46 9.21 2.86
N VAL B 740 9.72 8.96 4.14
CA VAL B 740 9.10 7.83 4.82
C VAL B 740 7.58 8.01 4.88
N LEU B 741 7.13 9.21 5.24
CA LEU B 741 5.70 9.46 5.33
C LEU B 741 5.03 9.40 3.96
N SER B 742 5.69 9.89 2.92
CA SER B 742 5.13 9.82 1.58
C SER B 742 4.95 8.39 1.13
N PHE B 743 5.93 7.52 1.41
CA PHE B 743 5.79 6.13 1.00
C PHE B 743 4.78 5.38 1.86
N GLY B 744 4.76 5.66 3.16
CA GLY B 744 4.01 4.84 4.09
C GLY B 744 2.61 5.31 4.44
N ASN B 745 2.47 6.56 4.86
CA ASN B 745 1.25 7.06 5.46
C ASN B 745 0.49 7.94 4.47
N LYS B 746 -0.67 8.43 4.93
CA LYS B 746 -1.51 9.34 4.16
C LYS B 746 -1.43 10.75 4.74
N PRO B 747 -1.50 11.78 3.90
CA PRO B 747 -1.34 13.15 4.43
C PRO B 747 -2.38 13.52 5.46
N LYS B 748 -3.62 13.05 5.31
CA LYS B 748 -4.67 13.45 6.22
C LYS B 748 -4.36 13.05 7.65
N GLY B 749 -3.86 11.83 7.84
CA GLY B 749 -3.52 11.35 9.16
C GLY B 749 -2.36 12.09 9.80
N THR B 750 -1.21 12.10 9.12
CA THR B 750 0.00 12.71 9.66
C THR B 750 0.19 14.13 9.12
N GLU B 751 -0.76 15.00 9.45
CA GLU B 751 -0.68 16.38 8.99
C GLU B 751 0.27 17.22 9.83
N LYS B 752 0.37 16.95 11.13
CA LYS B 752 1.20 17.78 11.99
C LYS B 752 2.67 17.68 11.64
N PHE B 753 3.11 16.50 11.19
CA PHE B 753 4.49 16.38 10.72
C PHE B 753 4.76 17.33 9.57
N TYR B 754 3.84 17.37 8.61
CA TYR B 754 4.00 18.28 7.47
C TYR B 754 3.97 19.73 7.92
N VAL B 755 3.08 20.07 8.86
CA VAL B 755 3.02 21.44 9.34
C VAL B 755 4.36 21.84 9.97
N THR B 756 4.92 20.96 10.80
CA THR B 756 6.19 21.25 11.44
C THR B 756 7.30 21.40 10.41
N ILE B 757 7.33 20.52 9.41
CA ILE B 757 8.36 20.61 8.38
C ILE B 757 8.25 21.92 7.62
N VAL B 758 7.02 22.32 7.28
CA VAL B 758 6.82 23.57 6.54
C VAL B 758 7.27 24.76 7.37
N ILE B 759 6.93 24.78 8.66
CA ILE B 759 7.35 25.90 9.50
C ILE B 759 8.87 25.95 9.59
N PHE B 760 9.51 24.79 9.74
CA PHE B 760 10.96 24.76 9.78
C PHE B 760 11.56 25.30 8.50
N PHE B 761 11.02 24.91 7.35
CA PHE B 761 11.57 25.39 6.09
C PHE B 761 11.37 26.88 5.94
N ALA B 762 10.25 27.42 6.43
CA ALA B 762 10.06 28.87 6.40
C ALA B 762 11.12 29.58 7.23
N ILE B 763 11.37 29.09 8.44
CA ILE B 763 12.41 29.69 9.28
C ILE B 763 13.76 29.61 8.59
N LEU B 764 14.06 28.47 7.98
CA LEU B 764 15.34 28.30 7.31
C LEU B 764 15.47 29.26 6.13
N MET B 765 14.37 29.49 5.40
CA MET B 765 14.42 30.44 4.30
C MET B 765 14.69 31.85 4.81
N ALA B 766 14.05 32.24 5.90
CA ALA B 766 14.34 33.55 6.49
C ALA B 766 15.82 33.65 6.85
N TYR B 767 16.37 32.61 7.47
CA TYR B 767 17.77 32.62 7.84
C TYR B 767 18.68 32.71 6.62
N MET B 768 18.32 32.00 5.54
CA MET B 768 19.13 32.05 4.32
C MET B 768 19.13 33.45 3.73
N ILE B 769 17.97 34.12 3.72
CA ILE B 769 17.91 35.49 3.23
C ILE B 769 18.81 36.38 4.09
N PHE B 770 18.73 36.22 5.41
CA PHE B 770 19.57 37.01 6.29
C PHE B 770 21.05 36.77 5.99
N ALA B 771 21.43 35.51 5.79
CA ALA B 771 22.82 35.19 5.51
C ALA B 771 23.29 35.83 4.21
N ALA B 772 22.45 35.78 3.17
CA ALA B 772 22.84 36.40 1.90
C ALA B 772 23.02 37.90 2.05
N ILE B 773 22.10 38.56 2.76
CA ILE B 773 22.24 40.00 2.95
C ILE B 773 23.51 40.30 3.73
N PHE B 774 23.78 39.53 4.78
CA PHE B 774 24.97 39.76 5.60
C PHE B 774 26.24 39.60 4.77
N MET B 775 26.25 38.56 3.93
CA MET B 775 27.40 38.22 3.07
C MET B 775 27.65 39.37 2.09
N ALA B 776 26.59 39.91 1.49
CA ALA B 776 26.71 41.02 0.55
C ALA B 776 27.21 42.28 1.24
N VAL B 777 26.68 42.58 2.42
CA VAL B 777 27.12 43.77 3.14
C VAL B 777 28.59 43.65 3.50
N HIS B 778 29.02 42.47 3.95
CA HIS B 778 30.42 42.27 4.29
C HIS B 778 31.32 42.46 3.08
N SER B 779 30.88 41.97 1.92
CA SER B 779 31.66 42.03 0.65
C SER B 779 31.82 43.49 0.22
N ILE B 780 30.76 44.28 0.31
CA ILE B 780 30.75 45.73 -0.07
C ILE B 780 31.69 46.49 0.88
N GLN B 781 31.66 46.15 2.17
CA GLN B 781 32.50 46.78 3.24
C GLN B 781 33.98 46.50 2.98
N ASP B 782 34.30 45.28 2.53
CA ASP B 782 35.69 44.81 2.27
C ASP B 782 36.31 45.65 1.16
N ILE B 783 35.56 45.97 0.10
CA ILE B 783 36.05 46.76 -1.06
C ILE B 783 36.50 48.14 -0.57
N TYR B 784 35.71 48.77 0.29
CA TYR B 784 35.99 50.10 0.90
C TYR B 784 37.19 50.00 1.85
N ARG B 785 37.30 48.88 2.57
CA ARG B 785 38.40 48.62 3.54
C ARG B 785 39.70 48.30 2.78
N SER B 786 39.61 47.86 1.53
CA SER B 786 40.77 47.56 0.64
C SER B 786 41.56 48.85 0.38
N GLY B 787 40.85 49.98 0.21
CA GLY B 787 41.44 51.29 -0.05
C GLY B 787 41.58 51.61 -1.53
N THR B 788 41.03 50.76 -2.41
CA THR B 788 41.10 50.92 -3.88
C THR B 788 40.03 51.91 -4.33
N ARG B 789 40.12 52.39 -5.58
CA ARG B 789 39.15 53.36 -6.17
C ARG B 789 37.80 52.65 -6.30
N ILE B 790 36.69 53.36 -6.06
CA ILE B 790 35.32 52.79 -6.12
C ILE B 790 34.71 53.10 -7.49
N THR B 791 34.43 52.08 -8.32
CA THR B 791 33.81 52.22 -9.67
C THR B 791 32.62 51.26 -9.77
N VAL B 792 31.78 51.40 -10.79
CA VAL B 792 30.58 50.55 -11.00
C VAL B 792 31.02 49.17 -11.51
N SER B 793 32.17 49.11 -12.19
CA SER B 793 32.78 47.86 -12.72
C SER B 793 33.23 46.97 -11.56
N LEU B 794 33.75 47.60 -10.50
CA LEU B 794 34.28 46.91 -9.28
C LEU B 794 33.16 46.14 -8.57
N PHE B 795 31.95 46.73 -8.47
CA PHE B 795 30.77 46.11 -7.83
C PHE B 795 30.35 44.86 -8.62
N PHE B 796 30.34 44.98 -9.94
CA PHE B 796 30.00 43.90 -10.90
C PHE B 796 31.08 42.81 -10.84
N GLN B 797 32.34 43.23 -10.71
CA GLN B 797 33.54 42.35 -10.64
C GLN B 797 33.42 41.46 -9.40
N ASN B 798 32.92 42.01 -8.29
CA ASN B 798 32.74 41.28 -7.01
C ASN B 798 31.70 40.16 -7.22
N SER B 799 32.11 38.89 -7.31
CA SER B 799 31.21 37.76 -7.57
C SER B 799 30.15 37.66 -6.49
N GLU B 800 30.54 37.78 -5.22
CA GLU B 800 29.59 37.62 -4.13
C GLU B 800 28.45 38.61 -4.26
N PHE B 801 28.77 39.91 -4.26
CA PHE B 801 27.74 40.93 -4.36
C PHE B 801 26.92 40.76 -5.64
N ARG B 802 27.60 40.58 -6.77
CA ARG B 802 26.90 40.44 -8.04
C ARG B 802 25.85 39.33 -7.95
N ASP B 803 26.30 38.10 -7.76
CA ASP B 803 25.38 36.97 -7.76
C ASP B 803 24.29 37.14 -6.71
N LEU B 804 24.65 37.52 -5.48
CA LEU B 804 23.68 37.50 -4.40
C LEU B 804 22.62 38.59 -4.59
N VAL B 805 23.02 39.79 -5.02
CA VAL B 805 22.13 40.95 -4.99
C VAL B 805 21.60 41.29 -6.38
N VAL B 806 22.47 41.43 -7.38
CA VAL B 806 22.04 41.96 -8.67
C VAL B 806 21.01 41.02 -9.29
N ALA B 807 21.29 39.71 -9.28
CA ALA B 807 20.39 38.75 -9.92
C ALA B 807 19.01 38.76 -9.27
N THR B 808 18.98 38.64 -7.94
CA THR B 808 17.70 38.60 -7.24
C THR B 808 16.93 39.91 -7.39
N SER B 809 17.63 41.04 -7.29
CA SER B 809 16.96 42.32 -7.46
C SER B 809 16.41 42.46 -8.87
N SER B 810 17.16 42.00 -9.87
CA SER B 810 16.67 42.07 -11.24
C SER B 810 15.42 41.22 -11.42
N THR B 811 15.41 40.01 -10.86
CA THR B 811 14.24 39.17 -10.96
C THR B 811 13.04 39.83 -10.28
N TYR B 812 13.24 40.39 -9.09
CA TYR B 812 12.15 41.06 -8.40
C TYR B 812 11.64 42.25 -9.20
N ALA B 813 12.55 43.01 -9.79
CA ALA B 813 12.15 44.17 -10.59
C ALA B 813 11.34 43.75 -11.80
N LEU B 814 11.75 42.67 -12.47
CA LEU B 814 10.97 42.19 -13.61
C LEU B 814 9.57 41.77 -13.18
N TYR B 815 9.47 41.04 -12.07
CA TYR B 815 8.14 40.67 -11.58
C TYR B 815 7.31 41.90 -11.26
N PHE B 816 7.92 42.90 -10.62
CA PHE B 816 7.19 44.10 -10.24
C PHE B 816 6.69 44.85 -11.47
N LEU B 817 7.55 45.02 -12.47
CA LEU B 817 7.14 45.72 -13.68
C LEU B 817 6.03 44.98 -14.41
N ALA B 818 6.16 43.66 -14.53
CA ALA B 818 5.12 42.89 -15.20
C ALA B 818 3.80 43.03 -14.46
N SER B 819 3.85 42.98 -13.12
CA SER B 819 2.61 43.14 -12.35
C SER B 819 1.99 44.51 -12.58
N PHE B 820 2.80 45.56 -12.59
CA PHE B 820 2.25 46.90 -12.77
C PHE B 820 1.65 47.07 -14.16
N LEU B 821 2.32 46.58 -15.19
CA LEU B 821 1.83 46.81 -16.55
C LEU B 821 0.48 46.16 -16.79
N TYR B 822 0.13 45.12 -16.04
CA TYR B 822 -1.17 44.48 -16.14
C TYR B 822 -2.20 45.07 -15.20
N PHE B 823 -1.87 46.16 -14.50
CA PHE B 823 -2.80 46.81 -13.59
C PHE B 823 -3.25 45.85 -12.49
N GLU B 824 -2.35 44.98 -12.05
CA GLU B 824 -2.59 44.04 -10.96
C GLU B 824 -1.41 44.09 -10.00
N PRO B 825 -1.25 45.20 -9.27
CA PRO B 825 -0.07 45.36 -8.41
C PRO B 825 -0.21 44.82 -7.00
N TRP B 826 -1.41 44.54 -6.52
CA TRP B 826 -1.60 44.27 -5.09
C TRP B 826 -0.88 43.01 -4.65
N HIS B 827 -0.90 41.96 -5.47
CA HIS B 827 -0.28 40.71 -5.07
C HIS B 827 1.21 40.84 -4.80
N MET B 828 1.86 41.87 -5.36
CA MET B 828 3.28 42.06 -5.10
C MET B 828 3.54 42.57 -3.69
N PHE B 829 2.52 43.07 -3.00
CA PHE B 829 2.64 43.52 -1.63
C PHE B 829 1.95 42.58 -0.64
N THR B 830 0.68 42.25 -0.89
CA THR B 830 -0.08 41.50 0.10
C THR B 830 0.46 40.08 0.27
N SER B 831 0.81 39.41 -0.83
CA SER B 831 1.07 37.98 -0.81
C SER B 831 2.47 37.57 -1.25
N PHE B 832 3.40 38.51 -1.43
CA PHE B 832 4.74 38.14 -1.87
C PHE B 832 5.48 37.39 -0.76
N VAL B 833 5.40 37.89 0.47
CA VAL B 833 6.20 37.33 1.56
C VAL B 833 5.83 35.88 1.81
N GLN B 834 4.54 35.57 1.82
CA GLN B 834 4.12 34.20 2.05
C GLN B 834 4.67 33.27 0.98
N TYR B 835 4.62 33.69 -0.29
CA TYR B 835 5.15 32.86 -1.35
C TYR B 835 6.65 32.63 -1.18
N ILE B 836 7.39 33.69 -0.82
CA ILE B 836 8.83 33.54 -0.65
C ILE B 836 9.11 32.56 0.47
N LEU B 837 8.38 32.66 1.58
CA LEU B 837 8.65 31.79 2.72
C LEU B 837 8.20 30.35 2.46
N LEU B 838 7.22 30.15 1.58
CA LEU B 838 6.73 28.81 1.29
C LEU B 838 7.47 28.14 0.14
N SER B 839 8.25 28.88 -0.64
CA SER B 839 8.94 28.29 -1.79
C SER B 839 9.72 27.02 -1.46
N PRO B 840 10.57 26.98 -0.44
CA PRO B 840 11.30 25.74 -0.16
C PRO B 840 10.37 24.58 0.12
N SER B 841 9.23 24.81 0.78
CA SER B 841 8.25 23.76 0.97
C SER B 841 7.71 23.27 -0.36
N TYR B 842 7.39 24.20 -1.26
CA TYR B 842 6.96 23.81 -2.61
C TYR B 842 7.95 22.86 -3.24
N VAL B 843 9.24 23.20 -3.18
CA VAL B 843 10.23 22.37 -3.87
C VAL B 843 10.42 21.04 -3.16
N ASN B 844 10.49 21.03 -1.84
CA ASN B 844 10.84 19.82 -1.12
C ASN B 844 9.62 18.92 -0.90
N VAL B 845 8.66 19.39 -0.11
CA VAL B 845 7.59 18.51 0.37
C VAL B 845 6.71 18.07 -0.79
N LEU B 846 6.23 19.03 -1.58
CA LEU B 846 5.32 18.70 -2.67
C LEU B 846 6.00 17.81 -3.69
N ASN B 847 7.24 18.14 -4.07
CA ASN B 847 7.92 17.35 -5.08
C ASN B 847 8.19 15.94 -4.60
N ILE B 848 8.64 15.78 -3.35
CA ILE B 848 8.90 14.45 -2.83
C ILE B 848 7.61 13.64 -2.80
N TYR B 849 6.54 14.22 -2.27
CA TYR B 849 5.29 13.48 -2.19
C TYR B 849 4.77 13.13 -3.58
N ALA B 850 4.91 14.04 -4.53
CA ALA B 850 4.42 13.78 -5.88
C ALA B 850 5.17 12.63 -6.52
N PHE B 851 6.50 12.61 -6.41
CA PHE B 851 7.25 11.55 -7.05
C PHE B 851 7.08 10.21 -6.34
N CYS B 852 6.98 10.23 -5.01
CA CYS B 852 6.81 8.98 -4.29
C CYS B 852 5.49 8.30 -4.64
N ASN B 853 4.51 9.03 -5.13
CA ASN B 853 3.19 8.49 -5.45
C ASN B 853 2.86 8.69 -6.93
N ILE B 854 3.82 8.41 -7.81
CA ILE B 854 3.55 8.51 -9.24
C ILE B 854 2.43 7.57 -9.62
N ASP B 855 2.47 6.33 -9.13
CA ASP B 855 1.37 5.39 -9.36
C ASP B 855 0.18 5.79 -8.51
N ASP B 856 -1.01 5.78 -9.11
CA ASP B 856 -2.25 6.08 -8.42
C ASP B 856 -3.10 4.81 -8.43
N ILE B 857 -2.88 3.96 -7.43
CA ILE B 857 -3.50 2.64 -7.38
C ILE B 857 -4.80 2.80 -6.60
N SER B 858 -5.87 3.14 -7.33
CA SER B 858 -7.18 3.24 -6.69
C SER B 858 -7.82 1.87 -6.49
N TRP B 859 -7.80 1.02 -7.50
CA TRP B 859 -8.40 -0.30 -7.40
C TRP B 859 -7.67 -1.15 -6.36
N GLY B 860 -8.42 -2.08 -5.76
CA GLY B 860 -7.91 -2.94 -4.71
C GLY B 860 -7.74 -4.39 -5.13
N THR B 861 -7.45 -5.22 -4.12
CA THR B 861 -7.24 -6.64 -4.35
C THR B 861 -8.53 -7.33 -4.75
N LYS B 862 -8.39 -8.50 -5.37
CA LYS B 862 -9.49 -9.31 -5.86
C LYS B 862 -9.44 -10.71 -5.28
N GLY B 863 -10.62 -11.30 -5.13
CA GLY B 863 -10.73 -12.66 -4.65
C GLY B 863 -11.89 -13.44 -5.22
N GLU B 864 -11.60 -14.59 -5.81
CA GLU B 864 -12.64 -15.49 -6.29
C GLU B 864 -13.49 -16.01 -5.13
N VAL B 865 -12.86 -16.24 -3.98
CA VAL B 865 -13.56 -16.48 -2.72
C VAL B 865 -14.46 -17.71 -2.80
N GLY B 866 -14.11 -18.64 -3.67
CA GLY B 866 -14.72 -19.96 -3.66
C GLY B 866 -16.24 -19.98 -3.60
N GLY B 867 -16.76 -20.50 -2.50
CA GLY B 867 -18.18 -20.67 -2.31
C GLY B 867 -18.87 -21.69 -3.20
N LYS B 868 -18.33 -22.91 -3.32
CA LYS B 868 -19.08 -23.98 -3.96
C LYS B 868 -20.37 -24.23 -3.16
N SER B 869 -21.49 -24.33 -3.87
CA SER B 869 -22.79 -24.50 -3.22
C SER B 869 -23.04 -25.99 -3.00
N LEU B 870 -22.33 -26.55 -2.01
CA LEU B 870 -22.51 -27.96 -1.70
C LEU B 870 -23.93 -28.24 -1.20
N GLY B 871 -24.45 -27.38 -0.33
CA GLY B 871 -25.80 -27.54 0.19
C GLY B 871 -25.96 -27.06 1.62
N GLU B 872 -27.17 -27.26 2.16
CA GLU B 872 -27.51 -26.85 3.51
C GLU B 872 -28.31 -27.96 4.18
N ALA B 873 -28.36 -27.92 5.51
CA ALA B 873 -29.15 -28.85 6.31
C ALA B 873 -30.20 -28.07 7.08
N LYS B 874 -31.47 -28.43 6.89
CA LYS B 874 -32.58 -27.80 7.57
C LYS B 874 -32.95 -28.62 8.81
N LEU B 875 -33.74 -28.00 9.69
CA LEU B 875 -34.20 -28.64 10.91
C LEU B 875 -35.71 -28.72 10.89
N ARG B 876 -36.23 -29.92 11.11
CA ARG B 876 -37.67 -30.15 11.13
C ARG B 876 -38.21 -29.94 12.55
N GLU B 877 -39.51 -30.14 12.71
CA GLU B 877 -40.11 -30.02 14.03
C GLU B 877 -39.49 -31.02 15.00
N ASP B 878 -39.25 -32.24 14.54
CA ASP B 878 -38.55 -33.23 15.34
C ASP B 878 -37.05 -32.94 15.32
N GLY B 879 -36.32 -33.63 16.21
CA GLY B 879 -34.89 -33.40 16.31
C GLY B 879 -34.13 -33.76 15.05
N THR B 880 -34.66 -34.68 14.25
CA THR B 880 -33.96 -35.15 13.07
C THR B 880 -33.63 -34.00 12.13
N PHE B 881 -32.48 -34.09 11.48
CA PHE B 881 -32.03 -33.13 10.48
C PHE B 881 -32.11 -33.75 9.10
N ASP B 882 -32.57 -32.97 8.13
CA ASP B 882 -32.69 -33.43 6.75
C ASP B 882 -31.39 -33.14 6.01
N VAL B 883 -30.72 -34.20 5.53
CA VAL B 883 -29.42 -34.09 4.90
C VAL B 883 -29.43 -34.91 3.62
N SER B 884 -28.40 -34.70 2.79
CA SER B 884 -28.23 -35.42 1.53
C SER B 884 -26.78 -35.89 1.44
N VAL B 885 -26.53 -37.15 1.75
CA VAL B 885 -25.18 -37.71 1.74
C VAL B 885 -25.19 -39.02 0.96
N PRO B 886 -24.06 -39.43 0.38
CA PRO B 886 -24.05 -40.68 -0.40
C PRO B 886 -24.40 -41.88 0.46
N ILE B 887 -25.11 -42.83 -0.15
CA ILE B 887 -25.58 -44.04 0.53
C ILE B 887 -25.14 -45.29 -0.20
N SER B 888 -25.39 -45.36 -1.51
CA SER B 888 -25.08 -46.58 -2.26
C SER B 888 -23.60 -46.89 -2.20
N LYS B 889 -23.29 -48.17 -1.95
CA LYS B 889 -21.89 -48.57 -1.83
C LYS B 889 -21.14 -48.37 -3.15
N GLU B 890 -21.83 -48.54 -4.28
CA GLU B 890 -21.18 -48.38 -5.57
C GLU B 890 -20.61 -46.98 -5.74
N GLN B 891 -21.39 -45.96 -5.38
CA GLN B 891 -20.92 -44.58 -5.52
C GLN B 891 -19.74 -44.31 -4.62
N ILE B 892 -19.78 -44.79 -3.38
CA ILE B 892 -18.67 -44.57 -2.46
C ILE B 892 -17.41 -45.24 -2.97
N ASN B 893 -17.52 -46.48 -3.44
CA ASN B 893 -16.36 -47.18 -3.96
C ASN B 893 -15.80 -46.48 -5.20
N GLN B 894 -16.69 -46.00 -6.07
CA GLN B 894 -16.22 -45.28 -7.26
C GLN B 894 -15.48 -44.02 -6.87
N SER B 895 -16.00 -43.27 -5.89
CA SER B 895 -15.30 -42.06 -5.44
C SER B 895 -13.95 -42.40 -4.84
N TYR B 896 -13.89 -43.46 -4.04
CA TYR B 896 -12.62 -43.86 -3.44
C TYR B 896 -11.61 -44.26 -4.50
N LEU B 897 -12.04 -45.01 -5.51
CA LEU B 897 -11.13 -45.39 -6.58
C LEU B 897 -10.68 -44.17 -7.37
N ASP B 898 -11.58 -43.19 -7.56
CA ASP B 898 -11.21 -41.96 -8.22
C ASP B 898 -10.12 -41.23 -7.44
N GLN B 899 -10.27 -41.16 -6.12
CA GLN B 899 -9.25 -40.53 -5.30
C GLN B 899 -7.92 -41.28 -5.39
N LEU B 900 -7.97 -42.61 -5.36
CA LEU B 900 -6.75 -43.40 -5.46
C LEU B 900 -6.04 -43.15 -6.79
N GLU B 901 -6.81 -43.10 -7.88
CA GLU B 901 -6.20 -42.84 -9.18
C GLU B 901 -5.66 -41.42 -9.28
N LYS B 902 -6.36 -40.46 -8.67
CA LYS B 902 -5.87 -39.09 -8.67
C LYS B 902 -4.54 -38.97 -7.95
N ILE B 903 -4.41 -39.64 -6.80
CA ILE B 903 -3.18 -39.54 -6.02
C ILE B 903 -2.08 -40.45 -6.56
N ARG B 904 -2.44 -41.44 -7.38
CA ARG B 904 -1.43 -42.37 -7.87
C ARG B 904 -0.46 -41.72 -8.84
N ASP B 905 -0.97 -40.88 -9.73
CA ASP B 905 -0.11 -40.26 -10.73
C ASP B 905 0.72 -39.13 -10.12
N PRO B 906 1.90 -38.86 -10.67
CA PRO B 906 2.69 -37.73 -10.18
C PRO B 906 2.10 -36.40 -10.62
N ALA B 907 2.47 -35.35 -9.90
CA ALA B 907 1.95 -34.02 -10.19
C ALA B 907 2.67 -33.44 -11.41
N PRO B 908 1.96 -33.05 -12.46
CA PRO B 908 2.63 -32.51 -13.64
C PRO B 908 3.16 -31.11 -13.37
N PRO B 909 4.26 -30.72 -14.01
CA PRO B 909 4.80 -29.37 -13.79
C PRO B 909 3.86 -28.30 -14.33
N GLU B 910 3.89 -27.14 -13.67
CA GLU B 910 3.09 -25.99 -14.06
C GLU B 910 3.93 -24.74 -13.89
N GLU B 911 4.27 -24.09 -14.99
CA GLU B 911 5.10 -22.89 -14.99
C GLU B 911 4.20 -21.66 -15.07
N LYS B 912 4.26 -20.82 -14.04
CA LYS B 912 3.46 -19.60 -14.01
C LYS B 912 3.94 -18.63 -15.07
N VAL B 913 3.16 -18.46 -16.13
CA VAL B 913 3.47 -17.52 -17.20
C VAL B 913 2.35 -16.51 -17.32
N LEU B 914 1.70 -16.21 -16.19
CA LEU B 914 0.56 -15.31 -16.21
C LEU B 914 1.00 -13.88 -16.53
N VAL B 915 0.09 -13.14 -17.17
CA VAL B 915 0.36 -11.73 -17.48
C VAL B 915 0.52 -10.91 -16.21
N THR B 916 -0.14 -11.33 -15.12
CA THR B 916 -0.08 -10.65 -13.84
C THR B 916 -0.91 -9.37 -13.86
N ASN B 917 -0.86 -8.62 -12.76
CA ASN B 917 -1.69 -7.45 -12.57
C ASN B 917 -0.90 -6.20 -12.95
N THR B 918 -1.64 -5.13 -13.25
CA THR B 918 -1.03 -3.88 -13.68
C THR B 918 -0.50 -3.06 -12.51
N GLU B 919 -0.98 -3.30 -11.29
CA GLU B 919 -0.50 -2.50 -10.16
C GLU B 919 0.98 -2.72 -9.92
N ASP B 920 1.47 -3.93 -10.17
CA ASP B 920 2.91 -4.15 -10.08
C ASP B 920 3.65 -3.35 -11.15
N TYR B 921 3.09 -3.25 -12.35
CA TYR B 921 3.74 -2.48 -13.40
C TYR B 921 3.91 -1.03 -12.99
N TYR B 922 2.85 -0.42 -12.45
CA TYR B 922 2.92 0.98 -12.07
C TYR B 922 3.75 1.18 -10.81
N ALA B 923 3.70 0.23 -9.88
CA ALA B 923 4.60 0.29 -8.74
C ALA B 923 6.05 0.24 -9.19
N PHE B 924 6.36 -0.61 -10.17
CA PHE B 924 7.71 -0.68 -10.69
C PHE B 924 8.12 0.63 -11.36
N ILE B 925 7.23 1.21 -12.17
CA ILE B 925 7.57 2.44 -12.87
C ILE B 925 7.85 3.57 -11.88
N ARG B 926 7.02 3.67 -10.84
CA ARG B 926 7.24 4.71 -9.84
C ARG B 926 8.56 4.50 -9.12
N SER B 927 8.89 3.25 -8.78
CA SER B 927 10.11 2.99 -8.03
C SER B 927 11.35 3.37 -8.83
N MET B 928 11.37 3.06 -10.12
CA MET B 928 12.51 3.43 -10.94
C MET B 928 12.66 4.94 -11.02
N THR B 929 11.54 5.66 -11.15
CA THR B 929 11.61 7.11 -11.33
C THR B 929 12.23 7.79 -10.12
N VAL B 930 11.83 7.39 -8.92
CA VAL B 930 12.39 8.02 -7.72
C VAL B 930 13.87 7.65 -7.59
N LEU B 931 14.23 6.43 -7.93
CA LEU B 931 15.63 6.03 -7.83
C LEU B 931 16.51 6.82 -8.78
N VAL B 932 16.08 6.97 -10.04
CA VAL B 932 16.83 7.79 -10.98
C VAL B 932 16.87 9.24 -10.51
N TRP B 933 15.76 9.73 -9.99
CA TRP B 933 15.71 11.10 -9.47
C TRP B 933 16.70 11.29 -8.33
N MET B 934 16.75 10.32 -7.41
CA MET B 934 17.70 10.40 -6.31
C MET B 934 19.14 10.37 -6.82
N PHE B 935 19.45 9.43 -7.70
CA PHE B 935 20.82 9.24 -8.14
C PHE B 935 21.35 10.49 -8.84
N THR B 936 20.58 11.03 -9.78
CA THR B 936 21.06 12.18 -10.55
C THR B 936 21.28 13.39 -9.66
N ASN B 937 20.36 13.65 -8.73
CA ASN B 937 20.55 14.78 -7.82
C ASN B 937 21.79 14.60 -6.96
N PHE B 938 22.02 13.38 -6.46
CA PHE B 938 23.16 13.17 -5.59
C PHE B 938 24.48 13.36 -6.33
N VAL B 939 24.53 12.92 -7.60
CA VAL B 939 25.76 13.10 -8.38
C VAL B 939 26.10 14.57 -8.49
N VAL B 940 25.10 15.41 -8.73
CA VAL B 940 25.35 16.85 -8.82
C VAL B 940 25.85 17.39 -7.48
N ILE B 941 25.22 16.96 -6.39
CA ILE B 941 25.64 17.43 -5.06
C ILE B 941 27.08 17.01 -4.79
N ALA B 942 27.43 15.77 -5.14
CA ALA B 942 28.79 15.29 -4.89
C ALA B 942 29.80 16.12 -5.65
N LEU B 943 29.52 16.43 -6.92
CA LEU B 943 30.48 17.20 -7.71
C LEU B 943 30.70 18.58 -7.12
N VAL B 944 29.63 19.26 -6.72
CA VAL B 944 29.74 20.65 -6.28
C VAL B 944 30.43 20.72 -4.92
N LEU B 945 30.06 19.83 -4.00
CA LEU B 945 30.56 19.88 -2.63
C LEU B 945 31.56 18.79 -2.30
N GLU B 946 31.76 17.83 -3.20
CA GLU B 946 32.68 16.72 -2.94
C GLU B 946 32.27 15.96 -1.68
N THR B 947 30.97 15.73 -1.53
CA THR B 947 30.47 15.04 -0.35
C THR B 947 30.83 13.57 -0.34
N GLY B 948 30.86 12.93 -1.51
CA GLY B 948 31.07 11.50 -1.57
C GLY B 948 32.52 11.15 -1.31
N GLY B 949 33.09 10.26 -2.11
CA GLY B 949 34.49 9.96 -1.98
C GLY B 949 35.42 10.94 -2.65
N PHE B 950 34.86 11.95 -3.32
CA PHE B 950 35.68 12.86 -4.11
C PHE B 950 36.69 13.61 -3.25
N ASN B 951 36.37 13.87 -1.98
CA ASN B 951 37.32 14.55 -1.11
C ASN B 951 38.58 13.74 -0.89
N GLN B 952 38.56 12.43 -1.17
CA GLN B 952 39.75 11.61 -0.98
C GLN B 952 40.82 11.93 -2.01
N PHE B 953 40.45 12.56 -3.13
CA PHE B 953 41.37 12.89 -4.25
C PHE B 953 42.02 14.27 -4.07
N VAL B 954 41.67 15.02 -3.02
CA VAL B 954 42.19 16.39 -2.77
C VAL B 954 42.97 16.41 -1.45
N GLU B 955 43.87 17.38 -1.30
CA GLU B 955 44.72 17.59 -0.09
C GLU B 955 43.90 18.36 0.96
N ALA B 956 44.28 18.25 2.24
CA ALA B 956 43.60 18.90 3.38
C ALA B 956 43.71 20.42 3.27
N THR B 957 44.87 20.93 2.84
CA THR B 957 45.15 22.39 2.71
C THR B 957 44.47 22.95 1.45
N ASP B 958 44.25 22.10 0.44
CA ASP B 958 43.63 22.47 -0.86
C ASP B 958 42.14 22.11 -0.89
N LEU B 959 41.60 21.44 0.14
CA LEU B 959 40.16 21.04 0.22
C LEU B 959 39.28 22.28 0.45
N ALA B 960 39.73 23.18 1.32
CA ALA B 960 39.02 24.43 1.69
C ALA B 960 38.94 25.39 0.49
N ASN B 961 40.02 25.43 -0.30
CA ASN B 961 40.17 26.34 -1.48
C ASN B 961 39.44 25.78 -2.70
N LEU B 962 39.36 24.45 -2.85
CA LEU B 962 38.72 23.80 -4.03
C LEU B 962 37.20 23.71 -3.86
N LYS B 963 36.69 23.66 -2.63
CA LYS B 963 35.23 23.58 -2.35
C LYS B 963 34.57 24.94 -2.61
N SER B 964 35.27 26.03 -2.32
CA SER B 964 34.79 27.43 -2.45
C SER B 964 34.55 27.81 -3.92
N ASN B 965 35.50 27.51 -4.82
CA ASN B 965 35.39 27.89 -6.22
C ASN B 965 34.18 27.22 -6.88
N ARG B 966 34.00 25.93 -6.63
CA ARG B 966 32.86 25.22 -7.20
C ARG B 966 31.54 25.79 -6.68
N ALA B 967 31.48 26.11 -5.39
CA ALA B 967 30.26 26.67 -4.83
C ALA B 967 29.94 28.01 -5.48
N ALA B 968 30.95 28.87 -5.66
CA ALA B 968 30.71 30.15 -6.29
C ALA B 968 30.20 29.98 -7.73
N VAL B 969 30.82 29.07 -8.48
CA VAL B 969 30.39 28.84 -9.86
C VAL B 969 28.95 28.36 -9.88
N PHE B 970 28.61 27.41 -9.00
CA PHE B 970 27.25 26.90 -8.97
C PHE B 970 26.25 28.00 -8.62
N LEU B 971 26.56 28.82 -7.63
CA LEU B 971 25.64 29.88 -7.23
C LEU B 971 25.39 30.83 -8.40
N THR B 972 26.46 31.28 -9.06
CA THR B 972 26.26 32.20 -10.16
C THR B 972 25.44 31.55 -11.27
N VAL B 973 25.73 30.28 -11.58
CA VAL B 973 25.01 29.61 -12.66
C VAL B 973 23.52 29.55 -12.35
N ILE B 974 23.17 29.07 -11.15
CA ILE B 974 21.76 28.87 -10.85
C ILE B 974 21.01 30.20 -10.79
N LEU B 975 21.60 31.20 -10.12
CA LEU B 975 20.90 32.47 -9.99
C LEU B 975 20.70 33.13 -11.34
N TRP B 976 21.73 33.10 -12.20
CA TRP B 976 21.57 33.75 -13.49
C TRP B 976 20.67 32.97 -14.42
N THR B 977 20.59 31.65 -14.27
CA THR B 977 19.59 30.88 -15.01
C THR B 977 18.19 31.34 -14.65
N VAL B 978 17.92 31.49 -13.35
CA VAL B 978 16.61 31.97 -12.93
C VAL B 978 16.34 33.35 -13.50
N ALA B 979 17.32 34.25 -13.41
CA ALA B 979 17.13 35.61 -13.89
C ALA B 979 16.84 35.64 -15.38
N PHE B 980 17.57 34.85 -16.17
CA PHE B 980 17.37 34.88 -17.62
C PHE B 980 16.03 34.28 -18.00
N MET B 981 15.59 33.23 -17.30
CA MET B 981 14.23 32.73 -17.56
C MET B 981 13.20 33.80 -17.25
N ALA B 982 13.39 34.55 -16.16
CA ALA B 982 12.47 35.63 -15.84
C ALA B 982 12.43 36.66 -16.95
N LEU B 983 13.60 37.03 -17.48
CA LEU B 983 13.65 38.01 -18.56
C LEU B 983 12.93 37.49 -19.81
N PHE B 984 13.14 36.21 -20.12
CA PHE B 984 12.46 35.60 -21.26
C PHE B 984 10.95 35.73 -21.12
N ARG B 985 10.41 35.37 -19.95
CA ARG B 985 8.97 35.45 -19.76
C ARG B 985 8.49 36.91 -19.78
N PHE B 986 9.32 37.84 -19.28
CA PHE B 986 8.94 39.24 -19.30
C PHE B 986 8.79 39.76 -20.73
N ILE B 987 9.78 39.46 -21.58
CA ILE B 987 9.67 39.84 -22.99
C ILE B 987 8.43 39.21 -23.61
N GLY B 988 8.19 37.93 -23.32
CA GLY B 988 7.01 37.27 -23.82
C GLY B 988 5.74 38.03 -23.49
N CYS B 989 5.57 38.38 -22.20
CA CYS B 989 4.35 39.05 -21.78
C CYS B 989 4.20 40.42 -22.41
N ILE B 990 5.32 41.16 -22.56
CA ILE B 990 5.23 42.47 -23.20
C ILE B 990 4.74 42.31 -24.64
N TYR B 991 5.30 41.33 -25.35
CA TYR B 991 4.84 41.07 -26.71
C TYR B 991 3.35 40.74 -26.73
N TYR B 992 2.90 39.93 -25.78
CA TYR B 992 1.48 39.56 -25.73
C TYR B 992 0.61 40.80 -25.55
N LEU B 993 1.00 41.68 -24.64
CA LEU B 993 0.22 42.91 -24.43
C LEU B 993 0.17 43.74 -25.70
N ILE B 994 1.32 43.91 -26.36
CA ILE B 994 1.38 44.76 -27.54
C ILE B 994 0.48 44.19 -28.64
N THR B 995 0.60 42.89 -28.90
CA THR B 995 -0.17 42.29 -29.98
C THR B 995 -1.66 42.27 -29.66
N ARG B 996 -2.04 42.03 -28.40
CA ARG B 996 -3.44 42.04 -28.05
C ARG B 996 -4.02 43.44 -28.20
N LEU B 997 -3.28 44.46 -27.77
CA LEU B 997 -3.76 45.83 -27.96
C LEU B 997 -3.90 46.16 -29.44
N GLY B 998 -2.94 45.74 -30.25
CA GLY B 998 -3.03 45.98 -31.68
C GLY B 998 -4.25 45.30 -32.30
N ARG B 999 -4.51 44.05 -31.91
CA ARG B 999 -5.68 43.36 -32.43
C ARG B 999 -6.96 44.06 -31.98
N GLU B 1000 -7.01 44.52 -30.74
CA GLU B 1000 -8.18 45.26 -30.26
C GLU B 1000 -8.39 46.53 -31.07
N ILE B 1001 -7.29 47.24 -31.37
CA ILE B 1001 -7.41 48.47 -32.15
C ILE B 1001 -8.01 48.17 -33.52
N LYS B 1002 -7.52 47.11 -34.18
CA LYS B 1002 -8.06 46.71 -35.47
C LYS B 1002 -9.47 46.17 -35.33
P 3PE C . 24.98 -13.39 14.91
N 3PE C . 20.51 -14.77 13.03
O11 3PE C . 25.14 -11.83 15.41
O12 3PE C . 24.62 -14.26 16.08
O13 3PE C . 23.82 -13.47 13.74
O14 3PE C . 26.30 -13.85 14.33
C11 3PE C . 22.56 -14.00 14.06
C12 3PE C . 21.94 -14.65 12.82
C1 3PE C . 25.31 -10.84 14.42
C2 3PE C . 26.08 -9.66 14.98
C3 3PE C . 27.51 -10.10 15.27
O31 3PE C . 28.31 -9.89 14.15
O32 3PE C . 28.17 -12.06 13.55
C31 3PE C . 28.66 -10.99 13.37
C32 3PE C . 29.70 -10.79 12.27
C33 3PE C . 30.21 -12.13 11.76
C34 3PE C . 31.45 -11.87 10.91
C35 3PE C . 32.15 -13.21 10.62
C36 3PE C . 33.66 -12.98 10.44
C37 3PE C . 34.39 -14.32 10.57
C38 3PE C . 35.70 -14.29 9.78
C39 3PE C . 36.31 -15.69 9.76
C3A 3PE C . 37.41 -15.74 8.69
O21 3PE C . 26.04 -8.62 14.03
O22 3PE C . 26.97 -6.93 15.21
C21 3PE C . 26.95 -7.56 14.21
C22 3PE C . 27.90 -7.23 13.07
C23 3PE C . 29.18 -6.57 13.61
C24 3PE C . 30.02 -6.08 12.44
C25 3PE C . 30.62 -7.26 11.69
C26 3PE C . 31.82 -6.79 10.89
C27 3PE C . 32.51 -7.98 10.21
C28 3PE C . 33.90 -7.56 9.74
C29 3PE C . 34.60 -8.72 9.05
C2A 3PE C . 36.07 -8.76 9.47
C2B 3PE C . 36.71 -10.03 8.91
C2C 3PE C . 38.13 -10.18 9.45
C2D 3PE C . 38.71 -11.50 8.96
C2E 3PE C . 40.02 -11.79 9.68
C2F 3PE C . 40.44 -13.23 9.36
C2G 3PE C . 41.79 -13.52 10.01
HN2 3PE C . 20.32 -15.56 13.61
H111 3PE C . 21.91 -13.21 14.41
H112 3PE C . 22.66 -14.75 14.83
H121 3PE C . 22.13 -14.03 11.95
H122 3PE C . 22.37 -15.63 12.66
H11 3PE C . 24.34 -10.52 14.07
H12 3PE C . 25.86 -11.27 13.59
H2 3PE C . 25.61 -9.32 15.90
H31 3PE C . 27.52 -11.14 15.55
H32 3PE C . 27.90 -9.51 16.10
H321 3PE C . 30.52 -10.23 12.68
H322 3PE C . 29.25 -10.22 11.45
H331 3PE C . 29.44 -12.61 11.15
H332 3PE C . 30.46 -12.78 12.59
H341 3PE C . 32.12 -11.22 11.45
H342 3PE C . 31.17 -11.40 9.97
H351 3PE C . 31.75 -13.61 9.70
H352 3PE C . 31.99 -13.90 11.42
H361 3PE C . 34.02 -12.30 11.19
H362 3PE C . 33.85 -12.56 9.45
H371 3PE C . 33.76 -15.12 10.20
H372 3PE C . 34.61 -14.50 11.62
H381 3PE C . 36.39 -13.60 10.24
H382 3PE C . 35.50 -13.97 8.76
H391 3PE C . 35.55 -16.42 9.52
H392 3PE C . 36.74 -15.91 10.73
H221 3PE C . 27.42 -6.54 12.38
H222 3PE C . 28.16 -8.13 12.53
H231 3PE C . 29.75 -7.29 14.18
H232 3PE C . 28.91 -5.73 14.24
H241 3PE C . 30.81 -5.44 12.80
H242 3PE C . 29.39 -5.51 11.75
H251 3PE C . 29.88 -7.69 11.02
H252 3PE C . 30.93 -8.02 12.40
H261 3PE C . 32.53 -6.30 11.55
H262 3PE C . 31.49 -6.09 10.13
H271 3PE C . 31.92 -8.31 9.36
H272 3PE C . 32.60 -8.80 10.91
H281 3PE C . 34.49 -7.22 10.59
H282 3PE C . 33.80 -6.73 9.04
H291 3PE C . 34.53 -8.61 7.97
H292 3PE C . 34.12 -9.65 9.34
H2A1 3PE C . 36.14 -8.76 10.55
H2A2 3PE C . 36.58 -7.89 9.07
H2B1 3PE C . 36.73 -9.98 7.83
H2B2 3PE C . 36.12 -10.89 9.23
H2C1 3PE C . 38.12 -10.16 10.54
H2C2 3PE C . 38.74 -9.36 9.09
H2D1 3PE C . 38.88 -11.45 7.90
H2D2 3PE C . 38.00 -12.30 9.18
H2E1 3PE C . 39.89 -11.68 10.74
H2E2 3PE C . 40.79 -11.11 9.33
H2F1 3PE C . 40.52 -13.35 8.28
H2F2 3PE C . 39.69 -13.91 9.75
P 3PE D . 16.48 -24.28 41.50
O11 3PE D . 17.91 -23.93 42.23
O12 3PE D . 16.53 -25.69 40.94
O13 3PE D . 15.26 -24.18 42.61
O14 3PE D . 16.20 -23.31 40.38
C11 3PE D . 15.35 -24.99 43.75
C1 3PE D . 19.09 -24.16 41.51
C2 3PE D . 19.37 -22.98 40.59
C3 3PE D . 19.62 -21.72 41.42
O31 3PE D . 21.00 -21.52 41.55
O32 3PE D . 21.00 -22.62 43.51
C31 3PE D . 21.63 -22.20 42.61
C32 3PE D . 23.15 -22.39 42.60
C33 3PE D . 23.57 -23.06 41.28
C34 3PE D . 25.08 -23.04 41.15
C35 3PE D . 25.49 -23.44 39.74
C36 3PE D . 26.85 -22.85 39.38
C37 3PE D . 27.11 -23.09 37.89
C38 3PE D . 28.40 -22.40 37.42
C39 3PE D . 28.26 -20.88 37.35
C3A 3PE D . 29.64 -20.25 37.28
C3B 3PE D . 30.36 -20.63 35.99
C3C 3PE D . 31.62 -19.76 35.84
C3D 3PE D . 32.38 -20.16 34.59
C3E 3PE D . 33.50 -19.15 34.33
O21 3PE D . 20.51 -23.25 39.84
O22 3PE D . 19.77 -21.80 38.27
C21 3PE D . 20.59 -22.61 38.60
C22 3PE D . 21.73 -22.95 37.66
C23 3PE D . 21.87 -21.90 36.56
C24 3PE D . 23.18 -22.19 35.83
C25 3PE D . 23.38 -21.24 34.66
C26 3PE D . 24.79 -21.46 34.13
C27 3PE D . 25.03 -20.59 32.90
C28 3PE D . 26.54 -20.51 32.65
C29 3PE D . 26.81 -19.65 31.41
C2A 3PE D . 26.92 -18.18 31.81
C2B 3PE D . 28.36 -17.88 32.23
C2C 3PE D . 28.47 -16.43 32.69
H11 3PE D . 18.97 -25.07 40.91
H12 3PE D . 19.91 -24.29 42.21
H2 3PE D . 18.52 -22.82 39.94
H31 3PE D . 19.15 -21.82 42.39
H32 3PE D . 19.19 -20.87 40.90
H321 3PE D . 23.44 -23.00 43.43
H322 3PE D . 23.63 -21.43 42.68
H331 3PE D . 23.12 -22.54 40.44
H332 3PE D . 23.23 -24.09 41.29
H341 3PE D . 25.52 -23.75 41.87
H342 3PE D . 25.45 -22.05 41.36
H351 3PE D . 24.74 -23.10 39.03
H352 3PE D . 25.56 -24.53 39.67
H361 3PE D . 27.62 -23.33 39.96
H362 3PE D . 26.85 -21.79 39.60
H371 3PE D . 26.27 -22.72 37.31
H372 3PE D . 27.21 -24.15 37.73
H381 3PE D . 28.66 -22.78 36.43
H382 3PE D . 29.21 -22.65 38.10
H391 3PE D . 27.75 -20.51 38.22
H392 3PE D . 27.69 -20.61 36.45
H3A1 3PE D . 30.24 -20.58 38.13
H3A2 3PE D . 29.54 -19.16 37.32
H3B1 3PE D . 29.70 -20.45 35.14
H3B2 3PE D . 30.64 -21.67 36.01
H3C1 3PE D . 32.24 -19.90 36.71
H3C2 3PE D . 31.33 -18.72 35.77
H3D1 3PE D . 31.71 -20.19 33.74
H3D2 3PE D . 32.81 -21.15 34.73
H221 3PE D . 21.53 -23.92 37.20
H222 3PE D . 22.65 -23.02 38.22
H231 3PE D . 21.91 -20.91 37.01
H232 3PE D . 21.03 -21.96 35.87
H241 3PE D . 23.17 -23.22 35.47
H242 3PE D . 24.00 -22.07 36.53
H251 3PE D . 23.26 -20.21 35.00
H252 3PE D . 22.65 -21.45 33.88
H261 3PE D . 24.94 -22.49 33.88
H262 3PE D . 25.50 -21.17 34.90
H271 3PE D . 24.65 -19.60 33.07
H272 3PE D . 24.55 -21.03 32.04
H281 3PE D . 26.94 -21.51 32.50
H282 3PE D . 27.02 -20.06 33.51
H291 3PE D . 26.02 -19.79 30.68
H292 3PE D . 27.75 -19.96 30.98
H2A1 3PE D . 26.24 -17.97 32.63
H2A2 3PE D . 26.66 -17.57 30.97
H2B1 3PE D . 29.02 -18.05 31.39
H2B2 3PE D . 28.64 -18.54 33.05
P 3PE E . 33.24 9.67 5.38
N 3PE E . 34.78 14.33 6.48
O11 3PE E . 32.64 9.94 3.87
O12 3PE E . 34.64 9.12 5.27
O13 3PE E . 33.26 11.09 6.22
O14 3PE E . 32.36 8.67 6.10
C11 3PE E . 34.19 12.06 5.85
C12 3PE E . 34.38 13.03 7.01
C1 3PE E . 31.50 9.23 3.46
C2 3PE E . 30.26 9.73 4.18
C3 3PE E . 29.92 11.14 3.69
O31 3PE E . 28.62 11.16 3.15
O32 3PE E . 29.44 10.27 1.28
C31 3PE E . 28.55 10.84 1.79
C32 3PE E . 27.31 11.20 0.98
C33 3PE E . 26.09 10.53 1.60
C34 3PE E . 24.85 10.76 0.75
C35 3PE E . 23.64 10.69 1.69
C36 3PE E . 22.32 10.89 0.95
C37 3PE E . 21.26 11.32 1.96
C38 3PE E . 19.86 11.22 1.34
C39 3PE E . 18.81 11.38 2.43
C3A 3PE E . 17.41 11.33 1.81
C3B 3PE E . 17.19 9.98 1.12
O21 3PE E . 29.19 8.87 3.90
O22 3PE E . 28.15 9.59 5.74
C21 3PE E . 28.28 8.72 4.95
C22 3PE E . 27.43 7.45 5.05
C23 3PE E . 25.98 7.82 5.36
C24 3PE E . 25.40 6.87 6.39
C25 3PE E . 24.93 5.55 5.77
C26 3PE E . 24.15 4.80 6.83
C27 3PE E . 23.43 3.58 6.26
C28 3PE E . 22.59 2.85 7.32
C29 3PE E . 21.82 3.77 8.28
C2A 3PE E . 20.81 4.64 7.53
C2B 3PE E . 20.66 6.01 8.21
C2C 3PE E . 19.60 6.79 7.44
C2D 3PE E . 19.86 8.29 7.47
C2E 3PE E . 19.26 8.94 8.71
C2F 3PE E . 19.52 10.44 8.67
C2G 3PE E . 18.66 11.14 9.73
HN2 3PE E . 35.77 14.35 6.34
H111 3PE E . 33.83 12.60 4.99
H112 3PE E . 35.13 11.59 5.61
H121 3PE E . 33.45 13.14 7.56
H122 3PE E . 35.15 12.66 7.68
H11 3PE E . 31.64 8.17 3.68
H12 3PE E . 31.38 9.35 2.39
H2 3PE E . 30.44 9.76 5.25
H31 3PE E . 30.63 11.45 2.93
H32 3PE E . 29.97 11.82 4.53
H321 3PE E . 27.43 10.84 -0.04
H322 3PE E . 27.17 12.28 0.96
H331 3PE E . 25.93 10.93 2.60
H332 3PE E . 26.28 9.47 1.68
H341 3PE E . 24.77 9.98 0.00
H342 3PE E . 24.88 11.73 0.28
H351 3PE E . 23.74 11.46 2.45
H352 3PE E . 23.64 9.72 2.17
H361 3PE E . 22.03 9.95 0.49
H362 3PE E . 22.43 11.66 0.19
H371 3PE E . 21.44 12.34 2.27
H372 3PE E . 21.28 10.68 2.83
H381 3PE E . 19.76 10.24 0.87
H382 3PE E . 19.74 11.99 0.60
H391 3PE E . 18.95 12.34 2.92
H392 3PE E . 18.90 10.58 3.16
H3A1 3PE E . 17.32 12.12 1.08
H3A2 3PE E . 16.66 11.47 2.58
H221 3PE E . 27.83 6.84 5.86
H222 3PE E . 27.47 6.91 4.12
H231 3PE E . 25.40 7.77 4.44
H232 3PE E . 25.93 8.83 5.75
H241 3PE E . 24.55 7.35 6.87
H242 3PE E . 26.15 6.66 7.15
H251 3PE E . 25.79 4.98 5.45
H252 3PE E . 24.29 5.77 4.91
H261 3PE E . 23.43 5.49 7.27
H262 3PE E . 24.84 4.47 7.60
H271 3PE E . 24.18 2.89 5.89
H272 3PE E . 22.80 3.89 5.44
H281 3PE E . 23.26 2.24 7.91
H282 3PE E . 21.88 2.20 6.82
H291 3PE E . 22.52 4.40 8.82
H292 3PE E . 21.29 3.16 9.00
H2A1 3PE E . 19.85 4.13 7.53
H2A2 3PE E . 21.13 4.79 6.51
H2B1 3PE E . 21.61 6.52 8.15
H2B2 3PE E . 20.36 5.88 9.24
H2C1 3PE E . 18.62 6.59 7.86
H2C2 3PE E . 19.60 6.45 6.40
H2D1 3PE E . 19.40 8.75 6.60
H2D2 3PE E . 20.93 8.48 7.45
H2E1 3PE E . 19.71 8.51 9.60
H2E2 3PE E . 18.19 8.75 8.72
H2F1 3PE E . 19.26 10.82 7.69
H2F2 3PE E . 20.56 10.63 8.86
P 3PE F . -1.18 11.09 16.67
N 3PE F . -3.46 8.11 13.37
O11 3PE F . 0.41 11.54 16.79
O12 3PE F . -1.74 10.86 18.05
O13 3PE F . -1.29 9.71 15.78
O14 3PE F . -1.95 12.19 15.99
C11 3PE F . -2.53 9.38 15.22
C12 3PE F . -2.38 8.14 14.34
C1 3PE F . 0.71 12.88 17.03
C2 3PE F . 2.12 13.18 16.54
C3 3PE F . 2.69 14.42 17.24
O31 3PE F . 3.19 15.28 16.26
O32 3PE F . 3.48 16.91 17.78
C31 3PE F . 3.85 16.41 16.76
C32 3PE F . 5.04 17.00 16.01
C33 3PE F . 6.04 15.87 15.76
C34 3PE F . 7.31 16.39 15.09
C35 3PE F . 8.30 15.24 15.09
C36 3PE F . 9.67 15.62 14.51
C37 3PE F . 9.60 15.99 13.03
C38 3PE F . 10.98 16.48 12.59
C39 3PE F . 10.93 16.90 11.13
O21 3PE F . 2.96 12.06 16.70
O22 3PE F . 2.43 11.72 18.87
C21 3PE F . 3.20 11.55 17.98
C22 3PE F . 4.47 10.75 18.22
C23 3PE F . 5.55 11.69 18.76
C24 3PE F . 6.82 11.58 17.92
C25 3PE F . 7.44 10.20 18.02
C26 3PE F . 8.94 10.30 17.79
C27 3PE F . 9.23 11.05 16.49
C28 3PE F . 10.67 10.78 16.03
C29 3PE F . 10.82 11.16 14.56
C2A 3PE F . 12.13 11.92 14.30
C2B 3PE F . 13.15 10.98 13.66
C2C 3PE F . 14.37 11.77 13.18
C2D 3PE F . 15.11 10.96 12.12
HN2 3PE F . -3.51 8.99 12.89
H111 3PE F . -2.89 10.21 14.62
H112 3PE F . -3.24 9.18 16.01
H121 3PE F . -1.43 8.18 13.81
H122 3PE F . -2.42 7.25 14.95
H11 3PE F . 0.63 13.09 18.09
H12 3PE F . 0.01 13.51 16.50
H2 3PE F . 2.06 13.40 15.47
H31 3PE F . 3.49 14.13 17.91
H32 3PE F . 1.90 14.91 17.80
H321 3PE F . 5.50 17.78 16.61
H322 3PE F . 4.71 17.41 15.06
H331 3PE F . 5.58 15.11 15.14
H332 3PE F . 6.30 15.43 16.72
H341 3PE F . 7.71 17.22 15.66
H342 3PE F . 7.09 16.71 14.08
H351 3PE F . 7.89 14.42 14.51
H352 3PE F . 8.45 14.91 16.12
H361 3PE F . 10.34 14.78 14.64
H362 3PE F . 10.07 16.47 15.07
H371 3PE F . 8.87 16.76 12.86
H372 3PE F . 9.34 15.11 12.45
H381 3PE F . 11.71 15.69 12.72
H382 3PE F . 11.27 17.34 13.20
H221 3PE F . 4.81 10.32 17.28
H222 3PE F . 4.28 9.96 18.94
H231 3PE F . 5.77 11.45 19.79
H232 3PE F . 5.17 12.71 18.70
H241 3PE F . 7.54 12.33 18.26
H242 3PE F . 6.58 11.79 16.88
H251 3PE F . 6.99 9.53 17.30
H252 3PE F . 7.26 9.81 19.03
H261 3PE F . 9.37 9.30 17.73
H262 3PE F . 9.40 10.83 18.61
H271 3PE F . 9.11 12.11 16.64
H272 3PE F . 8.53 10.72 15.72
H281 3PE F . 10.88 9.71 16.14
H282 3PE F . 11.36 11.33 16.65
H291 3PE F . 9.99 11.78 14.25
H292 3PE F . 10.83 10.26 13.97
H2A1 3PE F . 12.53 12.34 15.22
H2A2 3PE F . 11.93 12.73 13.60
H2B1 3PE F . 12.71 10.49 12.81
H2B2 3PE F . 13.46 10.24 14.39
H2C1 3PE F . 15.04 11.97 14.02
H2C2 3PE F . 14.05 12.71 12.75
MG MG G . 6.16 -24.39 5.34
C1' UD1 H . 7.95 -21.11 8.48
C2' UD1 H . 8.01 -21.95 9.79
C3' UD1 H . 6.90 -21.59 10.73
C4' UD1 H . 6.88 -20.16 11.06
C5' UD1 H . 6.79 -19.31 9.83
C6' UD1 H . 6.89 -17.85 10.23
C7' UD1 H . 9.10 -24.20 9.15
C8' UD1 H . 10.49 -23.56 9.25
N2' UD1 H . 7.88 -23.38 9.43
O1' UD1 H . 6.94 -21.45 7.78
O3' UD1 H . 7.09 -22.35 11.98
O4' UD1 H . 5.71 -19.88 11.90
O5' UD1 H . 7.87 -19.60 8.85
O6' UD1 H . 6.10 -17.66 11.35
O7' UD1 H . 9.00 -25.34 8.87
N1 UD1 H . -0.51 -21.12 7.56
C2 UD1 H . -1.78 -20.95 7.89
N3 UD1 H . -2.49 -20.04 7.27
C4 UD1 H . -1.98 -19.29 6.32
C5 UD1 H . -0.66 -19.45 5.94
C6 UD1 H . 0.07 -20.41 6.61
O2 UD1 H . -2.28 -21.63 8.77
O4 UD1 H . -2.77 -18.33 5.68
C1B UD1 H . 0.28 -22.16 8.28
C2B UD1 H . 1.24 -22.99 7.23
O2' UD1 H . 0.51 -24.14 6.66
C3B UD1 H . 2.31 -23.49 8.16
C4B UD1 H . 2.48 -22.30 9.18
O4B UD1 H . 1.15 -21.54 9.19
O3B UD1 H . 1.79 -24.73 8.89
C5B UD1 H . 3.54 -21.45 8.78
O5B UD1 H . 3.46 -21.23 7.40
PA UD1 H . 4.33 -19.97 6.69
O1A UD1 H . 5.04 -19.18 7.78
O2A UD1 H . 3.38 -19.05 5.92
O3A UD1 H . 5.48 -20.62 5.64
PB UD1 H . 6.97 -21.18 6.14
O1B UD1 H . 7.29 -22.47 5.42
O2B UD1 H . 8.04 -20.14 5.82
P 3PE I . 9.31 28.92 -10.08
N 3PE I . 5.02 26.34 -9.43
O11 3PE I . 10.68 28.06 -10.36
O12 3PE I . 8.70 29.35 -11.40
O13 3PE I . 8.23 27.99 -9.22
O14 3PE I . 9.66 30.15 -9.27
C11 3PE I . 7.12 27.46 -9.88
C12 3PE I . 5.97 27.29 -8.89
C1 3PE I . 11.28 27.43 -9.27
C2 3PE I . 12.78 27.26 -9.51
C3 3PE I . 13.43 28.64 -9.51
O31 3PE I . 13.83 28.98 -8.21
O32 3PE I . 11.99 30.26 -7.89
C31 3PE I . 13.04 29.89 -7.50
C32 3PE I . 13.60 30.41 -6.17
C33 3PE I . 12.82 31.63 -5.70
C34 3PE I . 13.59 32.29 -4.56
C35 3PE I . 12.99 33.66 -4.26
C36 3PE I . 14.07 34.61 -3.72
C37 3PE I . 13.57 36.06 -3.83
C38 3PE I . 14.23 36.92 -2.76
C39 3PE I . 13.58 38.30 -2.73
C3A 3PE I . 14.00 39.04 -1.46
O21 3PE I . 13.30 26.45 -8.50
O22 3PE I . 15.40 26.13 -9.25
C21 3PE I . 14.69 26.43 -8.35
C22 3PE I . 15.29 26.79 -6.99
C23 3PE I . 16.70 27.36 -7.15
C24 3PE I . 17.33 27.53 -5.78
C25 3PE I . 16.66 28.69 -5.04
C26 3PE I . 17.58 29.19 -3.93
C27 3PE I . 16.99 30.41 -3.24
C28 3PE I . 18.08 31.10 -2.43
C29 3PE I . 17.49 32.33 -1.72
C2A 3PE I . 18.49 33.49 -1.79
C2B 3PE I . 17.83 34.74 -1.24
C2C 3PE I . 18.74 35.95 -1.45
C2D 3PE I . 18.02 37.20 -0.98
C2E 3PE I . 18.80 38.45 -1.40
C2F 3PE I . 17.93 39.68 -1.15
C2G 3PE I . 18.71 40.95 -1.50
HN2 3PE I . 4.46 26.79 -10.13
H111 3PE I . 7.37 26.48 -10.29
H112 3PE I . 6.81 28.11 -10.68
H121 3PE I . 6.35 26.94 -7.93
H122 3PE I . 5.48 28.26 -8.75
H11 3PE I . 10.82 26.45 -9.12
H12 3PE I . 11.13 28.03 -8.38
H2 3PE I . 12.94 26.79 -10.48
H31 3PE I . 12.72 29.38 -9.89
H32 3PE I . 14.29 28.64 -10.16
H321 3PE I . 14.63 30.70 -6.33
H322 3PE I . 13.55 29.63 -5.42
H331 3PE I . 11.83 31.32 -5.35
H332 3PE I . 12.69 32.33 -6.52
H341 3PE I . 14.63 32.41 -4.87
H342 3PE I . 13.55 31.66 -3.67
H351 3PE I . 12.22 33.54 -3.51
H352 3PE I . 12.56 34.09 -5.16
H361 3PE I . 14.97 34.51 -4.31
H362 3PE I . 14.27 34.37 -2.68
H371 3PE I . 12.49 36.09 -3.70
H372 3PE I . 13.82 36.45 -4.80
H381 3PE I . 15.29 37.02 -2.97
H382 3PE I . 14.12 36.46 -1.78
H391 3PE I . 12.51 38.19 -2.76
H392 3PE I . 13.91 38.87 -3.60
H221 3PE I . 15.33 25.91 -6.37
H222 3PE I . 14.66 27.54 -6.51
H231 3PE I . 16.65 28.32 -7.66
H232 3PE I . 17.30 26.68 -7.74
H241 3PE I . 18.39 27.74 -5.88
H242 3PE I . 17.20 26.63 -5.20
H251 3PE I . 15.72 28.36 -4.61
H252 3PE I . 16.47 29.51 -5.74
H261 3PE I . 18.55 29.45 -4.35
H262 3PE I . 17.72 28.40 -3.20
H271 3PE I . 16.18 30.11 -2.58
H272 3PE I . 16.59 31.10 -3.99
H281 3PE I . 18.89 31.41 -3.07
H282 3PE I . 18.46 30.42 -1.68
H291 3PE I . 17.29 32.09 -0.68
H292 3PE I . 16.57 32.63 -2.21
H2A1 3PE I . 18.78 33.65 -2.83
H2A2 3PE I . 19.37 33.25 -1.20
H2B1 3PE I . 17.63 34.61 -0.18
H2B2 3PE I . 16.89 34.91 -1.76
H2C1 3PE I . 19.00 36.04 -2.49
H2C2 3PE I . 19.65 35.82 -0.87
H2D1 3PE I . 17.91 37.19 0.10
H2D2 3PE I . 17.02 37.24 -1.43
H2E1 3PE I . 19.04 38.38 -2.45
H2E2 3PE I . 19.70 38.52 -0.82
H2F1 3PE I . 17.63 39.71 -0.10
H2F2 3PE I . 17.03 39.62 -1.77
P 3PE J . 1.97 32.63 -38.90
O11 3PE J . 3.31 33.54 -39.24
O12 3PE J . 0.84 33.56 -38.49
O13 3PE J . 1.55 31.80 -40.25
O14 3PE J . 2.27 31.68 -37.78
C11 3PE J . 1.25 32.52 -41.41
C1 3PE J . 3.71 34.50 -38.30
C2 3PE J . 4.56 33.83 -37.22
C3 3PE J . 5.83 33.26 -37.83
O31 3PE J . 6.89 34.16 -37.62
O32 3PE J . 6.52 35.09 -39.64
C31 3PE J . 7.02 35.19 -38.57
C32 3PE J . 7.85 36.43 -38.23
C33 3PE J . 7.32 37.06 -36.94
C34 3PE J . 8.26 38.16 -36.46
C35 3PE J . 7.89 38.57 -35.04
C36 3PE J . 9.10 39.14 -34.31
C37 3PE J . 8.76 39.35 -32.84
C38 3PE J . 9.97 39.79 -32.01
C39 3PE J . 10.98 38.67 -31.82
C3A 3PE J . 12.32 39.26 -31.37
C3B 3PE J . 12.19 39.90 -29.99
C3C 3PE J . 13.59 40.25 -29.48
C3D 3PE J . 13.50 40.96 -28.13
C3E 3PE J . 14.88 41.08 -27.53
O21 3PE J . 4.91 34.77 -36.26
O22 3PE J . 5.15 33.10 -34.77
C21 3PE J . 5.14 34.27 -34.97
C22 3PE J . 5.40 35.25 -33.84
C23 3PE J . 6.02 34.54 -32.64
C24 3PE J . 6.45 35.62 -31.66
C25 3PE J . 7.01 35.02 -30.38
C26 3PE J . 7.63 36.15 -29.56
C27 3PE J . 8.15 35.63 -28.24
C28 3PE J . 9.10 36.66 -27.64
C29 3PE J . 9.62 36.16 -26.28
C2A 3PE J . 10.86 35.30 -26.50
C2B 3PE J . 12.09 36.21 -26.53
C2C 3PE J . 13.35 35.38 -26.80
H11 3PE J . 2.84 34.96 -37.85
H12 3PE J . 4.30 35.26 -38.80
H2 3PE J . 3.99 33.02 -36.76
H31 3PE J . 5.70 33.08 -38.89
H32 3PE J . 6.08 32.32 -37.34
H321 3PE J . 7.77 37.15 -39.04
H322 3PE J . 8.89 36.16 -38.09
H331 3PE J . 7.22 36.29 -36.18
H332 3PE J . 6.33 37.48 -37.13
H341 3PE J . 8.18 39.02 -37.12
H342 3PE J . 9.28 37.79 -36.48
H351 3PE J . 7.52 37.72 -34.49
H352 3PE J . 7.11 39.33 -35.07
H361 3PE J . 9.36 40.10 -34.76
H362 3PE J . 9.94 38.46 -34.42
H371 3PE J . 8.37 38.42 -32.43
H372 3PE J . 7.99 40.11 -32.77
H381 3PE J . 9.63 40.13 -31.05
H382 3PE J . 10.46 40.63 -32.53
H391 3PE J . 11.13 38.14 -32.75
H392 3PE J . 10.62 37.98 -31.06
H3A1 3PE J . 12.65 40.01 -32.08
H3A2 3PE J . 13.07 38.47 -31.33
H3B1 3PE J . 11.71 39.21 -29.31
H3B2 3PE J . 11.60 40.81 -30.07
H3C1 3PE J . 14.09 40.90 -30.20
H3C2 3PE J . 14.16 39.33 -29.36
H3D1 3PE J . 12.86 40.39 -27.47
H3D2 3PE J . 13.07 41.95 -28.27
H221 3PE J . 4.45 35.70 -33.54
H222 3PE J . 6.06 36.03 -34.19
H231 3PE J . 6.87 33.97 -32.95
H232 3PE J . 5.28 33.89 -32.17
H241 3PE J . 5.61 36.26 -31.42
H242 3PE J . 7.23 36.23 -32.14
H251 3PE J . 7.78 34.28 -30.62
H252 3PE J . 6.22 34.54 -29.82
H261 3PE J . 6.90 36.93 -29.40
H262 3PE J . 8.47 36.56 -30.13
H271 3PE J . 8.67 34.69 -28.38
H272 3PE J . 7.31 35.47 -27.56
H281 3PE J . 8.58 37.60 -27.49
H282 3PE J . 9.94 36.80 -28.31
H291 3PE J . 8.86 35.59 -25.77
H292 3PE J . 9.89 37.02 -25.68
H2A1 3PE J . 10.78 34.75 -27.43
H2A2 3PE J . 10.97 34.61 -25.66
H2B1 3PE J . 12.19 36.73 -25.58
H2B2 3PE J . 11.98 36.94 -27.33
P 3PE K . 29.40 18.72 3.43
N 3PE K . 34.07 16.86 3.21
O11 3PE K . 28.86 17.93 4.78
O12 3PE K . 29.85 20.10 3.81
O13 3PE K . 30.65 17.87 2.78
O14 3PE K . 28.27 18.81 2.43
C11 3PE K . 31.88 17.88 3.44
C12 3PE K . 32.98 17.49 2.47
C1 3PE K . 27.53 17.53 4.85
C2 3PE K . 27.28 16.34 3.92
C3 3PE K . 27.99 15.10 4.45
O31 3PE K . 27.08 14.07 4.69
O32 3PE K . 26.50 15.08 6.59
C31 3PE K . 26.47 14.09 5.95
C32 3PE K . 25.77 12.85 6.50
C33 3PE K . 24.64 12.45 5.54
C34 3PE K . 23.83 11.30 6.09
C35 3PE K . 23.24 10.55 4.91
C36 3PE K . 22.38 9.37 5.34
C37 3PE K . 22.25 8.39 4.17
C38 3PE K . 21.16 7.37 4.43
C39 3PE K . 20.85 6.59 3.15
C3A 3PE K . 19.80 5.53 3.43
C3B 3PE K . 18.49 6.19 3.90
O21 3PE K . 25.90 16.11 3.86
O22 3PE K . 26.19 15.05 1.90
C21 3PE K . 25.46 15.62 2.61
C22 3PE K . 24.01 15.85 2.19
C23 3PE K . 23.43 14.57 1.59
C24 3PE K . 22.60 14.89 0.36
C25 3PE K . 21.19 15.35 0.73
C26 3PE K . 20.38 15.38 -0.57
C27 3PE K . 18.89 15.60 -0.31
C28 3PE K . 18.06 15.57 -1.60
C29 3PE K . 18.48 14.49 -2.61
C2A 3PE K . 18.30 13.09 -2.03
C2B 3PE K . 19.37 12.14 -2.57
C2C 3PE K . 19.10 10.75 -1.99
C2D 3PE K . 20.40 9.96 -1.80
C2E 3PE K . 20.78 9.21 -3.08
C2F 3PE K . 22.04 8.40 -2.82
C2G 3PE K . 22.26 7.41 -3.97
HN2 3PE K . 34.68 17.57 3.57
H111 3PE K . 31.85 17.16 4.25
H112 3PE K . 32.06 18.87 3.84
H121 3PE K . 32.59 16.80 1.73
H122 3PE K . 33.34 18.38 1.96
H11 3PE K . 26.89 18.35 4.56
H12 3PE K . 27.30 17.24 5.87
H2 3PE K . 27.65 16.57 2.93
H31 3PE K . 28.50 15.35 5.39
H32 3PE K . 28.73 14.77 3.74
H321 3PE K . 25.35 13.08 7.47
H322 3PE K . 26.47 12.03 6.58
H331 3PE K . 25.07 12.18 4.57
H332 3PE K . 23.99 13.31 5.39
H341 3PE K . 23.03 11.68 6.73
H342 3PE K . 24.46 10.63 6.66
H351 3PE K . 24.04 10.20 4.28
H352 3PE K . 22.62 11.24 4.35
H361 3PE K . 21.40 9.73 5.62
H362 3PE K . 22.84 8.86 6.17
H371 3PE K . 23.20 7.88 4.01
H372 3PE K . 22.00 8.93 3.26
H381 3PE K . 20.26 7.89 4.76
H382 3PE K . 21.48 6.69 5.21
H391 3PE K . 21.77 6.12 2.80
H392 3PE K . 20.48 7.27 2.39
H3A1 3PE K . 20.15 4.85 4.20
H3A2 3PE K . 19.60 4.96 2.53
H221 3PE K . 23.99 16.64 1.44
H222 3PE K . 23.42 16.16 3.04
H231 3PE K . 22.82 14.09 2.34
H232 3PE K . 24.25 13.91 1.32
H241 3PE K . 22.53 13.98 -0.25
H242 3PE K . 23.08 15.66 -0.23
H251 3PE K . 21.22 16.34 1.17
H252 3PE K . 20.74 14.65 1.42
H261 3PE K . 20.53 14.44 -1.08
H262 3PE K . 20.75 16.19 -1.19
H271 3PE K . 18.77 16.58 0.16
H272 3PE K . 18.53 14.84 0.38
H281 3PE K . 18.17 16.54 -2.08
H282 3PE K . 17.01 15.43 -1.34
H291 3PE K . 19.51 14.65 -2.91
H292 3PE K . 17.85 14.58 -3.49
H2A1 3PE K . 17.33 12.72 -2.29
H2A2 3PE K . 18.39 13.13 -0.95
H2B1 3PE K . 20.35 12.50 -2.25
H2B2 3PE K . 19.33 12.11 -3.66
H2C1 3PE K . 18.44 10.21 -2.65
H2C2 3PE K . 18.63 10.87 -1.03
H2D1 3PE K . 20.25 9.22 -1.02
H2D2 3PE K . 21.20 10.61 -1.52
H2E1 3PE K . 20.95 9.92 -3.88
H2E2 3PE K . 19.97 8.53 -3.36
H2F1 3PE K . 21.93 7.85 -1.89
H2F2 3PE K . 22.90 9.06 -2.75
P 3PE L . 11.28 -6.51 -15.26
N 3PE L . 6.87 -6.56 -12.88
O11 3PE L . 12.63 -5.63 -14.96
O12 3PE L . 11.06 -6.63 -16.75
O13 3PE L . 9.98 -5.78 -14.56
O14 3PE L . 11.44 -7.90 -14.66
C11 3PE L . 8.82 -6.53 -14.34
C12 3PE L . 7.79 -5.68 -13.58
C1 3PE L . 13.88 -6.28 -14.98
C2 3PE L . 14.88 -5.48 -14.14
C3 3PE L . 16.31 -5.80 -14.57
O31 3PE L . 17.05 -6.12 -13.41
O32 3PE L . 18.78 -6.82 -14.65
C31 3PE L . 18.41 -6.33 -13.64
C32 3PE L . 19.43 -5.92 -12.58
C33 3PE L . 19.18 -4.45 -12.22
C34 3PE L . 20.20 -3.92 -11.23
C35 3PE L . 19.97 -2.42 -11.11
C36 3PE L . 20.99 -1.73 -10.20
C37 3PE L . 20.88 -2.17 -8.74
C38 3PE L . 22.01 -1.53 -7.95
C39 3PE L . 21.96 -2.00 -6.50
O21 3PE L . 14.62 -4.09 -14.22
O22 3PE L . 14.53 -4.03 -16.49
C21 3PE L . 14.69 -3.44 -15.47
C22 3PE L . 14.95 -1.95 -15.49
C23 3PE L . 16.46 -1.73 -15.66
C24 3PE L . 16.99 -0.80 -14.57
C25 3PE L . 16.37 0.59 -14.68
C26 3PE L . 17.34 1.62 -14.08
C27 3PE L . 17.78 1.19 -12.68
C28 3PE L . 18.38 2.39 -11.94
C29 3PE L . 18.43 2.10 -10.44
C2A 3PE L . 19.76 2.53 -9.81
C2B 3PE L . 19.57 3.85 -9.06
C2C 3PE L . 20.81 4.17 -8.23
C2D 3PE L . 20.44 5.15 -7.12
HN2 3PE L . 7.38 -7.24 -12.35
H111 3PE L . 9.07 -7.41 -13.75
H112 3PE L . 8.41 -6.84 -15.29
H121 3PE L . 8.31 -5.07 -12.85
H122 3PE L . 7.26 -5.06 -14.28
H11 3PE L . 14.22 -6.36 -16.01
H12 3PE L . 13.78 -7.26 -14.56
H2 3PE L . 14.76 -5.78 -13.11
H31 3PE L . 16.76 -4.96 -15.06
H32 3PE L . 16.31 -6.66 -15.23
H321 3PE L . 20.43 -6.03 -12.96
H322 3PE L . 19.30 -6.53 -11.69
H331 3PE L . 18.18 -4.36 -11.80
H332 3PE L . 19.22 -3.85 -13.12
H341 3PE L . 21.20 -4.12 -11.60
H342 3PE L . 20.07 -4.41 -10.26
H351 3PE L . 18.97 -2.24 -10.73
H352 3PE L . 20.06 -1.99 -12.10
H361 3PE L . 20.82 -0.65 -10.25
H362 3PE L . 22.00 -1.93 -10.55
H371 3PE L . 20.94 -3.25 -8.67
H372 3PE L . 19.93 -1.85 -8.34
H381 3PE L . 21.92 -0.45 -7.99
H382 3PE L . 22.97 -1.82 -8.38
H221 3PE L . 14.63 -1.51 -14.55
H222 3PE L . 14.41 -1.48 -16.31
H231 3PE L . 16.65 -1.29 -16.64
H232 3PE L . 16.96 -2.68 -15.60
H241 3PE L . 18.06 -0.72 -14.66
H242 3PE L . 16.74 -1.22 -13.60
H251 3PE L . 15.43 0.63 -14.15
H252 3PE L . 16.21 0.82 -15.73
H261 3PE L . 16.86 2.59 -14.04
H262 3PE L . 18.22 1.69 -14.72
H271 3PE L . 18.53 0.42 -12.75
H272 3PE L . 16.93 0.82 -12.13
H281 3PE L . 17.76 3.26 -12.10
H282 3PE L . 19.38 2.59 -12.32
H291 3PE L . 18.29 1.04 -10.28
H292 3PE L . 17.63 2.64 -9.97
H2A1 3PE L . 20.54 2.64 -10.57
H2A2 3PE L . 20.07 1.77 -9.10
H2B1 3PE L . 18.72 3.76 -8.38
H2B2 3PE L . 19.38 4.64 -9.77
H2C1 3PE L . 21.57 4.62 -8.87
H2C2 3PE L . 21.20 3.27 -7.79
MG MG M . -12.93 21.31 -6.29
C1' UD1 N . -8.64 20.79 -8.55
C2' UD1 N . -8.93 21.52 -9.89
C3' UD1 N . -9.15 20.57 -11.03
C4' UD1 N . -8.03 19.64 -11.20
C5' UD1 N . -7.73 18.87 -9.95
C6' UD1 N . -6.50 18.02 -10.16
C7' UD1 N . -10.05 23.77 -9.27
C8' UD1 N . -8.67 24.39 -8.99
N2' UD1 N . -10.16 22.35 -9.72
O1' UD1 N . -9.70 20.19 -8.15
O3' UD1 N . -9.30 21.36 -12.27
O4' UD1 N . -8.37 18.68 -12.26
O5' UD1 N . -7.50 19.76 -8.79
O6' UD1 N . -6.60 17.42 -11.41
O7' UD1 N . -11.02 24.42 -9.14
N1 UD1 N . -14.22 14.44 -9.62
C2 UD1 N . -14.81 13.43 -10.22
N3 UD1 N . -14.72 12.23 -9.68
C4 UD1 N . -14.06 12.01 -8.55
C5 UD1 N . -13.43 13.05 -7.91
C6 UD1 N . -13.54 14.31 -8.49
O2 UD1 N . -15.42 13.60 -11.25
O4 UD1 N . -14.00 10.73 -8.03
C1B UD1 N . -14.31 15.80 -10.24
C2B UD1 N . -14.55 16.95 -9.09
O2' UD1 N . -16.01 17.12 -8.80
C3B UD1 N . -14.04 18.18 -9.80
C4B UD1 N . -12.82 17.62 -10.62
O4B UD1 N . -13.10 16.13 -10.86
O3B UD1 N . -15.12 18.68 -10.75
C5B UD1 N . -11.61 17.78 -9.91
O5B UD1 N . -11.83 17.43 -8.56
PA UD1 N . -10.49 17.16 -7.56
O1A UD1 N . -9.21 17.27 -8.35
O2A UD1 N . -10.59 15.76 -6.92
O3A UD1 N . -10.50 18.34 -6.33
PB UD1 N . -9.86 19.87 -6.53
O1B UD1 N . -10.78 20.89 -5.90
O2B UD1 N . -8.49 19.94 -5.87
#